data_1QXS
#
_entry.id   1QXS
#
_cell.length_a   81.756
_cell.length_b   85.195
_cell.length_c   106.421
_cell.angle_alpha   90.00
_cell.angle_beta   96.74
_cell.angle_gamma   90.00
#
_symmetry.space_group_name_H-M   'P 1 21 1'
#
loop_
_entity.id
_entity.type
_entity.pdbx_description
1 polymer 'Glyceraldehyde 3-phosphate dehydrogenase, glycosomal'
2 non-polymer NICOTINAMIDE-ADENINE-DINUCLEOTIDE
3 non-polymer '3-HYDROXY-2-OXO-4-PHOPHONOXY- BUTYL)-PHOSPHONIC ACID'
4 water water
#
_entity_poly.entity_id   1
_entity_poly.type   'polypeptide(L)'
_entity_poly.pdbx_seq_one_letter_code
;MPIKVGINGFGRIGRMVFQALCEDGLLGTEIDVVAVVDMNTDAEYFAYQMRYDTVHGKFKYEVTTTKSSPSVAKDDTLVV
NGHRILCVKAQRNPADLPWGKLGVEYVIESTGLFTAKAAAEGHLRGGARKVVISAPASGGAKTLVMGVNHHEYNPSEHHV
VSNASCTTNCLAPIVHVLVKEGFGVQTGLMTTIHSYTATQKTVDGVSVKDWRGGRAAAVNIIPSTTGAAKAVGMVIPSTQ
GKLTGMSFRVPTPDVSVVDLTFTAARDTSIQEIDAALKRASKTYMKGILGYTDEELVSADFINDNRSSIYDSKATLQNNL
PKERRFFKIVSWYDNEWGYSHRVVDLVRHMASKDRSARL
;
_entity_poly.pdbx_strand_id   C,D,A,B
#
# COMPACT_ATOMS: atom_id res chain seq x y z
N MET A 1 20.91 17.56 38.10
CA MET A 1 21.30 16.12 38.21
C MET A 1 20.95 15.35 36.94
N PRO A 2 21.62 15.65 35.82
CA PRO A 2 21.36 14.96 34.55
C PRO A 2 21.58 13.46 34.64
N ILE A 3 20.50 12.68 34.48
CA ILE A 3 20.59 11.23 34.54
C ILE A 3 21.51 10.78 33.40
N LYS A 4 22.26 9.70 33.61
CA LYS A 4 23.17 9.20 32.60
C LYS A 4 22.59 8.02 31.82
N VAL A 5 22.38 8.20 30.52
CA VAL A 5 21.81 7.16 29.67
C VAL A 5 22.65 6.78 28.45
N GLY A 6 22.58 5.52 28.07
CA GLY A 6 23.32 5.01 26.93
C GLY A 6 22.45 4.12 26.06
N ILE A 7 21.98 4.65 24.93
CA ILE A 7 21.12 3.90 24.03
C ILE A 7 21.94 2.96 23.15
N ASN A 8 21.68 1.65 23.26
CA ASN A 8 22.39 0.69 22.43
C ASN A 8 21.45 0.08 21.38
N GLY A 9 21.68 0.46 20.13
CA GLY A 9 20.85 -0.02 19.03
C GLY A 9 20.03 1.14 18.51
N PHE A 10 20.71 2.20 18.11
CA PHE A 10 20.05 3.41 17.61
C PHE A 10 19.31 3.17 16.31
N GLY A 11 18.15 2.54 16.41
CA GLY A 11 17.34 2.26 15.24
C GLY A 11 15.94 2.82 15.41
N ARG A 12 14.95 2.13 14.85
CA ARG A 12 13.56 2.57 14.91
C ARG A 12 13.11 3.01 16.31
N ILE A 13 13.24 2.13 17.31
CA ILE A 13 12.83 2.46 18.67
C ILE A 13 13.89 3.25 19.43
N GLY A 14 15.16 3.02 19.10
CA GLY A 14 16.22 3.77 19.75
C GLY A 14 16.07 5.26 19.46
N ARG A 15 15.87 5.58 18.19
CA ARG A 15 15.70 6.98 17.79
C ARG A 15 14.43 7.54 18.38
N MET A 16 13.37 6.74 18.39
CA MET A 16 12.10 7.20 18.94
C MET A 16 12.22 7.50 20.43
N VAL A 17 12.99 6.69 21.14
CA VAL A 17 13.21 6.93 22.57
C VAL A 17 13.93 8.26 22.75
N PHE A 18 14.81 8.58 21.82
CA PHE A 18 15.55 9.84 21.90
C PHE A 18 14.63 11.01 21.62
N GLN A 19 13.82 10.89 20.57
CA GLN A 19 12.92 11.97 20.24
C GLN A 19 11.82 12.02 21.29
N ALA A 20 11.82 11.02 22.16
CA ALA A 20 10.87 10.96 23.24
C ALA A 20 11.36 11.93 24.34
N LEU A 21 12.65 11.84 24.66
CA LEU A 21 13.28 12.70 25.66
C LEU A 21 13.12 14.17 25.29
N CYS A 22 13.64 14.52 24.12
CA CYS A 22 13.59 15.88 23.60
C CYS A 22 12.19 16.48 23.69
N GLU A 23 11.20 15.73 23.19
CA GLU A 23 9.81 16.18 23.20
C GLU A 23 9.41 16.65 24.60
N ASP A 24 9.88 15.95 25.62
CA ASP A 24 9.56 16.27 27.01
C ASP A 24 10.56 17.24 27.65
N GLY A 25 11.45 17.82 26.85
CA GLY A 25 12.44 18.73 27.37
C GLY A 25 13.32 18.12 28.46
N LEU A 26 13.62 16.84 28.33
CA LEU A 26 14.44 16.16 29.32
C LEU A 26 15.92 16.09 28.92
N LEU A 27 16.23 16.45 27.68
CA LEU A 27 17.60 16.40 27.18
C LEU A 27 18.52 17.44 27.84
N GLY A 28 19.60 16.94 28.45
CA GLY A 28 20.54 17.83 29.12
C GLY A 28 20.11 18.10 30.55
N THR A 29 18.82 18.38 30.72
CA THR A 29 18.23 18.67 32.02
C THR A 29 18.12 17.40 32.87
N GLU A 30 16.92 16.82 32.85
CA GLU A 30 16.62 15.60 33.59
C GLU A 30 17.52 14.45 33.12
N ILE A 31 17.60 14.27 31.81
CA ILE A 31 18.42 13.20 31.24
C ILE A 31 19.57 13.72 30.40
N ASP A 32 20.65 12.96 30.34
CA ASP A 32 21.81 13.36 29.57
C ASP A 32 22.33 12.16 28.76
N VAL A 33 22.13 12.25 27.45
CA VAL A 33 22.55 11.19 26.53
C VAL A 33 24.05 11.34 26.24
N VAL A 34 24.85 10.50 26.88
CA VAL A 34 26.29 10.52 26.73
C VAL A 34 26.74 10.04 25.36
N ALA A 35 26.14 8.94 24.90
CA ALA A 35 26.47 8.37 23.60
C ALA A 35 25.50 7.28 23.18
N VAL A 36 25.14 7.27 21.90
CA VAL A 36 24.24 6.26 21.36
C VAL A 36 25.08 5.19 20.67
N VAL A 37 24.47 4.39 19.80
CA VAL A 37 25.21 3.36 19.07
C VAL A 37 24.38 2.50 18.12
N ASP A 38 24.97 2.19 16.97
CA ASP A 38 24.32 1.37 15.95
C ASP A 38 25.44 0.68 15.17
N MET A 39 25.18 0.33 13.91
CA MET A 39 26.19 -0.34 13.10
C MET A 39 27.40 0.55 12.84
N ASN A 40 27.15 1.70 12.23
CA ASN A 40 28.21 2.65 11.90
C ASN A 40 28.32 3.79 12.90
N THR A 41 29.25 4.71 12.65
CA THR A 41 29.45 5.87 13.52
C THR A 41 29.40 7.16 12.72
N ASP A 42 28.72 7.12 11.58
CA ASP A 42 28.56 8.27 10.70
C ASP A 42 27.47 9.19 11.27
N ALA A 43 27.89 10.28 11.88
CA ALA A 43 26.96 11.23 12.48
C ALA A 43 26.08 11.92 11.44
N GLU A 44 26.61 12.06 10.23
CA GLU A 44 25.87 12.69 9.15
C GLU A 44 24.67 11.82 8.78
N TYR A 45 24.88 10.51 8.82
CA TYR A 45 23.82 9.55 8.50
C TYR A 45 22.86 9.41 9.68
N PHE A 46 23.39 9.47 10.90
CA PHE A 46 22.56 9.40 12.11
C PHE A 46 21.69 10.65 12.10
N ALA A 47 22.35 11.80 12.01
CA ALA A 47 21.65 13.07 12.00
C ALA A 47 20.55 13.07 10.94
N TYR A 48 20.83 12.45 9.81
CA TYR A 48 19.86 12.37 8.73
C TYR A 48 18.63 11.56 9.12
N GLN A 49 18.88 10.35 9.63
CA GLN A 49 17.79 9.47 10.05
C GLN A 49 16.89 10.16 11.07
N MET A 50 17.50 11.00 11.91
CA MET A 50 16.78 11.73 12.96
C MET A 50 15.95 12.89 12.44
N ARG A 51 16.53 13.62 11.51
CA ARG A 51 15.92 14.79 10.93
C ARG A 51 14.62 14.49 10.21
N TYR A 52 14.59 13.41 9.45
CA TYR A 52 13.41 13.04 8.68
C TYR A 52 12.88 11.66 9.03
N ASP A 53 11.57 11.54 9.18
CA ASP A 53 10.91 10.27 9.51
C ASP A 53 9.67 10.14 8.61
N THR A 54 9.50 8.97 8.01
CA THR A 54 8.38 8.71 7.12
C THR A 54 7.01 8.80 7.80
N VAL A 55 6.91 8.28 9.02
CA VAL A 55 5.64 8.29 9.72
C VAL A 55 5.47 9.44 10.72
N HIS A 56 6.54 9.72 11.48
CA HIS A 56 6.46 10.76 12.51
C HIS A 56 6.84 12.18 12.15
N GLY A 57 7.01 12.48 10.87
CA GLY A 57 7.34 13.83 10.47
C GLY A 57 8.79 14.25 10.67
N LYS A 58 9.03 15.55 10.57
CA LYS A 58 10.39 16.10 10.72
C LYS A 58 10.74 16.39 12.17
N PHE A 59 11.97 16.04 12.54
CA PHE A 59 12.47 16.27 13.88
C PHE A 59 12.40 17.76 14.17
N LYS A 60 11.87 18.12 15.33
CA LYS A 60 11.71 19.53 15.69
C LYS A 60 12.90 20.21 16.34
N TYR A 61 14.02 19.52 16.41
CA TYR A 61 15.22 20.09 17.02
C TYR A 61 16.42 19.93 16.10
N GLU A 62 16.94 21.06 15.63
CA GLU A 62 18.09 21.05 14.73
C GLU A 62 19.16 20.09 15.19
N VAL A 63 19.72 19.34 14.25
CA VAL A 63 20.76 18.37 14.57
C VAL A 63 21.96 18.61 13.68
N THR A 64 23.14 18.67 14.30
CA THR A 64 24.37 18.88 13.55
C THR A 64 25.40 17.88 14.07
N THR A 65 26.57 17.84 13.44
CA THR A 65 27.61 16.91 13.89
C THR A 65 29.01 17.52 13.86
N THR A 66 29.85 17.06 14.78
CA THR A 66 31.24 17.53 14.89
C THR A 66 32.13 16.33 15.23
N LYS A 67 33.31 16.61 15.77
CA LYS A 67 34.25 15.56 16.14
C LYS A 67 34.59 15.55 17.63
N SER A 68 35.41 14.59 18.03
CA SER A 68 35.86 14.47 19.41
C SER A 68 37.38 14.57 19.42
N SER A 69 37.94 14.50 18.22
CA SER A 69 39.38 14.59 17.98
C SER A 69 39.58 14.57 16.48
N PRO A 70 40.23 15.60 15.93
CA PRO A 70 40.48 15.72 14.48
C PRO A 70 41.02 14.43 13.84
N SER A 71 41.59 13.56 14.68
CA SER A 71 42.15 12.29 14.22
C SER A 71 41.06 11.34 13.72
N VAL A 72 39.82 11.81 13.76
CA VAL A 72 38.68 11.01 13.31
C VAL A 72 38.44 11.25 11.82
N ALA A 73 38.05 10.19 11.11
CA ALA A 73 37.80 10.27 9.68
C ALA A 73 36.57 11.08 9.31
N LYS A 74 35.43 10.77 9.92
CA LYS A 74 34.18 11.48 9.65
C LYS A 74 33.59 11.89 10.99
N ASP A 75 32.77 12.93 11.00
CA ASP A 75 32.13 13.38 12.23
C ASP A 75 31.62 12.16 13.00
N ASP A 76 31.83 12.13 14.32
CA ASP A 76 31.38 11.00 15.12
C ASP A 76 30.64 11.48 16.35
N THR A 77 30.33 12.77 16.37
CA THR A 77 29.60 13.36 17.48
C THR A 77 28.27 13.90 16.98
N LEU A 78 27.23 13.68 17.77
CA LEU A 78 25.88 14.12 17.41
C LEU A 78 25.39 15.23 18.34
N VAL A 79 25.49 16.48 17.87
CA VAL A 79 25.06 17.62 18.67
C VAL A 79 23.59 17.93 18.44
N VAL A 80 22.74 17.57 19.41
CA VAL A 80 21.30 17.80 19.31
C VAL A 80 20.84 18.90 20.26
N ASN A 81 20.73 20.13 19.77
CA ASN A 81 20.30 21.26 20.59
C ASN A 81 21.35 21.69 21.61
N GLY A 82 22.61 21.75 21.20
CA GLY A 82 23.67 22.13 22.10
C GLY A 82 24.25 20.92 22.81
N HIS A 83 23.38 20.00 23.23
CA HIS A 83 23.84 18.80 23.91
C HIS A 83 24.49 17.91 22.88
N ARG A 84 25.63 17.32 23.24
CA ARG A 84 26.37 16.46 22.31
C ARG A 84 26.40 14.97 22.67
N ILE A 85 26.15 14.14 21.67
CA ILE A 85 26.14 12.70 21.85
C ILE A 85 27.28 12.07 21.06
N LEU A 86 27.82 10.97 21.56
CA LEU A 86 28.93 10.28 20.93
C LEU A 86 28.43 9.01 20.24
N CYS A 87 28.98 8.68 19.08
CA CYS A 87 28.58 7.48 18.35
C CYS A 87 29.61 6.37 18.50
N VAL A 88 29.46 5.55 19.53
CA VAL A 88 30.40 4.46 19.76
C VAL A 88 30.27 3.34 18.72
N LYS A 89 31.29 2.50 18.64
CA LYS A 89 31.35 1.39 17.70
C LYS A 89 30.54 0.18 18.18
N ALA A 90 29.75 -0.39 17.28
CA ALA A 90 28.90 -1.55 17.57
C ALA A 90 29.70 -2.80 17.94
N GLN A 91 29.14 -3.59 18.86
CA GLN A 91 29.78 -4.82 19.32
C GLN A 91 28.83 -6.00 19.24
N ARG A 92 29.37 -7.18 18.98
CA ARG A 92 28.57 -8.40 18.91
C ARG A 92 28.25 -8.85 20.34
N ASN A 93 28.95 -8.27 21.31
CA ASN A 93 28.74 -8.59 22.71
C ASN A 93 28.55 -7.31 23.51
N PRO A 94 27.36 -7.14 24.11
CA PRO A 94 27.04 -5.95 24.92
C PRO A 94 28.14 -5.62 25.93
N ALA A 95 28.86 -6.66 26.35
CA ALA A 95 29.94 -6.50 27.32
C ALA A 95 31.16 -5.77 26.76
N ASP A 96 31.22 -5.62 25.44
CA ASP A 96 32.36 -4.96 24.81
C ASP A 96 32.24 -3.44 24.67
N LEU A 97 31.12 -2.87 25.12
CA LEU A 97 30.92 -1.44 25.03
C LEU A 97 31.59 -0.73 26.20
N PRO A 98 32.32 0.36 25.94
CA PRO A 98 33.01 1.14 26.96
C PRO A 98 32.08 1.93 27.88
N TRP A 99 31.01 1.29 28.32
CA TRP A 99 30.04 1.94 29.20
C TRP A 99 30.75 2.49 30.44
N GLY A 100 31.62 1.68 31.03
CA GLY A 100 32.35 2.11 32.22
C GLY A 100 33.09 3.42 32.04
N LYS A 101 33.99 3.44 31.07
CA LYS A 101 34.77 4.63 30.78
C LYS A 101 33.86 5.78 30.33
N LEU A 102 32.91 5.47 29.44
CA LEU A 102 31.97 6.47 28.95
C LEU A 102 31.19 7.14 30.07
N GLY A 103 31.18 6.49 31.23
CA GLY A 103 30.46 7.01 32.37
C GLY A 103 28.97 6.94 32.19
N VAL A 104 28.52 5.83 31.60
CA VAL A 104 27.10 5.61 31.33
C VAL A 104 26.52 4.53 32.23
N GLU A 105 25.69 4.92 33.20
CA GLU A 105 25.08 3.97 34.12
C GLU A 105 23.84 3.28 33.56
N TYR A 106 22.87 4.06 33.09
CA TYR A 106 21.66 3.48 32.51
C TYR A 106 21.89 3.25 31.03
N VAL A 107 21.42 2.10 30.54
CA VAL A 107 21.60 1.79 29.13
C VAL A 107 20.33 1.18 28.52
N ILE A 108 19.68 1.99 27.68
CA ILE A 108 18.47 1.59 27.00
C ILE A 108 18.87 0.62 25.88
N GLU A 109 18.71 -0.67 26.15
CA GLU A 109 19.07 -1.71 25.18
C GLU A 109 17.97 -1.95 24.14
N SER A 110 18.10 -1.32 22.97
CA SER A 110 17.08 -1.47 21.92
C SER A 110 17.57 -2.08 20.59
N THR A 111 18.61 -2.90 20.65
CA THR A 111 19.13 -3.53 19.44
C THR A 111 18.17 -4.64 19.03
N GLY A 112 17.62 -5.32 20.04
CA GLY A 112 16.66 -6.39 19.81
C GLY A 112 17.30 -7.76 19.70
N LEU A 113 18.59 -7.82 20.00
CA LEU A 113 19.32 -9.07 19.91
C LEU A 113 19.77 -9.56 21.29
N PHE A 114 19.47 -8.80 22.33
CA PHE A 114 19.88 -9.17 23.68
C PHE A 114 18.73 -9.13 24.69
N THR A 115 17.55 -9.56 24.23
CA THR A 115 16.36 -9.62 25.06
C THR A 115 16.52 -10.71 26.12
N ALA A 116 17.70 -11.31 26.15
CA ALA A 116 18.00 -12.37 27.11
C ALA A 116 18.65 -11.74 28.35
N LYS A 117 18.21 -12.18 29.52
CA LYS A 117 18.74 -11.67 30.78
C LYS A 117 20.26 -11.56 30.74
N ALA A 118 20.91 -12.71 30.69
CA ALA A 118 22.38 -12.77 30.66
C ALA A 118 22.96 -11.89 29.56
N ALA A 119 22.49 -12.10 28.33
CA ALA A 119 22.95 -11.34 27.17
C ALA A 119 22.99 -9.84 27.47
N ALA A 120 21.84 -9.28 27.86
CA ALA A 120 21.78 -7.86 28.16
C ALA A 120 22.69 -7.51 29.33
N GLU A 121 22.91 -8.46 30.23
CA GLU A 121 23.77 -8.21 31.38
C GLU A 121 25.19 -7.89 30.97
N GLY A 122 25.48 -8.08 29.69
CA GLY A 122 26.80 -7.77 29.18
C GLY A 122 27.04 -6.29 29.37
N HIS A 123 25.94 -5.53 29.37
CA HIS A 123 26.00 -4.08 29.55
C HIS A 123 26.50 -3.69 30.93
N LEU A 124 26.21 -4.53 31.92
CA LEU A 124 26.63 -4.27 33.29
C LEU A 124 28.12 -4.52 33.49
N ARG A 125 28.66 -5.51 32.78
CA ARG A 125 30.08 -5.83 32.87
C ARG A 125 30.90 -4.75 32.16
N GLY A 126 30.33 -4.18 31.11
CA GLY A 126 31.00 -3.13 30.36
C GLY A 126 31.17 -1.88 31.20
N GLY A 127 30.54 -1.87 32.38
CA GLY A 127 30.64 -0.73 33.27
C GLY A 127 29.35 0.00 33.58
N ALA A 128 28.23 -0.52 33.08
CA ALA A 128 26.95 0.13 33.34
C ALA A 128 26.27 -0.41 34.60
N ARG A 129 25.38 0.39 35.18
CA ARG A 129 24.66 0.01 36.38
C ARG A 129 23.34 -0.70 36.10
N LYS A 130 22.40 0.02 35.46
CA LYS A 130 21.08 -0.53 35.15
C LYS A 130 20.85 -0.65 33.64
N VAL A 131 20.19 -1.74 33.24
CA VAL A 131 19.91 -1.97 31.83
C VAL A 131 18.44 -2.24 31.57
N VAL A 132 17.81 -1.37 30.79
CA VAL A 132 16.39 -1.52 30.43
C VAL A 132 16.26 -2.15 29.05
N ILE A 133 15.49 -3.23 28.95
CA ILE A 133 15.28 -3.89 27.67
C ILE A 133 14.03 -3.35 27.00
N SER A 134 14.23 -2.49 26.01
CA SER A 134 13.12 -1.89 25.27
C SER A 134 12.37 -2.97 24.50
N ALA A 135 12.13 -4.10 25.14
CA ALA A 135 11.43 -5.22 24.52
C ALA A 135 11.22 -6.33 25.53
N PRO A 136 10.40 -7.34 25.17
CA PRO A 136 10.17 -8.43 26.10
C PRO A 136 11.49 -9.15 26.39
N ALA A 137 11.79 -9.35 27.67
CA ALA A 137 13.01 -10.01 28.07
C ALA A 137 12.80 -11.51 28.28
N SER A 138 13.79 -12.17 28.88
CA SER A 138 13.72 -13.60 29.15
C SER A 138 14.97 -14.02 29.93
N GLY A 139 14.78 -14.79 30.98
CA GLY A 139 15.90 -15.23 31.79
C GLY A 139 15.77 -14.70 33.20
N GLY A 140 14.54 -14.40 33.60
CA GLY A 140 14.29 -13.89 34.94
C GLY A 140 14.44 -12.39 35.06
N ALA A 141 14.10 -11.67 34.00
CA ALA A 141 14.19 -10.22 34.00
C ALA A 141 12.84 -9.63 34.40
N LYS A 142 12.85 -8.78 35.43
CA LYS A 142 11.63 -8.14 35.92
C LYS A 142 10.99 -7.28 34.85
N THR A 143 9.76 -7.61 34.49
CA THR A 143 9.01 -6.87 33.48
C THR A 143 8.09 -5.84 34.12
N LEU A 144 8.30 -4.57 33.78
CA LEU A 144 7.49 -3.50 34.33
C LEU A 144 6.63 -2.84 33.27
N VAL A 145 5.55 -2.21 33.71
CA VAL A 145 4.61 -1.54 32.83
C VAL A 145 4.08 -0.27 33.51
N MET A 146 4.59 0.87 33.08
CA MET A 146 4.17 2.16 33.64
C MET A 146 2.66 2.25 33.80
N GLY A 147 2.21 2.46 35.03
CA GLY A 147 0.79 2.59 35.32
C GLY A 147 0.04 1.29 35.61
N VAL A 148 0.78 0.18 35.68
CA VAL A 148 0.16 -1.11 35.95
C VAL A 148 0.88 -1.88 37.04
N ASN A 149 2.21 -1.79 37.07
CA ASN A 149 2.99 -2.50 38.09
C ASN A 149 4.40 -1.94 38.20
N HIS A 150 4.67 -0.85 37.49
CA HIS A 150 5.99 -0.24 37.48
C HIS A 150 6.57 0.11 38.84
N HIS A 151 5.72 0.20 39.86
CA HIS A 151 6.22 0.52 41.18
C HIS A 151 6.82 -0.70 41.86
N GLU A 152 6.61 -1.86 41.26
CA GLU A 152 7.15 -3.10 41.80
C GLU A 152 8.67 -3.11 41.61
N TYR A 153 9.20 -2.03 41.05
CA TYR A 153 10.63 -1.94 40.79
C TYR A 153 11.47 -1.81 42.06
N ASN A 154 12.30 -2.82 42.31
CA ASN A 154 13.17 -2.83 43.48
C ASN A 154 14.55 -2.32 43.09
N PRO A 155 14.86 -1.06 43.43
CA PRO A 155 16.15 -0.45 43.12
C PRO A 155 17.34 -1.35 43.41
N SER A 156 17.24 -2.11 44.50
CA SER A 156 18.30 -3.01 44.92
C SER A 156 17.88 -4.46 44.78
N GLU A 157 17.62 -4.86 43.53
CA GLU A 157 17.18 -6.22 43.24
C GLU A 157 17.09 -6.32 41.71
N HIS A 158 16.51 -5.30 41.10
CA HIS A 158 16.34 -5.26 39.65
C HIS A 158 17.31 -4.30 38.99
N HIS A 159 18.39 -4.85 38.44
CA HIS A 159 19.38 -4.05 37.78
C HIS A 159 19.21 -4.15 36.26
N VAL A 160 18.37 -5.09 35.84
CA VAL A 160 18.06 -5.32 34.43
C VAL A 160 16.55 -5.60 34.32
N VAL A 161 15.82 -4.72 33.64
CA VAL A 161 14.39 -4.88 33.50
C VAL A 161 13.98 -4.98 32.03
N SER A 162 12.68 -5.17 31.81
CA SER A 162 12.08 -5.27 30.48
C SER A 162 10.88 -4.33 30.48
N ASN A 163 10.80 -3.42 29.52
CA ASN A 163 9.67 -2.52 29.48
C ASN A 163 8.52 -3.18 28.74
N ALA A 164 8.65 -4.49 28.56
CA ALA A 164 7.64 -5.30 27.90
C ALA A 164 7.51 -5.01 26.41
N SER A 165 6.41 -5.47 25.82
CA SER A 165 6.15 -5.29 24.41
C SER A 165 5.20 -4.11 24.20
N CYS A 166 5.26 -3.52 23.02
CA CYS A 166 4.39 -2.40 22.69
C CYS A 166 2.93 -2.84 22.84
N THR A 167 2.68 -4.13 22.60
CA THR A 167 1.32 -4.67 22.70
C THR A 167 0.86 -4.89 24.13
N THR A 168 1.78 -5.36 24.97
CA THR A 168 1.46 -5.61 26.37
C THR A 168 1.15 -4.27 27.04
N ASN A 169 1.87 -3.23 26.62
CA ASN A 169 1.70 -1.88 27.12
C ASN A 169 0.36 -1.28 26.68
N CYS A 170 -0.34 -1.94 25.77
CA CYS A 170 -1.63 -1.43 25.33
C CYS A 170 -2.73 -2.25 25.99
N LEU A 171 -2.48 -3.56 26.11
CA LEU A 171 -3.44 -4.46 26.71
C LEU A 171 -3.53 -4.28 28.21
N ALA A 172 -2.40 -4.43 28.90
CA ALA A 172 -2.33 -4.30 30.36
C ALA A 172 -3.11 -3.11 30.90
N PRO A 173 -2.82 -1.88 30.44
CA PRO A 173 -3.56 -0.73 30.96
C PRO A 173 -5.08 -0.96 30.95
N ILE A 174 -5.55 -1.68 29.95
CA ILE A 174 -6.98 -1.98 29.79
C ILE A 174 -7.43 -3.05 30.79
N VAL A 175 -6.67 -4.14 30.86
CA VAL A 175 -6.99 -5.23 31.76
C VAL A 175 -6.87 -4.76 33.21
N HIS A 176 -5.88 -3.89 33.45
CA HIS A 176 -5.64 -3.36 34.79
C HIS A 176 -6.85 -2.61 35.33
N VAL A 177 -7.56 -1.91 34.46
CA VAL A 177 -8.75 -1.19 34.92
C VAL A 177 -9.88 -2.16 35.22
N LEU A 178 -10.04 -3.18 34.36
CA LEU A 178 -11.08 -4.17 34.53
C LEU A 178 -10.95 -4.88 35.88
N VAL A 179 -9.76 -5.37 36.17
CA VAL A 179 -9.49 -6.06 37.43
C VAL A 179 -9.72 -5.13 38.62
N LYS A 180 -9.03 -3.99 38.65
CA LYS A 180 -9.17 -3.03 39.74
C LYS A 180 -10.56 -2.43 39.94
N GLU A 181 -11.22 -2.04 38.86
CA GLU A 181 -12.56 -1.48 38.98
C GLU A 181 -13.54 -2.57 39.38
N GLY A 182 -13.00 -3.68 39.88
CA GLY A 182 -13.81 -4.79 40.34
C GLY A 182 -14.51 -5.65 39.29
N PHE A 183 -14.39 -5.27 38.02
CA PHE A 183 -15.00 -6.03 36.93
C PHE A 183 -14.49 -7.46 36.86
N GLY A 184 -13.18 -7.62 36.99
CA GLY A 184 -12.59 -8.95 36.95
C GLY A 184 -12.56 -9.58 35.57
N VAL A 185 -11.56 -10.41 35.35
CA VAL A 185 -11.38 -11.12 34.09
C VAL A 185 -11.34 -12.60 34.37
N GLN A 186 -12.35 -13.33 33.90
CA GLN A 186 -12.38 -14.78 34.10
C GLN A 186 -11.51 -15.42 33.03
N THR A 187 -11.81 -15.09 31.77
CA THR A 187 -11.10 -15.60 30.62
C THR A 187 -11.10 -14.56 29.50
N GLY A 188 -9.99 -14.49 28.77
CA GLY A 188 -9.90 -13.54 27.69
C GLY A 188 -8.91 -13.91 26.59
N LEU A 189 -9.30 -13.61 25.36
CA LEU A 189 -8.49 -13.85 24.18
C LEU A 189 -8.36 -12.50 23.51
N MET A 190 -7.15 -12.14 23.09
CA MET A 190 -6.99 -10.84 22.44
C MET A 190 -6.30 -10.95 21.09
N THR A 191 -6.81 -10.19 20.13
CA THR A 191 -6.28 -10.14 18.77
C THR A 191 -5.80 -8.74 18.51
N THR A 192 -4.64 -8.61 17.88
CA THR A 192 -4.15 -7.28 17.57
C THR A 192 -3.88 -7.07 16.07
N ILE A 193 -4.60 -6.13 15.47
CA ILE A 193 -4.37 -5.79 14.08
C ILE A 193 -3.16 -4.88 14.24
N HIS A 194 -1.99 -5.40 13.91
CA HIS A 194 -0.75 -4.68 14.07
C HIS A 194 -0.20 -4.31 12.70
N SER A 195 0.47 -3.17 12.61
CA SER A 195 1.05 -2.74 11.35
C SER A 195 2.44 -3.37 11.23
N TYR A 196 2.93 -3.57 10.02
CA TYR A 196 4.23 -4.21 9.84
C TYR A 196 5.39 -3.49 10.49
N THR A 197 6.47 -4.22 10.69
CA THR A 197 7.65 -3.68 11.34
C THR A 197 8.95 -4.06 10.62
N ALA A 198 10.06 -3.56 11.13
CA ALA A 198 11.37 -3.81 10.53
C ALA A 198 11.76 -5.27 10.40
N THR A 199 11.10 -6.15 11.15
CA THR A 199 11.46 -7.58 11.09
C THR A 199 10.86 -8.30 9.89
N GLN A 200 9.87 -7.68 9.27
CA GLN A 200 9.22 -8.28 8.10
C GLN A 200 9.98 -7.96 6.82
N LYS A 201 9.45 -8.44 5.70
CA LYS A 201 10.07 -8.23 4.40
C LYS A 201 9.21 -7.44 3.43
N THR A 202 9.87 -6.71 2.54
CA THR A 202 9.21 -5.90 1.51
C THR A 202 8.53 -6.86 0.54
N VAL A 203 9.28 -7.86 0.11
CA VAL A 203 8.79 -8.89 -0.79
C VAL A 203 9.06 -10.25 -0.18
N ASP A 204 8.34 -11.26 -0.65
CA ASP A 204 8.54 -12.62 -0.13
C ASP A 204 10.03 -12.90 0.07
N GLY A 205 10.38 -13.35 1.27
CA GLY A 205 11.77 -13.65 1.57
C GLY A 205 11.94 -14.79 2.55
N VAL A 206 13.16 -14.97 3.03
CA VAL A 206 13.46 -16.03 3.98
C VAL A 206 13.08 -15.61 5.39
N SER A 207 12.45 -16.53 6.11
CA SER A 207 12.00 -16.30 7.48
C SER A 207 11.72 -17.69 8.07
N VAL A 208 12.76 -18.50 8.21
CA VAL A 208 12.65 -19.87 8.73
C VAL A 208 12.06 -19.93 10.13
N LYS A 209 12.19 -18.83 10.87
CA LYS A 209 11.68 -18.70 12.24
C LYS A 209 10.20 -18.35 12.25
N ASP A 210 9.67 -17.90 11.11
CA ASP A 210 8.27 -17.51 10.99
C ASP A 210 7.87 -17.42 9.52
N TRP A 211 7.55 -18.58 8.95
CA TRP A 211 7.16 -18.70 7.54
C TRP A 211 6.25 -17.61 6.96
N ARG A 212 5.19 -17.28 7.68
CA ARG A 212 4.24 -16.26 7.25
C ARG A 212 4.92 -14.89 7.33
N GLY A 213 5.73 -14.72 8.36
CA GLY A 213 6.45 -13.47 8.57
C GLY A 213 7.44 -13.16 7.45
N GLY A 214 7.67 -14.14 6.59
CA GLY A 214 8.57 -13.95 5.46
C GLY A 214 7.80 -13.83 4.16
N ARG A 215 6.74 -13.02 4.17
CA ARG A 215 5.91 -12.80 3.00
C ARG A 215 5.65 -11.32 2.83
N ALA A 216 5.59 -10.87 1.57
CA ALA A 216 5.34 -9.47 1.25
C ALA A 216 4.42 -8.82 2.30
N ALA A 217 5.04 -7.99 3.14
CA ALA A 217 4.34 -7.31 4.25
C ALA A 217 3.26 -6.26 3.92
N ALA A 218 3.56 -5.41 2.93
CA ALA A 218 2.68 -4.35 2.53
C ALA A 218 1.50 -4.75 1.64
N VAL A 219 1.33 -6.04 1.36
CA VAL A 219 0.22 -6.45 0.51
C VAL A 219 -0.52 -7.69 1.00
N ASN A 220 -0.24 -8.09 2.24
CA ASN A 220 -0.88 -9.25 2.82
C ASN A 220 -1.33 -8.99 4.24
N ILE A 221 -2.15 -9.89 4.75
CA ILE A 221 -2.61 -9.84 6.13
C ILE A 221 -1.96 -11.09 6.73
N ILE A 222 -0.84 -10.90 7.39
CA ILE A 222 -0.14 -12.03 7.97
C ILE A 222 -0.55 -12.33 9.40
N PRO A 223 -0.96 -13.59 9.67
CA PRO A 223 -1.36 -13.99 11.01
C PRO A 223 -0.07 -14.23 11.78
N SER A 224 -0.12 -14.08 13.10
CA SER A 224 1.07 -14.29 13.91
C SER A 224 0.70 -14.50 15.33
N THR A 225 1.46 -15.36 16.02
CA THR A 225 1.21 -15.59 17.42
C THR A 225 1.83 -14.41 18.15
N THR A 226 1.55 -14.29 19.44
CA THR A 226 2.11 -13.21 20.24
C THR A 226 2.03 -13.60 21.71
N GLY A 227 2.97 -13.11 22.50
CA GLY A 227 2.95 -13.42 23.91
C GLY A 227 2.54 -12.24 24.76
N ALA A 228 2.06 -11.18 24.13
CA ALA A 228 1.64 -9.99 24.84
C ALA A 228 0.43 -10.24 25.73
N ALA A 229 -0.51 -11.02 25.23
CA ALA A 229 -1.72 -11.33 25.99
C ALA A 229 -1.39 -12.26 27.14
N LYS A 230 -0.38 -13.09 26.94
CA LYS A 230 0.03 -14.03 27.97
C LYS A 230 0.95 -13.34 28.97
N ALA A 231 1.68 -12.31 28.51
CA ALA A 231 2.60 -11.56 29.36
C ALA A 231 1.91 -10.71 30.41
N VAL A 232 0.67 -10.31 30.14
CA VAL A 232 -0.05 -9.51 31.11
C VAL A 232 0.00 -10.23 32.47
N GLY A 233 -0.02 -11.57 32.44
CA GLY A 233 0.01 -12.37 33.65
C GLY A 233 1.23 -12.13 34.53
N MET A 234 2.32 -11.67 33.92
CA MET A 234 3.53 -11.35 34.66
C MET A 234 3.39 -9.97 35.28
N VAL A 235 2.46 -9.19 34.76
CA VAL A 235 2.24 -7.82 35.25
C VAL A 235 0.97 -7.70 36.09
N ILE A 236 0.04 -8.60 35.86
CA ILE A 236 -1.24 -8.63 36.58
C ILE A 236 -1.50 -10.11 36.83
N PRO A 237 -0.77 -10.72 37.78
CA PRO A 237 -0.88 -12.13 38.17
C PRO A 237 -2.30 -12.69 38.28
N SER A 238 -3.24 -11.86 38.73
CA SER A 238 -4.62 -12.31 38.85
C SER A 238 -5.10 -12.96 37.56
N THR A 239 -4.46 -12.59 36.45
CA THR A 239 -4.84 -13.10 35.12
C THR A 239 -3.96 -14.25 34.61
N GLN A 240 -2.98 -14.67 35.40
CA GLN A 240 -2.07 -15.75 35.04
C GLN A 240 -2.72 -16.94 34.33
N GLY A 241 -2.36 -17.14 33.06
CA GLY A 241 -2.92 -18.23 32.29
C GLY A 241 -4.41 -18.08 32.04
N LYS A 242 -4.89 -16.84 31.99
CA LYS A 242 -6.30 -16.59 31.76
C LYS A 242 -6.49 -15.72 30.54
N LEU A 243 -5.39 -15.40 29.89
CA LEU A 243 -5.42 -14.56 28.70
C LEU A 243 -4.33 -14.94 27.72
N THR A 244 -4.66 -14.79 26.44
CA THR A 244 -3.71 -15.06 25.38
C THR A 244 -4.31 -14.56 24.08
N GLY A 245 -3.52 -14.56 23.01
CA GLY A 245 -4.05 -14.07 21.75
C GLY A 245 -3.06 -14.04 20.61
N MET A 246 -3.53 -13.59 19.46
CA MET A 246 -2.67 -13.53 18.30
C MET A 246 -2.53 -12.12 17.73
N SER A 247 -1.88 -12.05 16.58
CA SER A 247 -1.64 -10.81 15.87
C SER A 247 -1.99 -10.98 14.40
N PHE A 248 -2.34 -9.88 13.76
CA PHE A 248 -2.65 -9.86 12.33
C PHE A 248 -1.88 -8.65 11.82
N ARG A 249 -0.77 -8.91 11.13
CA ARG A 249 0.04 -7.83 10.60
C ARG A 249 -0.53 -7.36 9.27
N VAL A 250 -1.04 -6.13 9.23
CA VAL A 250 -1.64 -5.58 8.02
C VAL A 250 -0.76 -4.53 7.35
N PRO A 251 -1.12 -4.11 6.12
CA PRO A 251 -0.35 -3.10 5.37
C PRO A 251 -0.38 -1.64 5.82
N THR A 252 0.30 -1.33 6.92
CA THR A 252 0.40 0.06 7.42
C THR A 252 1.76 0.17 8.12
N PRO A 253 2.45 1.32 7.97
CA PRO A 253 3.76 1.50 8.60
C PRO A 253 3.76 1.71 10.13
N ASP A 254 2.64 2.16 10.69
CA ASP A 254 2.59 2.35 12.12
C ASP A 254 1.17 2.53 12.65
N VAL A 255 0.98 2.21 13.92
CA VAL A 255 -0.29 2.28 14.62
C VAL A 255 -0.93 0.90 14.59
N SER A 256 -1.41 0.46 15.74
CA SER A 256 -2.04 -0.84 15.86
C SER A 256 -3.21 -0.71 16.81
N VAL A 257 -4.06 -1.72 16.87
CA VAL A 257 -5.21 -1.66 17.72
C VAL A 257 -5.53 -3.01 18.35
N VAL A 258 -5.92 -2.99 19.63
CA VAL A 258 -6.27 -4.20 20.34
C VAL A 258 -7.76 -4.49 20.24
N ASP A 259 -8.11 -5.77 20.17
CA ASP A 259 -9.49 -6.19 20.10
C ASP A 259 -9.64 -7.30 21.16
N LEU A 260 -9.83 -6.89 22.41
CA LEU A 260 -9.96 -7.83 23.52
C LEU A 260 -11.40 -8.29 23.73
N THR A 261 -11.58 -9.61 23.72
CA THR A 261 -12.88 -10.20 23.96
C THR A 261 -12.70 -10.96 25.25
N PHE A 262 -13.52 -10.65 26.25
CA PHE A 262 -13.38 -11.34 27.52
C PHE A 262 -14.69 -11.49 28.26
N THR A 263 -14.68 -12.37 29.27
CA THR A 263 -15.85 -12.60 30.12
C THR A 263 -15.50 -12.06 31.51
N ALA A 264 -16.39 -11.22 32.05
CA ALA A 264 -16.18 -10.62 33.38
C ALA A 264 -16.47 -11.57 34.54
N ALA A 265 -15.76 -11.34 35.65
CA ALA A 265 -15.91 -12.15 36.85
C ALA A 265 -17.34 -12.09 37.37
N ARG A 266 -17.97 -10.94 37.23
CA ARG A 266 -19.33 -10.70 37.70
C ARG A 266 -20.11 -10.03 36.58
N ASP A 267 -21.40 -9.81 36.80
CA ASP A 267 -22.26 -9.17 35.80
C ASP A 267 -22.08 -7.66 35.71
N THR A 268 -22.15 -7.14 34.49
CA THR A 268 -22.04 -5.71 34.19
C THR A 268 -22.64 -5.42 32.82
N SER A 269 -22.33 -4.24 32.30
CA SER A 269 -22.79 -3.80 30.99
C SER A 269 -21.60 -3.15 30.31
N ILE A 270 -21.71 -2.90 29.01
CA ILE A 270 -20.61 -2.27 28.31
C ILE A 270 -20.54 -0.80 28.72
N GLN A 271 -21.67 -0.27 29.17
CA GLN A 271 -21.72 1.13 29.60
C GLN A 271 -20.87 1.36 30.84
N GLU A 272 -21.03 0.47 31.81
CA GLU A 272 -20.29 0.59 33.05
C GLU A 272 -18.78 0.48 32.80
N ILE A 273 -18.41 -0.45 31.92
CA ILE A 273 -17.01 -0.66 31.56
C ILE A 273 -16.53 0.55 30.78
N ASP A 274 -17.36 1.05 29.87
CA ASP A 274 -16.98 2.23 29.11
C ASP A 274 -16.75 3.42 30.05
N ALA A 275 -17.63 3.57 31.03
CA ALA A 275 -17.57 4.65 32.01
C ALA A 275 -16.36 4.55 32.93
N ALA A 276 -15.94 3.33 33.24
CA ALA A 276 -14.79 3.14 34.12
C ALA A 276 -13.52 3.51 33.38
N LEU A 277 -13.44 3.12 32.11
CA LEU A 277 -12.27 3.41 31.29
C LEU A 277 -12.05 4.89 31.11
N LYS A 278 -13.13 5.63 30.86
CA LYS A 278 -13.05 7.07 30.69
C LYS A 278 -12.62 7.71 32.01
N ARG A 279 -13.10 7.13 33.11
CA ARG A 279 -12.76 7.61 34.44
C ARG A 279 -11.29 7.37 34.76
N ALA A 280 -10.84 6.14 34.57
CA ALA A 280 -9.46 5.76 34.84
C ALA A 280 -8.46 6.56 34.03
N SER A 281 -8.84 6.89 32.79
CA SER A 281 -7.97 7.65 31.89
C SER A 281 -7.77 9.07 32.39
N LYS A 282 -8.82 9.62 33.01
CA LYS A 282 -8.74 10.98 33.54
C LYS A 282 -8.21 11.04 34.97
N THR A 283 -7.94 9.88 35.57
CA THR A 283 -7.46 9.89 36.94
C THR A 283 -6.18 9.10 37.19
N TYR A 284 -6.30 7.93 37.82
CA TYR A 284 -5.13 7.11 38.13
C TYR A 284 -4.38 6.46 36.97
N MET A 285 -4.86 6.67 35.74
CA MET A 285 -4.22 6.10 34.55
C MET A 285 -3.93 7.20 33.51
N LYS A 286 -4.15 8.45 33.89
CA LYS A 286 -3.91 9.58 33.01
C LYS A 286 -2.47 9.53 32.55
N GLY A 287 -2.24 9.85 31.27
CA GLY A 287 -0.90 9.79 30.75
C GLY A 287 -0.60 8.43 30.15
N ILE A 288 -1.24 7.40 30.70
CA ILE A 288 -1.05 6.04 30.20
C ILE A 288 -2.29 5.62 29.40
N LEU A 289 -3.47 5.72 30.03
CA LEU A 289 -4.72 5.36 29.36
C LEU A 289 -5.46 6.59 28.92
N GLY A 290 -5.90 6.56 27.67
CA GLY A 290 -6.66 7.67 27.13
C GLY A 290 -7.84 7.03 26.44
N TYR A 291 -8.73 7.85 25.89
CA TYR A 291 -9.88 7.32 25.18
C TYR A 291 -10.34 8.33 24.17
N THR A 292 -11.22 7.89 23.27
CA THR A 292 -11.75 8.74 22.23
C THR A 292 -13.20 8.41 22.03
N ASP A 293 -13.97 9.40 21.59
CA ASP A 293 -15.40 9.20 21.33
C ASP A 293 -15.67 9.69 19.92
N GLU A 294 -14.58 9.88 19.18
CA GLU A 294 -14.63 10.33 17.80
C GLU A 294 -14.36 9.25 16.75
N GLU A 295 -14.91 9.46 15.55
CA GLU A 295 -14.77 8.53 14.43
C GLU A 295 -13.36 8.49 13.87
N LEU A 296 -12.41 8.08 14.71
CA LEU A 296 -10.99 8.03 14.33
C LEU A 296 -10.52 6.78 13.63
N VAL A 297 -9.47 6.95 12.82
CA VAL A 297 -8.88 5.83 12.10
C VAL A 297 -7.39 5.76 12.41
N SER A 298 -6.79 4.61 12.12
CA SER A 298 -5.38 4.36 12.34
C SER A 298 -4.50 5.62 12.34
N ALA A 299 -4.43 6.31 11.21
CA ALA A 299 -3.58 7.50 11.10
C ALA A 299 -3.83 8.59 12.13
N ASP A 300 -5.01 8.63 12.72
CA ASP A 300 -5.27 9.70 13.68
C ASP A 300 -4.56 9.53 15.01
N PHE A 301 -4.03 8.33 15.26
CA PHE A 301 -3.34 8.09 16.50
C PHE A 301 -1.82 8.16 16.31
N ILE A 302 -1.39 8.67 15.16
CA ILE A 302 0.03 8.82 14.90
C ILE A 302 0.60 9.89 15.83
N ASN A 303 1.63 9.52 16.59
CA ASN A 303 2.28 10.41 17.55
C ASN A 303 1.52 10.54 18.87
N ASP A 304 0.67 9.58 19.20
CA ASP A 304 -0.03 9.63 20.47
C ASP A 304 0.87 8.92 21.48
N ASN A 305 1.32 9.65 22.50
CA ASN A 305 2.19 9.03 23.50
C ASN A 305 1.50 8.18 24.56
N ARG A 306 0.17 8.08 24.56
CA ARG A 306 -0.45 7.22 25.57
C ARG A 306 -0.13 5.79 25.23
N SER A 307 -0.22 4.90 26.20
CA SER A 307 0.08 3.49 25.96
C SER A 307 -1.11 2.77 25.33
N SER A 308 -2.31 3.18 25.72
CA SER A 308 -3.54 2.56 25.23
C SER A 308 -4.61 3.63 25.10
N ILE A 309 -5.24 3.70 23.92
CA ILE A 309 -6.31 4.67 23.69
C ILE A 309 -7.59 3.88 23.44
N TYR A 310 -8.44 3.83 24.44
CA TYR A 310 -9.70 3.11 24.38
C TYR A 310 -10.64 3.78 23.37
N ASP A 311 -11.16 2.99 22.44
CA ASP A 311 -12.07 3.50 21.41
C ASP A 311 -13.49 3.31 21.90
N SER A 312 -14.05 4.35 22.52
CA SER A 312 -15.40 4.29 23.07
C SER A 312 -16.47 3.89 22.07
N LYS A 313 -16.61 4.66 21.01
CA LYS A 313 -17.58 4.40 19.97
C LYS A 313 -17.51 2.97 19.41
N ALA A 314 -16.33 2.58 18.94
CA ALA A 314 -16.14 1.26 18.38
C ALA A 314 -16.48 0.15 19.36
N THR A 315 -16.49 0.47 20.65
CA THR A 315 -16.78 -0.51 21.68
C THR A 315 -18.26 -0.57 22.04
N LEU A 316 -18.88 0.60 22.25
CA LEU A 316 -20.29 0.68 22.61
C LEU A 316 -21.14 0.19 21.45
N GLN A 317 -20.65 0.45 20.24
CA GLN A 317 -21.36 0.08 19.02
C GLN A 317 -21.22 -1.36 18.54
N ASN A 318 -20.28 -2.12 19.08
CA ASN A 318 -20.08 -3.47 18.58
C ASN A 318 -20.15 -4.62 19.58
N ASN A 319 -20.87 -4.41 20.67
CA ASN A 319 -21.03 -5.46 21.67
C ASN A 319 -22.47 -5.92 21.64
N LEU A 320 -22.75 -7.01 22.34
CA LEU A 320 -24.10 -7.56 22.43
C LEU A 320 -24.89 -6.67 23.39
N PRO A 321 -26.16 -6.39 23.06
CA PRO A 321 -27.03 -5.54 23.89
C PRO A 321 -27.51 -6.26 25.17
N LYS A 322 -27.52 -5.52 26.28
CA LYS A 322 -27.95 -6.07 27.55
C LYS A 322 -27.08 -7.24 28.03
N GLU A 323 -26.04 -7.58 27.26
CA GLU A 323 -25.13 -8.65 27.65
C GLU A 323 -24.50 -8.29 28.99
N ARG A 324 -24.12 -9.29 29.78
CA ARG A 324 -23.54 -9.02 31.09
C ARG A 324 -22.19 -9.65 31.40
N ARG A 325 -21.58 -10.35 30.44
CA ARG A 325 -20.29 -10.98 30.70
C ARG A 325 -19.34 -11.01 29.51
N PHE A 326 -19.87 -11.36 28.35
CA PHE A 326 -19.11 -11.46 27.10
C PHE A 326 -18.92 -10.07 26.52
N PHE A 327 -17.69 -9.58 26.48
CA PHE A 327 -17.44 -8.24 25.97
C PHE A 327 -16.23 -8.09 25.05
N LYS A 328 -16.26 -7.01 24.26
CA LYS A 328 -15.20 -6.65 23.33
C LYS A 328 -14.77 -5.23 23.62
N ILE A 329 -13.47 -5.03 23.77
CA ILE A 329 -12.88 -3.72 24.06
C ILE A 329 -11.97 -3.39 22.89
N VAL A 330 -12.15 -2.22 22.28
CA VAL A 330 -11.28 -1.81 21.17
C VAL A 330 -10.36 -0.69 21.61
N SER A 331 -9.06 -0.94 21.61
CA SER A 331 -8.10 0.08 22.03
C SER A 331 -6.91 0.25 21.07
N TRP A 332 -6.61 1.49 20.72
CA TRP A 332 -5.52 1.83 19.79
C TRP A 332 -4.17 2.08 20.43
N TYR A 333 -3.16 2.29 19.58
CA TYR A 333 -1.81 2.59 20.05
C TYR A 333 -0.76 2.78 18.96
N ASP A 334 0.01 3.84 19.08
CA ASP A 334 1.08 4.09 18.15
C ASP A 334 2.20 3.20 18.68
N ASN A 335 2.23 1.95 18.22
CA ASN A 335 3.20 0.97 18.66
C ASN A 335 4.63 1.50 18.71
N GLU A 336 4.89 2.60 18.02
CA GLU A 336 6.21 3.17 18.02
C GLU A 336 6.36 4.33 18.99
N TRP A 337 5.43 5.28 18.93
CA TRP A 337 5.47 6.47 19.78
C TRP A 337 5.24 6.20 21.26
N GLY A 338 4.00 5.84 21.60
CA GLY A 338 3.66 5.55 22.98
C GLY A 338 4.72 4.73 23.69
N TYR A 339 5.04 3.56 23.16
CA TYR A 339 6.03 2.69 23.78
C TYR A 339 7.34 3.40 24.11
N SER A 340 7.92 4.06 23.10
CA SER A 340 9.18 4.78 23.30
C SER A 340 9.06 5.68 24.52
N HIS A 341 7.94 6.39 24.63
CA HIS A 341 7.69 7.28 25.77
C HIS A 341 7.65 6.52 27.10
N ARG A 342 7.15 5.29 27.09
CA ARG A 342 7.09 4.50 28.30
C ARG A 342 8.50 4.12 28.70
N VAL A 343 9.35 3.88 27.69
CA VAL A 343 10.73 3.50 27.94
C VAL A 343 11.45 4.55 28.77
N VAL A 344 11.27 5.80 28.36
CA VAL A 344 11.87 6.92 29.07
C VAL A 344 11.23 7.01 30.44
N ASP A 345 9.91 6.89 30.50
CA ASP A 345 9.20 6.93 31.77
C ASP A 345 9.77 5.93 32.78
N LEU A 346 9.99 4.68 32.33
CA LEU A 346 10.54 3.64 33.19
C LEU A 346 11.95 4.00 33.60
N VAL A 347 12.70 4.63 32.69
CA VAL A 347 14.08 5.03 32.96
C VAL A 347 14.12 6.15 33.99
N ARG A 348 13.22 7.11 33.84
CA ARG A 348 13.19 8.22 34.77
C ARG A 348 12.67 7.79 36.13
N HIS A 349 11.80 6.77 36.15
CA HIS A 349 11.25 6.27 37.40
C HIS A 349 12.32 5.48 38.13
N MET A 350 13.06 4.67 37.39
CA MET A 350 14.12 3.88 37.97
C MET A 350 15.16 4.80 38.59
N ALA A 351 15.39 5.96 37.97
CA ALA A 351 16.35 6.93 38.49
C ALA A 351 15.82 7.52 39.80
N SER A 352 14.59 8.03 39.74
CA SER A 352 13.92 8.63 40.89
C SER A 352 13.99 7.71 42.12
N LYS A 353 13.76 6.43 41.91
CA LYS A 353 13.81 5.45 43.00
C LYS A 353 15.23 5.05 43.32
N ASP A 354 16.07 4.93 42.31
CA ASP A 354 17.47 4.57 42.54
C ASP A 354 18.08 5.66 43.41
N ARG A 355 17.86 6.91 43.02
CA ARG A 355 18.39 8.05 43.75
C ARG A 355 18.09 7.97 45.24
N SER A 356 16.84 8.15 45.60
CA SER A 356 16.43 8.09 47.01
C SER A 356 16.75 6.75 47.66
N ALA A 357 16.96 5.72 46.85
CA ALA A 357 17.27 4.37 47.35
C ALA A 357 18.49 4.34 48.26
N ARG A 358 19.35 5.34 48.13
CA ARG A 358 20.56 5.42 48.94
C ARG A 358 20.95 6.87 49.20
N LEU A 359 20.04 7.79 48.91
CA LEU A 359 20.29 9.22 49.12
C LEU A 359 19.03 9.92 49.64
N MET B 1 -33.00 -27.62 -20.56
CA MET B 1 -33.21 -26.19 -20.92
C MET B 1 -32.46 -25.26 -19.95
N PRO B 2 -31.61 -24.38 -20.48
CA PRO B 2 -30.85 -23.44 -19.64
C PRO B 2 -31.75 -22.36 -19.06
N ILE B 3 -31.40 -21.82 -17.90
CA ILE B 3 -32.21 -20.77 -17.30
C ILE B 3 -31.67 -19.40 -17.68
N LYS B 4 -32.53 -18.57 -18.26
CA LYS B 4 -32.18 -17.22 -18.70
C LYS B 4 -31.82 -16.32 -17.52
N VAL B 5 -30.56 -15.88 -17.48
CA VAL B 5 -30.08 -15.03 -16.39
C VAL B 5 -29.64 -13.65 -16.88
N GLY B 6 -29.85 -12.65 -16.03
CA GLY B 6 -29.46 -11.28 -16.36
C GLY B 6 -28.76 -10.70 -15.15
N ILE B 7 -27.62 -10.03 -15.36
CA ILE B 7 -26.87 -9.47 -14.24
C ILE B 7 -26.92 -7.95 -14.16
N ASN B 8 -27.69 -7.43 -13.20
CA ASN B 8 -27.85 -5.98 -13.00
C ASN B 8 -26.74 -5.47 -12.09
N GLY B 9 -25.82 -4.69 -12.67
CA GLY B 9 -24.70 -4.17 -11.90
C GLY B 9 -23.51 -5.06 -12.22
N PHE B 10 -22.77 -4.70 -13.27
CA PHE B 10 -21.62 -5.50 -13.71
C PHE B 10 -20.27 -5.05 -13.18
N GLY B 11 -20.10 -5.10 -11.87
CA GLY B 11 -18.83 -4.68 -11.30
C GLY B 11 -18.04 -5.80 -10.65
N ARG B 12 -17.52 -5.50 -9.47
CA ARG B 12 -16.72 -6.45 -8.74
C ARG B 12 -17.38 -7.85 -8.59
N ILE B 13 -18.64 -7.88 -8.16
CA ILE B 13 -19.36 -9.13 -7.98
C ILE B 13 -20.14 -9.52 -9.22
N GLY B 14 -20.62 -8.54 -9.97
CA GLY B 14 -21.34 -8.86 -11.18
C GLY B 14 -20.40 -9.58 -12.13
N ARG B 15 -19.16 -9.10 -12.22
CA ARG B 15 -18.16 -9.72 -13.10
C ARG B 15 -17.60 -11.04 -12.57
N MET B 16 -17.31 -11.10 -11.28
CA MET B 16 -16.78 -12.33 -10.72
C MET B 16 -17.84 -13.43 -10.82
N VAL B 17 -19.11 -13.05 -10.75
CA VAL B 17 -20.19 -14.02 -10.88
C VAL B 17 -20.10 -14.60 -12.28
N PHE B 18 -19.92 -13.73 -13.29
CA PHE B 18 -19.83 -14.19 -14.66
C PHE B 18 -18.62 -15.11 -14.85
N GLN B 19 -17.47 -14.68 -14.34
CA GLN B 19 -16.27 -15.47 -14.47
C GLN B 19 -16.44 -16.83 -13.82
N ALA B 20 -17.22 -16.88 -12.74
CA ALA B 20 -17.46 -18.15 -12.06
C ALA B 20 -18.29 -19.04 -12.99
N LEU B 21 -19.26 -18.44 -13.68
CA LEU B 21 -20.12 -19.16 -14.60
C LEU B 21 -19.28 -19.79 -15.73
N CYS B 22 -18.38 -19.01 -16.33
CA CYS B 22 -17.53 -19.52 -17.42
C CYS B 22 -16.62 -20.63 -16.93
N GLU B 23 -16.05 -20.40 -15.75
CA GLU B 23 -15.13 -21.32 -15.11
C GLU B 23 -15.70 -22.71 -14.88
N ASP B 24 -16.91 -22.78 -14.33
CA ASP B 24 -17.53 -24.07 -14.04
C ASP B 24 -18.26 -24.68 -15.24
N GLY B 25 -18.01 -24.12 -16.43
CA GLY B 25 -18.63 -24.61 -17.65
C GLY B 25 -20.15 -24.62 -17.65
N LEU B 26 -20.74 -23.61 -17.01
CA LEU B 26 -22.20 -23.52 -16.91
C LEU B 26 -22.80 -22.60 -17.98
N LEU B 27 -22.01 -21.64 -18.45
CA LEU B 27 -22.48 -20.71 -19.45
C LEU B 27 -22.90 -21.47 -20.71
N GLY B 28 -24.12 -21.23 -21.18
CA GLY B 28 -24.60 -21.92 -22.37
C GLY B 28 -25.13 -23.33 -22.13
N THR B 29 -25.13 -23.77 -20.87
CA THR B 29 -25.62 -25.10 -20.52
C THR B 29 -26.64 -25.01 -19.37
N GLU B 30 -26.16 -24.85 -18.15
CA GLU B 30 -27.05 -24.72 -16.99
C GLU B 30 -27.65 -23.32 -16.98
N ILE B 31 -26.80 -22.34 -17.25
CA ILE B 31 -27.21 -20.94 -17.27
C ILE B 31 -26.92 -20.29 -18.61
N ASP B 32 -27.85 -19.46 -19.05
CA ASP B 32 -27.72 -18.76 -20.32
C ASP B 32 -27.77 -17.27 -19.96
N VAL B 33 -26.60 -16.63 -19.86
CA VAL B 33 -26.56 -15.22 -19.49
C VAL B 33 -27.03 -14.37 -20.67
N VAL B 34 -28.29 -13.95 -20.59
CA VAL B 34 -28.91 -13.16 -21.64
C VAL B 34 -28.37 -11.74 -21.75
N ALA B 35 -28.00 -11.15 -20.61
CA ALA B 35 -27.49 -9.79 -20.63
C ALA B 35 -26.98 -9.28 -19.30
N VAL B 36 -26.09 -8.31 -19.37
CA VAL B 36 -25.51 -7.67 -18.19
C VAL B 36 -25.87 -6.20 -18.31
N VAL B 37 -25.82 -5.47 -17.21
CA VAL B 37 -26.15 -4.05 -17.26
C VAL B 37 -25.31 -3.21 -16.30
N ASP B 38 -24.83 -2.09 -16.82
CA ASP B 38 -24.02 -1.15 -16.05
C ASP B 38 -24.24 0.27 -16.60
N MET B 39 -23.34 1.20 -16.26
CA MET B 39 -23.45 2.59 -16.71
C MET B 39 -23.87 2.80 -18.16
N ASN B 40 -23.18 2.17 -19.10
CA ASN B 40 -23.51 2.31 -20.52
C ASN B 40 -23.68 0.98 -21.24
N THR B 41 -23.54 0.99 -22.56
CA THR B 41 -23.68 -0.24 -23.33
C THR B 41 -22.45 -0.49 -24.21
N ASP B 42 -21.36 0.21 -23.90
CA ASP B 42 -20.12 0.05 -24.64
C ASP B 42 -19.51 -1.32 -24.37
N ALA B 43 -19.94 -2.32 -25.11
CA ALA B 43 -19.44 -3.68 -24.92
C ALA B 43 -17.91 -3.73 -24.89
N GLU B 44 -17.30 -3.01 -25.81
CA GLU B 44 -15.85 -2.96 -25.94
C GLU B 44 -15.18 -2.66 -24.60
N TYR B 45 -15.78 -1.77 -23.82
CA TYR B 45 -15.24 -1.40 -22.51
C TYR B 45 -15.55 -2.49 -21.49
N PHE B 46 -16.66 -3.19 -21.67
CA PHE B 46 -17.06 -4.28 -20.79
C PHE B 46 -16.05 -5.41 -20.94
N ALA B 47 -15.57 -5.58 -22.16
CA ALA B 47 -14.59 -6.61 -22.47
C ALA B 47 -13.31 -6.28 -21.70
N TYR B 48 -12.86 -5.03 -21.83
CA TYR B 48 -11.66 -4.58 -21.15
C TYR B 48 -11.71 -4.84 -19.65
N GLN B 49 -12.86 -4.58 -19.03
CA GLN B 49 -13.00 -4.79 -17.59
C GLN B 49 -13.00 -6.27 -17.25
N MET B 50 -13.56 -7.08 -18.15
CA MET B 50 -13.62 -8.53 -17.95
C MET B 50 -12.29 -9.17 -18.26
N ARG B 51 -11.63 -8.65 -19.29
CA ARG B 51 -10.35 -9.16 -19.74
C ARG B 51 -9.22 -9.02 -18.73
N TYR B 52 -9.13 -7.85 -18.10
CA TYR B 52 -8.06 -7.58 -17.15
C TYR B 52 -8.59 -7.31 -15.78
N ASP B 53 -8.01 -7.99 -14.79
CA ASP B 53 -8.44 -7.82 -13.41
C ASP B 53 -7.21 -7.65 -12.52
N THR B 54 -7.16 -6.55 -11.79
CA THR B 54 -6.03 -6.25 -10.92
C THR B 54 -5.72 -7.33 -9.89
N VAL B 55 -6.74 -8.00 -9.38
CA VAL B 55 -6.51 -9.03 -8.37
C VAL B 55 -6.66 -10.49 -8.82
N HIS B 56 -7.49 -10.74 -9.84
CA HIS B 56 -7.72 -12.10 -10.32
C HIS B 56 -7.03 -12.37 -11.65
N GLY B 57 -6.14 -11.47 -12.05
CA GLY B 57 -5.39 -11.64 -13.28
C GLY B 57 -6.18 -11.71 -14.56
N LYS B 58 -5.47 -11.98 -15.65
CA LYS B 58 -6.07 -12.06 -16.98
C LYS B 58 -7.18 -13.08 -17.11
N PHE B 59 -8.31 -12.65 -17.67
CA PHE B 59 -9.45 -13.52 -17.88
C PHE B 59 -8.99 -14.61 -18.85
N LYS B 60 -8.91 -15.85 -18.34
CA LYS B 60 -8.47 -17.00 -19.12
C LYS B 60 -9.23 -17.26 -20.41
N TYR B 61 -10.50 -16.87 -20.48
CA TYR B 61 -11.30 -17.08 -21.67
C TYR B 61 -11.40 -15.85 -22.56
N GLU B 62 -11.30 -16.07 -23.87
CA GLU B 62 -11.37 -14.98 -24.85
C GLU B 62 -12.71 -14.26 -24.85
N VAL B 63 -12.69 -12.97 -25.16
CA VAL B 63 -13.90 -12.16 -25.19
C VAL B 63 -13.84 -11.13 -26.30
N THR B 64 -14.79 -11.18 -27.22
CA THR B 64 -14.84 -10.21 -28.32
C THR B 64 -16.20 -9.54 -28.23
N THR B 65 -16.47 -8.63 -29.16
CA THR B 65 -17.73 -7.90 -29.18
C THR B 65 -18.31 -7.76 -30.58
N THR B 66 -19.64 -7.63 -30.67
CA THR B 66 -20.32 -7.48 -31.95
C THR B 66 -21.52 -6.58 -31.72
N LYS B 67 -22.36 -6.45 -32.74
CA LYS B 67 -23.55 -5.62 -32.65
C LYS B 67 -24.85 -6.44 -32.66
N SER B 68 -25.80 -6.00 -31.85
CA SER B 68 -27.10 -6.64 -31.75
C SER B 68 -27.77 -6.46 -33.11
N SER B 69 -27.64 -5.24 -33.64
CA SER B 69 -28.18 -4.89 -34.95
C SER B 69 -27.38 -3.74 -35.56
N PRO B 70 -27.23 -3.75 -36.89
CA PRO B 70 -26.48 -2.72 -37.62
C PRO B 70 -26.86 -1.29 -37.27
N SER B 71 -28.09 -1.10 -36.81
CA SER B 71 -28.58 0.23 -36.45
C SER B 71 -28.03 0.71 -35.11
N VAL B 72 -27.01 0.00 -34.61
CA VAL B 72 -26.38 0.33 -33.34
C VAL B 72 -25.07 1.09 -33.59
N ALA B 73 -24.84 2.16 -32.83
CA ALA B 73 -23.65 2.98 -32.99
C ALA B 73 -22.35 2.20 -32.79
N LYS B 74 -22.06 1.83 -31.55
CA LYS B 74 -20.87 1.06 -31.20
C LYS B 74 -21.32 -0.34 -30.82
N ASP B 75 -20.38 -1.28 -30.75
CA ASP B 75 -20.73 -2.65 -30.36
C ASP B 75 -21.50 -2.61 -29.04
N ASP B 76 -22.45 -3.51 -28.86
CA ASP B 76 -23.22 -3.54 -27.62
C ASP B 76 -23.40 -4.97 -27.14
N THR B 77 -22.72 -5.91 -27.80
CA THR B 77 -22.81 -7.32 -27.44
C THR B 77 -21.47 -7.97 -27.16
N LEU B 78 -21.37 -8.58 -25.99
CA LEU B 78 -20.18 -9.28 -25.56
C LEU B 78 -20.26 -10.70 -26.12
N VAL B 79 -19.12 -11.25 -26.52
CA VAL B 79 -19.12 -12.61 -27.03
C VAL B 79 -18.01 -13.43 -26.38
N VAL B 80 -18.42 -14.37 -25.53
CA VAL B 80 -17.50 -15.24 -24.81
C VAL B 80 -17.64 -16.65 -25.40
N ASN B 81 -16.67 -17.04 -26.22
CA ASN B 81 -16.67 -18.34 -26.91
C ASN B 81 -18.04 -18.80 -27.44
N GLY B 82 -18.59 -18.02 -28.36
CA GLY B 82 -19.88 -18.37 -28.94
C GLY B 82 -21.05 -17.80 -28.18
N HIS B 83 -20.94 -17.73 -26.86
CA HIS B 83 -22.03 -17.22 -26.05
C HIS B 83 -22.09 -15.72 -26.15
N ARG B 84 -23.22 -15.22 -26.63
CA ARG B 84 -23.42 -13.78 -26.80
C ARG B 84 -24.17 -13.17 -25.61
N ILE B 85 -23.71 -12.00 -25.17
CA ILE B 85 -24.33 -11.30 -24.04
C ILE B 85 -24.57 -9.83 -24.36
N LEU B 86 -25.81 -9.39 -24.17
CA LEU B 86 -26.25 -8.03 -24.46
C LEU B 86 -26.00 -7.03 -23.34
N CYS B 87 -25.43 -5.87 -23.68
CA CYS B 87 -25.15 -4.83 -22.69
C CYS B 87 -26.28 -3.80 -22.66
N VAL B 88 -27.22 -3.92 -21.74
CA VAL B 88 -28.33 -2.98 -21.65
C VAL B 88 -27.92 -1.75 -20.83
N LYS B 89 -28.59 -0.64 -21.08
CA LYS B 89 -28.32 0.64 -20.41
C LYS B 89 -28.85 0.60 -18.98
N ALA B 90 -28.01 0.98 -18.03
CA ALA B 90 -28.40 0.98 -16.62
C ALA B 90 -29.78 1.63 -16.41
N GLN B 91 -30.45 1.28 -15.33
CA GLN B 91 -31.77 1.83 -15.02
C GLN B 91 -31.88 2.37 -13.61
N ARG B 92 -32.33 3.62 -13.50
CA ARG B 92 -32.50 4.26 -12.20
C ARG B 92 -33.50 3.46 -11.38
N ASN B 93 -34.53 2.92 -12.05
CA ASN B 93 -35.56 2.11 -11.41
C ASN B 93 -35.57 0.72 -12.03
N PRO B 94 -35.29 -0.32 -11.23
CA PRO B 94 -35.27 -1.71 -11.68
C PRO B 94 -36.47 -2.13 -12.53
N ALA B 95 -37.64 -1.58 -12.21
CA ALA B 95 -38.87 -1.88 -12.93
C ALA B 95 -38.79 -1.47 -14.39
N ASP B 96 -37.82 -0.60 -14.69
CA ASP B 96 -37.64 -0.11 -16.05
C ASP B 96 -36.64 -0.92 -16.87
N LEU B 97 -36.36 -2.15 -16.43
CA LEU B 97 -35.44 -3.01 -17.17
C LEU B 97 -36.23 -3.91 -18.12
N PRO B 98 -35.77 -4.03 -19.37
CA PRO B 98 -36.42 -4.85 -20.40
C PRO B 98 -36.25 -6.35 -20.23
N TRP B 99 -36.57 -6.86 -19.04
CA TRP B 99 -36.42 -8.30 -18.77
C TRP B 99 -37.45 -9.12 -19.55
N GLY B 100 -38.73 -8.80 -19.34
CA GLY B 100 -39.80 -9.51 -20.00
C GLY B 100 -39.69 -9.55 -21.52
N LYS B 101 -38.91 -8.65 -22.09
CA LYS B 101 -38.73 -8.60 -23.54
C LYS B 101 -37.42 -9.28 -23.95
N LEU B 102 -36.63 -9.66 -22.94
CA LEU B 102 -35.35 -10.34 -23.18
C LEU B 102 -35.48 -11.84 -22.96
N GLY B 103 -36.28 -12.23 -21.97
CA GLY B 103 -36.48 -13.64 -21.69
C GLY B 103 -35.86 -14.05 -20.38
N VAL B 104 -35.30 -13.04 -19.70
CA VAL B 104 -34.64 -13.22 -18.42
C VAL B 104 -35.62 -13.42 -17.28
N GLU B 105 -35.45 -14.50 -16.52
CA GLU B 105 -36.32 -14.75 -15.38
C GLU B 105 -35.59 -14.59 -14.05
N TYR B 106 -34.28 -14.82 -14.08
CA TYR B 106 -33.48 -14.68 -12.87
C TYR B 106 -32.53 -13.50 -13.05
N VAL B 107 -32.53 -12.58 -12.10
CA VAL B 107 -31.62 -11.45 -12.20
C VAL B 107 -30.84 -11.30 -10.91
N ILE B 108 -29.52 -11.38 -11.04
CA ILE B 108 -28.63 -11.24 -9.91
C ILE B 108 -28.49 -9.74 -9.66
N GLU B 109 -29.19 -9.24 -8.65
CA GLU B 109 -29.17 -7.82 -8.32
C GLU B 109 -27.87 -7.44 -7.59
N SER B 110 -26.89 -6.96 -8.35
CA SER B 110 -25.61 -6.59 -7.79
C SER B 110 -25.16 -5.15 -8.03
N THR B 111 -26.09 -4.25 -8.32
CA THR B 111 -25.73 -2.84 -8.52
C THR B 111 -25.36 -2.24 -7.17
N GLY B 112 -26.00 -2.74 -6.12
CA GLY B 112 -25.72 -2.25 -4.78
C GLY B 112 -26.69 -1.19 -4.29
N LEU B 113 -27.59 -0.75 -5.17
CA LEU B 113 -28.55 0.30 -4.83
C LEU B 113 -29.98 -0.19 -4.64
N PHE B 114 -30.23 -1.48 -4.87
CA PHE B 114 -31.58 -2.01 -4.74
C PHE B 114 -31.64 -3.26 -3.87
N THR B 115 -31.18 -3.11 -2.63
CA THR B 115 -31.13 -4.18 -1.67
C THR B 115 -32.37 -4.19 -0.78
N ALA B 116 -33.30 -3.28 -1.08
CA ALA B 116 -34.54 -3.17 -0.33
C ALA B 116 -35.61 -4.01 -1.05
N LYS B 117 -36.05 -5.07 -0.39
CA LYS B 117 -37.05 -5.97 -0.93
C LYS B 117 -38.00 -5.26 -1.89
N ALA B 118 -38.51 -4.11 -1.45
CA ALA B 118 -39.45 -3.34 -2.26
C ALA B 118 -38.82 -2.80 -3.55
N ALA B 119 -37.64 -2.20 -3.41
CA ALA B 119 -36.93 -1.63 -4.54
C ALA B 119 -36.40 -2.71 -5.49
N ALA B 120 -36.10 -3.89 -4.96
CA ALA B 120 -35.56 -4.99 -5.76
C ALA B 120 -36.68 -5.77 -6.46
N GLU B 121 -37.90 -5.66 -5.94
CA GLU B 121 -39.03 -6.36 -6.54
C GLU B 121 -39.34 -5.77 -7.90
N GLY B 122 -38.71 -4.62 -8.18
CA GLY B 122 -38.91 -3.96 -9.45
C GLY B 122 -38.45 -4.81 -10.62
N HIS B 123 -37.60 -5.78 -10.33
CA HIS B 123 -37.08 -6.69 -11.36
C HIS B 123 -38.18 -7.65 -11.80
N LEU B 124 -39.12 -7.92 -10.90
CA LEU B 124 -40.24 -8.80 -11.17
C LEU B 124 -41.18 -8.08 -12.11
N ARG B 125 -41.43 -6.81 -11.84
CA ARG B 125 -42.30 -6.00 -12.68
C ARG B 125 -41.69 -5.79 -14.06
N GLY B 126 -40.37 -5.76 -14.11
CA GLY B 126 -39.69 -5.58 -15.39
C GLY B 126 -39.96 -6.76 -16.31
N GLY B 127 -40.30 -7.91 -15.74
CA GLY B 127 -40.58 -9.09 -16.54
C GLY B 127 -39.80 -10.31 -16.09
N ALA B 128 -39.28 -10.29 -14.86
CA ALA B 128 -38.51 -11.39 -14.32
C ALA B 128 -39.28 -12.15 -13.24
N ARG B 129 -38.91 -13.41 -13.05
CA ARG B 129 -39.56 -14.26 -12.06
C ARG B 129 -38.87 -14.26 -10.71
N LYS B 130 -37.56 -14.44 -10.71
CA LYS B 130 -36.82 -14.46 -9.45
C LYS B 130 -35.68 -13.46 -9.43
N VAL B 131 -35.26 -13.08 -8.23
CA VAL B 131 -34.17 -12.12 -8.07
C VAL B 131 -33.31 -12.47 -6.86
N VAL B 132 -32.00 -12.66 -7.08
CA VAL B 132 -31.09 -12.97 -5.99
C VAL B 132 -30.29 -11.71 -5.66
N ILE B 133 -30.40 -11.24 -4.43
CA ILE B 133 -29.68 -10.05 -4.02
C ILE B 133 -28.30 -10.46 -3.51
N SER B 134 -27.28 -9.93 -4.15
CA SER B 134 -25.90 -10.22 -3.83
C SER B 134 -25.41 -9.47 -2.61
N ALA B 135 -26.26 -9.35 -1.60
CA ALA B 135 -25.91 -8.64 -0.36
C ALA B 135 -27.04 -8.73 0.65
N PRO B 136 -26.78 -8.35 1.90
CA PRO B 136 -27.83 -8.41 2.92
C PRO B 136 -29.01 -7.56 2.45
N ALA B 137 -30.19 -8.14 2.38
CA ALA B 137 -31.36 -7.39 1.94
C ALA B 137 -32.22 -6.89 3.10
N SER B 138 -33.29 -6.18 2.76
CA SER B 138 -34.21 -5.66 3.75
C SER B 138 -35.60 -5.67 3.12
N GLY B 139 -36.64 -5.67 3.95
CA GLY B 139 -37.99 -5.67 3.42
C GLY B 139 -38.67 -7.01 3.56
N GLY B 140 -37.96 -7.97 4.14
CA GLY B 140 -38.54 -9.28 4.33
C GLY B 140 -37.97 -10.35 3.44
N ALA B 141 -37.15 -9.94 2.48
CA ALA B 141 -36.54 -10.89 1.55
C ALA B 141 -35.91 -12.05 2.33
N LYS B 142 -36.29 -13.29 1.98
CA LYS B 142 -35.74 -14.47 2.63
C LYS B 142 -34.23 -14.53 2.37
N THR B 143 -33.45 -14.74 3.42
CA THR B 143 -32.00 -14.80 3.32
C THR B 143 -31.46 -16.23 3.34
N LEU B 144 -30.83 -16.66 2.26
CA LEU B 144 -30.29 -18.02 2.18
C LEU B 144 -28.77 -18.09 2.09
N VAL B 145 -28.19 -19.08 2.77
CA VAL B 145 -26.74 -19.27 2.74
C VAL B 145 -26.41 -20.71 2.38
N MET B 146 -25.85 -20.90 1.19
CA MET B 146 -25.49 -22.21 0.69
C MET B 146 -24.72 -23.05 1.72
N GLY B 147 -25.18 -24.28 1.90
CA GLY B 147 -24.53 -25.17 2.84
C GLY B 147 -24.98 -24.96 4.27
N VAL B 148 -25.87 -23.99 4.49
CA VAL B 148 -26.34 -23.74 5.85
C VAL B 148 -27.86 -23.80 5.99
N ASN B 149 -28.58 -23.05 5.16
CA ASN B 149 -30.04 -23.03 5.22
C ASN B 149 -30.68 -22.83 3.84
N HIS B 150 -29.90 -22.99 2.79
CA HIS B 150 -30.38 -22.80 1.43
C HIS B 150 -31.52 -23.72 1.00
N HIS B 151 -31.79 -24.77 1.77
CA HIS B 151 -32.86 -25.68 1.42
C HIS B 151 -34.22 -25.14 1.88
N GLU B 152 -34.19 -24.07 2.67
CA GLU B 152 -35.42 -23.45 3.17
C GLU B 152 -36.02 -22.57 2.09
N TYR B 153 -35.56 -22.78 0.87
CA TYR B 153 -36.06 -22.01 -0.26
C TYR B 153 -37.43 -22.56 -0.66
N ASN B 154 -38.44 -21.69 -0.66
CA ASN B 154 -39.79 -22.11 -1.05
C ASN B 154 -40.09 -21.58 -2.45
N PRO B 155 -39.96 -22.45 -3.47
CA PRO B 155 -40.21 -22.06 -4.86
C PRO B 155 -41.36 -21.08 -5.03
N SER B 156 -42.44 -21.30 -4.29
CA SER B 156 -43.62 -20.44 -4.41
C SER B 156 -43.77 -19.33 -3.39
N GLU B 157 -42.93 -19.32 -2.36
CA GLU B 157 -43.04 -18.29 -1.33
C GLU B 157 -41.92 -17.25 -1.36
N HIS B 158 -40.86 -17.52 -2.11
CA HIS B 158 -39.71 -16.64 -2.20
C HIS B 158 -39.40 -16.24 -3.64
N HIS B 159 -39.45 -14.95 -3.93
CA HIS B 159 -39.17 -14.46 -5.28
C HIS B 159 -38.04 -13.44 -5.30
N VAL B 160 -37.75 -12.88 -4.14
CA VAL B 160 -36.66 -11.94 -4.01
C VAL B 160 -35.92 -12.30 -2.74
N VAL B 161 -34.90 -13.14 -2.89
CA VAL B 161 -34.08 -13.61 -1.78
C VAL B 161 -32.72 -12.91 -1.72
N SER B 162 -32.12 -12.93 -0.54
CA SER B 162 -30.81 -12.33 -0.29
C SER B 162 -29.77 -13.41 -0.02
N ASN B 163 -28.69 -13.43 -0.82
CA ASN B 163 -27.64 -14.44 -0.66
C ASN B 163 -26.75 -14.10 0.52
N ALA B 164 -27.19 -13.13 1.31
CA ALA B 164 -26.45 -12.69 2.49
C ALA B 164 -25.22 -11.89 2.07
N SER B 165 -24.40 -11.57 3.07
CA SER B 165 -23.18 -10.82 2.85
C SER B 165 -22.01 -11.77 2.66
N CYS B 166 -20.86 -11.21 2.28
CA CYS B 166 -19.69 -12.04 2.09
C CYS B 166 -19.26 -12.55 3.45
N THR B 167 -19.30 -11.68 4.46
CA THR B 167 -18.90 -12.07 5.81
C THR B 167 -19.85 -13.10 6.42
N THR B 168 -21.15 -12.86 6.36
CA THR B 168 -22.14 -13.79 6.91
C THR B 168 -21.86 -15.15 6.31
N ASN B 169 -21.49 -15.14 5.04
CA ASN B 169 -21.19 -16.36 4.30
C ASN B 169 -19.92 -17.07 4.75
N CYS B 170 -19.02 -16.35 5.42
CA CYS B 170 -17.79 -16.99 5.88
C CYS B 170 -18.02 -17.48 7.30
N LEU B 171 -18.83 -16.74 8.05
CA LEU B 171 -19.15 -17.05 9.44
C LEU B 171 -20.10 -18.24 9.60
N ALA B 172 -21.25 -18.15 8.91
CA ALA B 172 -22.29 -19.18 8.95
C ALA B 172 -21.77 -20.61 8.91
N PRO B 173 -21.01 -20.98 7.85
CA PRO B 173 -20.46 -22.32 7.75
C PRO B 173 -19.89 -22.83 9.07
N ILE B 174 -19.14 -21.97 9.75
CA ILE B 174 -18.54 -22.33 11.03
C ILE B 174 -19.59 -22.48 12.15
N VAL B 175 -20.37 -21.43 12.40
CA VAL B 175 -21.39 -21.49 13.44
C VAL B 175 -22.36 -22.64 13.21
N HIS B 176 -22.46 -23.09 11.97
CA HIS B 176 -23.36 -24.20 11.66
C HIS B 176 -22.73 -25.53 12.11
N VAL B 177 -21.46 -25.70 11.81
CA VAL B 177 -20.77 -26.91 12.21
C VAL B 177 -20.80 -27.00 13.73
N LEU B 178 -20.60 -25.86 14.39
CA LEU B 178 -20.60 -25.85 15.85
C LEU B 178 -21.98 -26.25 16.37
N VAL B 179 -23.01 -25.57 15.88
CA VAL B 179 -24.37 -25.86 16.31
C VAL B 179 -24.83 -27.28 15.91
N LYS B 180 -24.48 -27.71 14.71
CA LYS B 180 -24.91 -29.02 14.25
C LYS B 180 -24.16 -30.20 14.89
N GLU B 181 -22.87 -30.04 15.17
CA GLU B 181 -22.10 -31.11 15.79
C GLU B 181 -22.38 -31.17 17.29
N GLY B 182 -23.20 -30.23 17.77
CA GLY B 182 -23.54 -30.20 19.18
C GLY B 182 -22.58 -29.44 20.09
N PHE B 183 -21.69 -28.64 19.52
CA PHE B 183 -20.78 -27.87 20.35
C PHE B 183 -21.60 -26.72 20.95
N GLY B 184 -22.59 -26.28 20.19
CA GLY B 184 -23.45 -25.20 20.66
C GLY B 184 -22.74 -23.87 20.77
N VAL B 185 -23.52 -22.79 20.70
CA VAL B 185 -22.99 -21.45 20.80
C VAL B 185 -23.78 -20.69 21.85
N GLN B 186 -23.16 -20.42 22.98
CA GLN B 186 -23.86 -19.69 24.02
C GLN B 186 -23.80 -18.20 23.65
N THR B 187 -22.57 -17.70 23.49
CA THR B 187 -22.36 -16.32 23.10
C THR B 187 -21.13 -16.23 22.23
N GLY B 188 -21.16 -15.30 21.27
CA GLY B 188 -20.02 -15.13 20.39
C GLY B 188 -19.90 -13.73 19.81
N LEU B 189 -18.67 -13.26 19.72
CA LEU B 189 -18.40 -11.94 19.15
C LEU B 189 -17.36 -12.15 18.06
N MET B 190 -17.64 -11.63 16.86
CA MET B 190 -16.73 -11.79 15.75
C MET B 190 -16.12 -10.48 15.30
N THR B 191 -14.96 -10.59 14.66
CA THR B 191 -14.27 -9.44 14.14
C THR B 191 -13.73 -9.87 12.79
N THR B 192 -14.06 -9.13 11.75
CA THR B 192 -13.55 -9.47 10.43
C THR B 192 -12.53 -8.43 10.01
N ILE B 193 -11.30 -8.87 9.72
CA ILE B 193 -10.28 -7.94 9.23
C ILE B 193 -10.48 -7.95 7.71
N HIS B 194 -11.41 -7.12 7.27
CA HIS B 194 -11.83 -7.03 5.88
C HIS B 194 -10.99 -6.11 5.01
N SER B 195 -10.59 -6.60 3.84
CA SER B 195 -9.82 -5.76 2.93
C SER B 195 -10.84 -4.80 2.31
N TYR B 196 -10.41 -3.59 1.97
CA TYR B 196 -11.31 -2.58 1.43
C TYR B 196 -12.10 -2.94 0.17
N THR B 197 -13.11 -2.12 -0.11
CA THR B 197 -13.98 -2.31 -1.26
C THR B 197 -14.33 -1.00 -1.96
N ALA B 198 -15.08 -1.13 -3.05
CA ALA B 198 -15.51 -0.01 -3.89
C ALA B 198 -16.24 1.14 -3.19
N THR B 199 -16.83 0.88 -2.02
CA THR B 199 -17.54 1.95 -1.30
C THR B 199 -16.62 2.85 -0.52
N GLN B 200 -15.34 2.49 -0.48
CA GLN B 200 -14.33 3.27 0.21
C GLN B 200 -13.62 4.30 -0.68
N LYS B 201 -12.96 5.28 -0.05
CA LYS B 201 -12.26 6.34 -0.76
C LYS B 201 -10.74 6.27 -0.77
N THR B 202 -10.15 6.55 -1.93
CA THR B 202 -8.70 6.54 -2.08
C THR B 202 -8.04 7.58 -1.16
N VAL B 203 -8.61 8.77 -1.10
CA VAL B 203 -8.11 9.83 -0.24
C VAL B 203 -9.26 10.26 0.66
N ASP B 204 -8.96 10.93 1.77
CA ASP B 204 -10.00 11.36 2.69
C ASP B 204 -11.12 12.08 1.96
N GLY B 205 -12.25 11.42 1.81
CA GLY B 205 -13.36 12.01 1.09
C GLY B 205 -14.65 12.07 1.88
N VAL B 206 -15.71 12.52 1.19
CA VAL B 206 -17.03 12.65 1.79
C VAL B 206 -17.75 11.33 1.97
N SER B 207 -18.23 11.12 3.19
CA SER B 207 -18.95 9.90 3.54
C SER B 207 -19.73 10.25 4.80
N VAL B 208 -20.93 10.81 4.63
CA VAL B 208 -21.75 11.22 5.77
C VAL B 208 -22.36 10.07 6.58
N LYS B 209 -22.77 9.00 5.91
CA LYS B 209 -23.38 7.86 6.61
C LYS B 209 -22.36 6.94 7.31
N ASP B 210 -21.08 7.13 7.02
CA ASP B 210 -20.03 6.33 7.63
C ASP B 210 -18.75 7.14 7.61
N TRP B 211 -18.59 8.00 8.61
CA TRP B 211 -17.42 8.88 8.67
C TRP B 211 -16.08 8.19 8.48
N ARG B 212 -15.76 7.23 9.34
CA ARG B 212 -14.48 6.56 9.23
C ARG B 212 -14.38 5.94 7.84
N GLY B 213 -15.54 5.61 7.28
CA GLY B 213 -15.56 4.99 5.96
C GLY B 213 -15.16 5.92 4.82
N GLY B 214 -14.95 7.19 5.14
CA GLY B 214 -14.57 8.13 4.13
C GLY B 214 -13.08 8.41 4.13
N ARG B 215 -12.41 8.07 5.22
CA ARG B 215 -11.00 8.33 5.32
C ARG B 215 -10.24 7.46 4.32
N ALA B 216 -9.01 7.87 4.00
CA ALA B 216 -8.17 7.15 3.04
C ALA B 216 -8.25 5.65 3.29
N ALA B 217 -8.59 4.90 2.25
CA ALA B 217 -8.77 3.44 2.35
C ALA B 217 -7.54 2.53 2.30
N ALA B 218 -6.45 2.98 1.67
CA ALA B 218 -5.27 2.14 1.56
C ALA B 218 -4.09 2.51 2.48
N VAL B 219 -4.35 3.36 3.47
CA VAL B 219 -3.32 3.77 4.41
C VAL B 219 -3.88 3.93 5.83
N ASN B 220 -4.97 3.21 6.12
CA ASN B 220 -5.64 3.26 7.42
C ASN B 220 -6.35 1.97 7.83
N ILE B 221 -6.33 1.68 9.13
CA ILE B 221 -7.06 0.54 9.68
C ILE B 221 -8.33 1.25 10.09
N ILE B 222 -9.38 1.10 9.28
CA ILE B 222 -10.64 1.78 9.52
C ILE B 222 -11.68 0.91 10.20
N PRO B 223 -12.08 1.25 11.45
CA PRO B 223 -13.09 0.44 12.15
C PRO B 223 -14.48 0.61 11.51
N SER B 224 -15.38 -0.33 11.81
CA SER B 224 -16.73 -0.25 11.28
C SER B 224 -17.63 -1.27 11.93
N THR B 225 -18.91 -0.92 12.03
CA THR B 225 -19.90 -1.82 12.60
C THR B 225 -20.35 -2.70 11.46
N THR B 226 -20.82 -3.90 11.78
CA THR B 226 -21.26 -4.83 10.76
C THR B 226 -22.47 -5.62 11.23
N GLY B 227 -23.27 -6.11 10.28
CA GLY B 227 -24.42 -6.90 10.62
C GLY B 227 -24.16 -8.37 10.43
N ALA B 228 -23.18 -8.69 9.60
CA ALA B 228 -22.78 -10.07 9.30
C ALA B 228 -22.98 -11.07 10.42
N ALA B 229 -22.38 -10.81 11.58
CA ALA B 229 -22.50 -11.69 12.74
C ALA B 229 -23.94 -11.83 13.22
N LYS B 230 -24.65 -10.72 13.30
CA LYS B 230 -26.04 -10.78 13.75
C LYS B 230 -26.87 -11.59 12.75
N ALA B 231 -26.67 -11.31 11.47
CA ALA B 231 -27.40 -11.96 10.39
C ALA B 231 -27.40 -13.48 10.51
N VAL B 232 -26.40 -14.02 11.20
CA VAL B 232 -26.28 -15.46 11.40
C VAL B 232 -27.49 -15.97 12.20
N GLY B 233 -28.21 -15.03 12.80
CA GLY B 233 -29.40 -15.39 13.57
C GLY B 233 -30.53 -15.69 12.62
N MET B 234 -30.52 -15.09 11.43
CA MET B 234 -31.56 -15.31 10.45
C MET B 234 -31.37 -16.64 9.71
N VAL B 235 -30.15 -17.11 9.63
CA VAL B 235 -29.85 -18.35 8.93
C VAL B 235 -29.90 -19.53 9.87
N ILE B 236 -29.59 -19.27 11.15
CA ILE B 236 -29.60 -20.30 12.17
C ILE B 236 -30.26 -19.71 13.42
N PRO B 237 -31.60 -19.63 13.41
CA PRO B 237 -32.42 -19.09 14.50
C PRO B 237 -32.02 -19.35 15.95
N SER B 238 -31.43 -20.50 16.25
CA SER B 238 -31.03 -20.77 17.62
C SER B 238 -29.90 -19.87 18.10
N THR B 239 -29.30 -19.11 17.18
CA THR B 239 -28.22 -18.21 17.54
C THR B 239 -28.68 -16.76 17.60
N GLN B 240 -29.91 -16.52 17.17
CA GLN B 240 -30.49 -15.18 17.17
C GLN B 240 -30.33 -14.49 18.52
N GLY B 241 -29.60 -13.37 18.53
CA GLY B 241 -29.38 -12.64 19.77
C GLY B 241 -28.12 -13.06 20.51
N LYS B 242 -27.41 -14.05 19.99
CA LYS B 242 -26.20 -14.57 20.63
C LYS B 242 -24.88 -14.04 20.05
N LEU B 243 -24.93 -13.50 18.83
CA LEU B 243 -23.72 -12.99 18.19
C LEU B 243 -23.88 -11.57 17.64
N THR B 244 -22.74 -10.97 17.31
CA THR B 244 -22.64 -9.63 16.72
C THR B 244 -21.16 -9.39 16.58
N GLY B 245 -20.77 -8.44 15.74
CA GLY B 245 -19.36 -8.18 15.58
C GLY B 245 -19.05 -6.85 14.94
N MET B 246 -17.81 -6.71 14.50
CA MET B 246 -17.39 -5.48 13.85
C MET B 246 -16.38 -5.79 12.77
N SER B 247 -16.06 -4.79 11.97
CA SER B 247 -15.10 -4.97 10.90
C SER B 247 -14.04 -3.90 10.93
N PHE B 248 -12.83 -4.29 10.56
CA PHE B 248 -11.69 -3.39 10.48
C PHE B 248 -11.23 -3.44 9.02
N ARG B 249 -11.55 -2.40 8.25
CA ARG B 249 -11.14 -2.35 6.85
C ARG B 249 -9.70 -1.93 6.73
N VAL B 250 -8.82 -2.90 6.47
CA VAL B 250 -7.38 -2.67 6.32
C VAL B 250 -6.94 -2.58 4.84
N PRO B 251 -5.70 -2.13 4.58
CA PRO B 251 -5.15 -1.98 3.23
C PRO B 251 -4.83 -3.19 2.34
N THR B 252 -5.86 -3.86 1.82
CA THR B 252 -5.69 -4.99 0.92
C THR B 252 -6.87 -4.97 -0.06
N PRO B 253 -6.61 -5.06 -1.37
CA PRO B 253 -7.70 -5.03 -2.35
C PRO B 253 -8.67 -6.22 -2.35
N ASP B 254 -8.28 -7.33 -1.73
CA ASP B 254 -9.18 -8.49 -1.67
C ASP B 254 -8.75 -9.60 -0.70
N VAL B 255 -9.74 -10.32 -0.19
CA VAL B 255 -9.53 -11.41 0.76
C VAL B 255 -9.63 -10.89 2.19
N SER B 256 -10.50 -11.50 2.98
CA SER B 256 -10.71 -11.09 4.35
C SER B 256 -10.55 -12.26 5.32
N VAL B 257 -10.59 -11.98 6.61
CA VAL B 257 -10.45 -13.03 7.62
C VAL B 257 -11.33 -12.80 8.85
N VAL B 258 -12.10 -13.84 9.21
CA VAL B 258 -12.98 -13.77 10.37
C VAL B 258 -12.27 -14.26 11.63
N ASP B 259 -12.37 -13.47 12.69
CA ASP B 259 -11.73 -13.81 13.96
C ASP B 259 -12.85 -14.03 14.98
N LEU B 260 -13.40 -15.25 15.03
CA LEU B 260 -14.52 -15.55 15.94
C LEU B 260 -14.20 -16.03 17.35
N THR B 261 -14.71 -15.29 18.33
CA THR B 261 -14.52 -15.67 19.73
C THR B 261 -15.88 -16.06 20.28
N PHE B 262 -15.93 -17.13 21.05
CA PHE B 262 -17.21 -17.57 21.60
C PHE B 262 -17.03 -18.55 22.74
N THR B 263 -18.13 -18.81 23.45
CA THR B 263 -18.16 -19.79 24.53
C THR B 263 -19.13 -20.87 24.09
N ALA B 264 -18.68 -22.12 24.12
CA ALA B 264 -19.51 -23.25 23.71
C ALA B 264 -20.64 -23.51 24.70
N ALA B 265 -21.65 -24.26 24.27
CA ALA B 265 -22.79 -24.62 25.09
C ALA B 265 -22.43 -25.77 26.04
N ARG B 266 -21.35 -26.49 25.72
CA ARG B 266 -20.87 -27.59 26.55
C ARG B 266 -19.34 -27.57 26.66
N ASP B 267 -18.81 -28.41 27.54
CA ASP B 267 -17.36 -28.50 27.73
C ASP B 267 -16.73 -29.24 26.57
N THR B 268 -15.87 -28.54 25.82
CA THR B 268 -15.21 -29.15 24.69
C THR B 268 -13.73 -28.76 24.67
N SER B 269 -13.08 -28.92 23.53
CA SER B 269 -11.67 -28.58 23.40
C SER B 269 -11.40 -28.03 22.01
N ILE B 270 -10.39 -27.18 21.89
CA ILE B 270 -10.07 -26.60 20.60
C ILE B 270 -9.71 -27.71 19.60
N GLN B 271 -9.18 -28.81 20.13
CA GLN B 271 -8.79 -29.98 19.33
C GLN B 271 -10.05 -30.62 18.77
N GLU B 272 -11.04 -30.80 19.65
CA GLU B 272 -12.30 -31.40 19.24
C GLU B 272 -12.97 -30.55 18.17
N ILE B 273 -12.84 -29.24 18.30
CA ILE B 273 -13.44 -28.32 17.35
C ILE B 273 -12.63 -28.32 16.05
N ASP B 274 -11.31 -28.32 16.19
CA ASP B 274 -10.42 -28.35 15.04
C ASP B 274 -10.79 -29.54 14.17
N ALA B 275 -10.80 -30.71 14.79
CA ALA B 275 -11.09 -31.96 14.12
C ALA B 275 -12.53 -32.02 13.59
N ALA B 276 -13.41 -31.25 14.22
CA ALA B 276 -14.79 -31.24 13.79
C ALA B 276 -14.92 -30.44 12.51
N LEU B 277 -14.12 -29.39 12.38
CA LEU B 277 -14.16 -28.52 11.21
C LEU B 277 -13.59 -29.15 9.93
N LYS B 278 -12.45 -29.81 10.06
CA LYS B 278 -11.82 -30.46 8.91
C LYS B 278 -12.72 -31.59 8.43
N ARG B 279 -13.20 -32.38 9.38
CA ARG B 279 -14.08 -33.50 9.10
C ARG B 279 -15.30 -33.00 8.32
N ALA B 280 -15.84 -31.85 8.74
CA ALA B 280 -17.01 -31.26 8.10
C ALA B 280 -16.75 -30.78 6.68
N SER B 281 -15.54 -30.24 6.46
CA SER B 281 -15.16 -29.73 5.15
C SER B 281 -14.95 -30.86 4.14
N LYS B 282 -14.75 -32.06 4.66
CA LYS B 282 -14.57 -33.24 3.80
C LYS B 282 -15.90 -33.91 3.57
N THR B 283 -16.92 -33.52 4.35
CA THR B 283 -18.24 -34.13 4.24
C THR B 283 -19.40 -33.22 3.84
N TYR B 284 -20.29 -32.93 4.79
CA TYR B 284 -21.47 -32.12 4.49
C TYR B 284 -21.21 -30.64 4.20
N MET B 285 -20.01 -30.16 4.50
CA MET B 285 -19.72 -28.77 4.22
C MET B 285 -18.76 -28.66 3.04
N LYS B 286 -18.48 -29.78 2.40
CA LYS B 286 -17.57 -29.80 1.25
C LYS B 286 -18.05 -28.78 0.23
N GLY B 287 -17.10 -28.03 -0.32
CA GLY B 287 -17.44 -27.01 -1.30
C GLY B 287 -17.73 -25.68 -0.66
N ILE B 288 -18.32 -25.71 0.54
CA ILE B 288 -18.69 -24.49 1.26
C ILE B 288 -17.65 -24.15 2.30
N LEU B 289 -17.27 -25.15 3.10
CA LEU B 289 -16.27 -24.97 4.13
C LEU B 289 -14.98 -25.68 3.71
N GLY B 290 -13.88 -24.96 3.75
CA GLY B 290 -12.61 -25.55 3.40
C GLY B 290 -11.73 -25.34 4.61
N TYR B 291 -10.48 -25.77 4.54
CA TYR B 291 -9.61 -25.56 5.68
C TYR B 291 -8.17 -25.78 5.27
N THR B 292 -7.24 -25.12 5.98
CA THR B 292 -5.82 -25.27 5.71
C THR B 292 -5.06 -25.55 7.00
N ASP B 293 -3.86 -26.12 6.87
CA ASP B 293 -3.02 -26.38 8.02
C ASP B 293 -1.63 -25.84 7.68
N GLU B 294 -1.57 -25.07 6.60
CA GLU B 294 -0.32 -24.48 6.16
C GLU B 294 -0.18 -23.03 6.62
N GLU B 295 1.06 -22.54 6.57
CA GLU B 295 1.39 -21.18 6.97
C GLU B 295 0.98 -20.19 5.88
N LEU B 296 -0.32 -20.04 5.66
CA LEU B 296 -0.82 -19.16 4.63
C LEU B 296 -1.07 -17.70 5.01
N VAL B 297 -1.01 -16.83 4.02
CA VAL B 297 -1.26 -15.40 4.18
C VAL B 297 -2.38 -15.08 3.19
N SER B 298 -3.02 -13.93 3.36
CA SER B 298 -4.14 -13.54 2.51
C SER B 298 -4.06 -13.83 1.00
N ALA B 299 -2.94 -13.49 0.37
CA ALA B 299 -2.80 -13.71 -1.07
C ALA B 299 -2.98 -15.17 -1.45
N ASP B 300 -2.64 -16.07 -0.54
CA ASP B 300 -2.76 -17.49 -0.82
C ASP B 300 -4.23 -17.92 -0.96
N PHE B 301 -5.15 -17.10 -0.47
CA PHE B 301 -6.57 -17.42 -0.56
C PHE B 301 -7.24 -16.79 -1.77
N ILE B 302 -6.46 -16.02 -2.54
CA ILE B 302 -6.99 -15.38 -3.73
C ILE B 302 -7.44 -16.44 -4.72
N ASN B 303 -8.70 -16.33 -5.17
CA ASN B 303 -9.31 -17.27 -6.11
C ASN B 303 -9.78 -18.60 -5.53
N ASP B 304 -9.72 -18.74 -4.21
CA ASP B 304 -10.21 -19.96 -3.55
C ASP B 304 -11.72 -19.74 -3.59
N ASN B 305 -12.48 -20.72 -4.05
CA ASN B 305 -13.91 -20.49 -4.15
C ASN B 305 -14.80 -20.89 -2.99
N ARG B 306 -14.22 -21.42 -1.91
CA ARG B 306 -15.04 -21.77 -0.77
C ARG B 306 -15.56 -20.53 -0.06
N SER B 307 -16.60 -20.70 0.76
CA SER B 307 -17.17 -19.58 1.48
C SER B 307 -16.40 -19.30 2.77
N SER B 308 -15.62 -20.28 3.20
CA SER B 308 -14.89 -20.14 4.45
C SER B 308 -13.72 -21.13 4.43
N ILE B 309 -12.52 -20.66 4.73
CA ILE B 309 -11.36 -21.54 4.75
C ILE B 309 -10.78 -21.54 6.15
N TYR B 310 -11.19 -22.50 6.96
CA TYR B 310 -10.72 -22.63 8.33
C TYR B 310 -9.21 -22.72 8.41
N ASP B 311 -8.60 -21.85 9.22
CA ASP B 311 -7.15 -21.84 9.40
C ASP B 311 -6.76 -22.68 10.61
N SER B 312 -6.50 -23.97 10.38
CA SER B 312 -6.15 -24.88 11.45
C SER B 312 -5.04 -24.36 12.37
N LYS B 313 -3.84 -24.17 11.83
CA LYS B 313 -2.69 -23.69 12.61
C LYS B 313 -2.94 -22.41 13.41
N ALA B 314 -3.56 -21.42 12.77
CA ALA B 314 -3.84 -20.15 13.44
C ALA B 314 -4.70 -20.39 14.67
N THR B 315 -5.72 -21.21 14.52
CA THR B 315 -6.63 -21.53 15.61
C THR B 315 -5.96 -22.32 16.72
N LEU B 316 -5.49 -23.53 16.40
CA LEU B 316 -4.85 -24.37 17.41
C LEU B 316 -3.75 -23.62 18.15
N GLN B 317 -2.86 -22.96 17.42
CA GLN B 317 -1.76 -22.27 18.07
C GLN B 317 -2.13 -21.07 18.95
N ASN B 318 -3.31 -20.51 18.77
CA ASN B 318 -3.68 -19.33 19.56
C ASN B 318 -4.90 -19.40 20.48
N ASN B 319 -5.06 -20.51 21.18
CA ASN B 319 -6.16 -20.63 22.12
C ASN B 319 -5.62 -20.93 23.51
N LEU B 320 -6.49 -20.85 24.51
CA LEU B 320 -6.09 -21.13 25.89
C LEU B 320 -5.92 -22.62 26.11
N PRO B 321 -4.80 -23.02 26.71
CA PRO B 321 -4.52 -24.44 26.97
C PRO B 321 -5.51 -25.07 27.96
N LYS B 322 -6.13 -26.17 27.56
CA LYS B 322 -7.09 -26.89 28.40
C LYS B 322 -8.46 -26.24 28.55
N GLU B 323 -8.63 -25.05 27.97
CA GLU B 323 -9.92 -24.36 28.05
C GLU B 323 -11.00 -25.30 27.53
N ARG B 324 -12.23 -25.15 28.02
CA ARG B 324 -13.31 -26.04 27.59
C ARG B 324 -14.57 -25.29 27.20
N ARG B 325 -14.48 -23.97 27.09
CA ARG B 325 -15.63 -23.15 26.74
C ARG B 325 -15.35 -21.92 25.88
N PHE B 326 -14.26 -21.22 26.21
CA PHE B 326 -13.86 -19.99 25.53
C PHE B 326 -12.89 -20.28 24.39
N PHE B 327 -13.34 -20.11 23.15
CA PHE B 327 -12.47 -20.40 22.00
C PHE B 327 -12.43 -19.35 20.91
N LYS B 328 -11.37 -19.40 20.11
CA LYS B 328 -11.19 -18.49 18.98
C LYS B 328 -11.06 -19.33 17.71
N ILE B 329 -11.80 -18.96 16.69
CA ILE B 329 -11.75 -19.65 15.41
C ILE B 329 -11.41 -18.68 14.30
N VAL B 330 -10.31 -18.93 13.61
CA VAL B 330 -9.88 -18.08 12.50
C VAL B 330 -10.25 -18.75 11.19
N SER B 331 -10.87 -17.99 10.30
CA SER B 331 -11.25 -18.53 9.00
C SER B 331 -11.19 -17.45 7.92
N TRP B 332 -10.44 -17.74 6.86
CA TRP B 332 -10.29 -16.80 5.75
C TRP B 332 -11.40 -16.95 4.72
N TYR B 333 -11.35 -16.09 3.72
CA TYR B 333 -12.29 -16.08 2.60
C TYR B 333 -11.95 -14.97 1.60
N ASP B 334 -12.11 -15.28 0.33
CA ASP B 334 -11.88 -14.31 -0.72
C ASP B 334 -13.21 -13.57 -0.82
N ASN B 335 -13.37 -12.46 -0.09
CA ASN B 335 -14.64 -11.76 -0.09
C ASN B 335 -15.26 -11.59 -1.47
N GLU B 336 -14.43 -11.54 -2.52
CA GLU B 336 -14.95 -11.39 -3.88
C GLU B 336 -15.30 -12.73 -4.51
N TRP B 337 -14.27 -13.55 -4.73
CA TRP B 337 -14.39 -14.84 -5.38
C TRP B 337 -15.40 -15.89 -4.88
N GLY B 338 -15.24 -16.35 -3.65
CA GLY B 338 -16.14 -17.35 -3.13
C GLY B 338 -17.59 -16.92 -3.18
N TYR B 339 -17.89 -15.79 -2.55
CA TYR B 339 -19.25 -15.29 -2.51
C TYR B 339 -19.90 -15.29 -3.87
N SER B 340 -19.10 -15.04 -4.92
CA SER B 340 -19.61 -15.00 -6.29
C SER B 340 -19.98 -16.40 -6.76
N HIS B 341 -19.19 -17.39 -6.36
CA HIS B 341 -19.48 -18.76 -6.72
C HIS B 341 -20.76 -19.15 -5.98
N ARG B 342 -20.95 -18.63 -4.78
CA ARG B 342 -22.17 -18.94 -4.02
C ARG B 342 -23.42 -18.39 -4.70
N VAL B 343 -23.32 -17.18 -5.26
CA VAL B 343 -24.43 -16.53 -5.95
C VAL B 343 -24.90 -17.45 -7.08
N VAL B 344 -23.95 -18.05 -7.77
CA VAL B 344 -24.26 -18.97 -8.86
C VAL B 344 -24.81 -20.26 -8.28
N ASP B 345 -24.19 -20.72 -7.19
CA ASP B 345 -24.62 -21.95 -6.48
C ASP B 345 -26.07 -21.80 -6.06
N LEU B 346 -26.39 -20.63 -5.51
CA LEU B 346 -27.75 -20.35 -5.06
C LEU B 346 -28.76 -20.35 -6.21
N VAL B 347 -28.46 -19.58 -7.26
CA VAL B 347 -29.36 -19.51 -8.42
C VAL B 347 -29.64 -20.92 -8.93
N ARG B 348 -28.57 -21.68 -9.13
CA ARG B 348 -28.68 -23.05 -9.62
C ARG B 348 -29.62 -23.86 -8.75
N HIS B 349 -29.46 -23.74 -7.44
CA HIS B 349 -30.32 -24.47 -6.50
C HIS B 349 -31.76 -24.04 -6.74
N MET B 350 -31.98 -22.73 -6.74
CA MET B 350 -33.32 -22.18 -6.95
C MET B 350 -33.92 -22.67 -8.25
N ALA B 351 -33.09 -22.79 -9.28
CA ALA B 351 -33.59 -23.27 -10.56
C ALA B 351 -34.14 -24.68 -10.44
N SER B 352 -33.39 -25.57 -9.79
CA SER B 352 -33.87 -26.94 -9.66
C SER B 352 -35.14 -26.98 -8.85
N LYS B 353 -35.17 -26.24 -7.74
CA LYS B 353 -36.33 -26.20 -6.87
C LYS B 353 -37.55 -25.53 -7.50
N ASP B 354 -37.31 -24.69 -8.51
CA ASP B 354 -38.42 -24.03 -9.20
C ASP B 354 -38.92 -24.95 -10.29
N ARG B 355 -38.02 -25.80 -10.79
CA ARG B 355 -38.35 -26.76 -11.84
C ARG B 355 -39.10 -27.96 -11.27
N SER B 356 -38.89 -28.26 -10.00
CA SER B 356 -39.54 -29.39 -9.36
C SER B 356 -40.82 -29.02 -8.62
N ALA B 357 -41.14 -27.73 -8.60
CA ALA B 357 -42.34 -27.26 -7.93
C ALA B 357 -43.55 -27.44 -8.84
N ARG B 358 -43.37 -27.11 -10.11
CA ARG B 358 -44.44 -27.23 -11.10
C ARG B 358 -44.26 -28.52 -11.90
N LEU B 359 -43.31 -29.36 -11.48
CA LEU B 359 -43.02 -30.63 -12.14
C LEU B 359 -42.52 -31.69 -11.16
N MET C 1 -8.30 46.30 4.42
CA MET C 1 -9.67 45.75 4.66
C MET C 1 -9.72 44.26 4.34
N PRO C 2 -10.57 43.50 5.08
CA PRO C 2 -10.72 42.05 4.88
C PRO C 2 -11.27 41.69 3.51
N ILE C 3 -10.87 40.54 3.01
CA ILE C 3 -11.32 40.05 1.71
C ILE C 3 -12.45 39.06 1.94
N LYS C 4 -13.65 39.42 1.50
CA LYS C 4 -14.82 38.56 1.65
C LYS C 4 -14.71 37.38 0.69
N VAL C 5 -14.24 36.24 1.19
CA VAL C 5 -14.09 35.06 0.35
C VAL C 5 -15.18 34.02 0.58
N GLY C 6 -15.43 33.23 -0.45
CA GLY C 6 -16.43 32.18 -0.36
C GLY C 6 -15.84 30.96 -1.04
N ILE C 7 -15.66 29.87 -0.29
CA ILE C 7 -15.10 28.65 -0.87
C ILE C 7 -16.23 27.77 -1.42
N ASN C 8 -16.16 27.45 -2.71
CA ASN C 8 -17.18 26.62 -3.33
C ASN C 8 -16.71 25.16 -3.39
N GLY C 9 -17.46 24.29 -2.72
CA GLY C 9 -17.10 22.87 -2.69
C GLY C 9 -16.01 22.62 -1.67
N PHE C 10 -16.41 22.42 -0.42
CA PHE C 10 -15.47 22.19 0.66
C PHE C 10 -14.98 20.74 0.69
N GLY C 11 -14.23 20.35 -0.33
CA GLY C 11 -13.72 19.00 -0.38
C GLY C 11 -12.27 18.93 0.04
N ARG C 12 -11.54 17.97 -0.51
CA ARG C 12 -10.12 17.79 -0.21
C ARG C 12 -9.35 19.10 -0.37
N ILE C 13 -9.44 19.71 -1.55
CA ILE C 13 -8.74 20.97 -1.81
C ILE C 13 -9.42 22.12 -1.10
N GLY C 14 -10.75 22.10 -1.09
CA GLY C 14 -11.48 23.14 -0.39
C GLY C 14 -10.95 23.27 1.04
N ARG C 15 -10.84 22.16 1.75
CA ARG C 15 -10.36 22.17 3.13
C ARG C 15 -8.89 22.51 3.20
N MET C 16 -8.14 22.18 2.16
CA MET C 16 -6.72 22.50 2.19
C MET C 16 -6.48 23.98 1.90
N VAL C 17 -7.33 24.59 1.09
CA VAL C 17 -7.18 26.00 0.78
C VAL C 17 -7.53 26.76 2.06
N PHE C 18 -8.57 26.31 2.75
CA PHE C 18 -9.00 26.95 3.99
C PHE C 18 -7.92 26.82 5.06
N GLN C 19 -7.31 25.65 5.14
CA GLN C 19 -6.28 25.42 6.13
C GLN C 19 -5.01 26.17 5.77
N ALA C 20 -4.91 26.56 4.50
CA ALA C 20 -3.77 27.32 4.02
C ALA C 20 -3.84 28.69 4.67
N LEU C 21 -5.01 29.32 4.51
CA LEU C 21 -5.33 30.63 5.07
C LEU C 21 -4.93 30.66 6.54
N CYS C 22 -5.49 29.71 7.30
CA CYS C 22 -5.23 29.60 8.73
C CYS C 22 -3.77 29.47 9.06
N GLU C 23 -3.09 28.56 8.36
CA GLU C 23 -1.66 28.36 8.58
C GLU C 23 -0.93 29.69 8.42
N ASP C 24 -1.20 30.38 7.33
CA ASP C 24 -0.57 31.66 7.08
C ASP C 24 -1.12 32.75 8.00
N GLY C 25 -2.25 32.48 8.64
CA GLY C 25 -2.84 33.44 9.56
C GLY C 25 -3.61 34.56 8.89
N LEU C 26 -4.45 34.22 7.93
CA LEU C 26 -5.22 35.23 7.24
C LEU C 26 -6.69 35.19 7.60
N LEU C 27 -7.06 34.40 8.60
CA LEU C 27 -8.47 34.29 9.00
C LEU C 27 -8.92 35.41 9.94
N GLY C 28 -9.98 36.11 9.54
CA GLY C 28 -10.51 37.21 10.34
C GLY C 28 -9.49 38.33 10.43
N THR C 29 -8.49 38.26 9.56
CA THR C 29 -7.41 39.23 9.51
C THR C 29 -7.36 39.83 8.11
N GLU C 30 -6.70 39.12 7.20
CA GLU C 30 -6.56 39.56 5.82
C GLU C 30 -7.69 39.01 4.95
N ILE C 31 -8.11 37.79 5.22
CA ILE C 31 -9.19 37.16 4.46
C ILE C 31 -10.37 36.77 5.34
N ASP C 32 -11.56 37.13 4.90
CA ASP C 32 -12.75 36.80 5.65
C ASP C 32 -13.52 35.72 4.91
N VAL C 33 -13.29 34.46 5.30
CA VAL C 33 -13.99 33.35 4.70
C VAL C 33 -15.39 33.43 5.28
N VAL C 34 -16.31 34.02 4.53
CA VAL C 34 -17.69 34.20 4.96
C VAL C 34 -18.50 32.92 4.92
N ALA C 35 -18.17 32.03 3.98
CA ALA C 35 -18.90 30.77 3.87
C ALA C 35 -18.25 29.77 2.94
N VAL C 36 -18.37 28.49 3.32
CA VAL C 36 -17.87 27.38 2.52
C VAL C 36 -19.14 26.77 1.94
N VAL C 37 -19.02 25.77 1.07
CA VAL C 37 -20.22 25.15 0.50
C VAL C 37 -19.99 23.81 -0.21
N ASP C 38 -20.16 22.72 0.54
CA ASP C 38 -19.98 21.36 0.03
C ASP C 38 -21.34 20.65 -0.07
N MET C 39 -21.32 19.33 0.01
CA MET C 39 -22.55 18.52 -0.09
C MET C 39 -23.64 18.92 0.91
N ASN C 40 -23.40 18.63 2.19
CA ASN C 40 -24.37 18.94 3.22
C ASN C 40 -23.99 20.18 4.02
N THR C 41 -24.72 20.39 5.11
CA THR C 41 -24.50 21.52 5.98
C THR C 41 -24.36 21.05 7.42
N ASP C 42 -23.64 19.94 7.58
CA ASP C 42 -23.42 19.39 8.89
C ASP C 42 -22.07 19.91 9.36
N ALA C 43 -22.09 21.07 10.00
CA ALA C 43 -20.87 21.69 10.48
C ALA C 43 -20.08 20.75 11.39
N GLU C 44 -20.77 19.89 12.12
CA GLU C 44 -20.11 18.94 13.02
C GLU C 44 -19.25 17.98 12.23
N TYR C 45 -19.70 17.63 11.03
CA TYR C 45 -18.97 16.72 10.18
C TYR C 45 -17.80 17.47 9.54
N PHE C 46 -18.06 18.72 9.15
CA PHE C 46 -17.01 19.57 8.56
C PHE C 46 -15.89 19.77 9.56
N ALA C 47 -16.24 19.86 10.83
CA ALA C 47 -15.25 20.05 11.88
C ALA C 47 -14.33 18.84 11.95
N TYR C 48 -14.95 17.67 12.09
CA TYR C 48 -14.22 16.41 12.14
C TYR C 48 -13.24 16.29 10.99
N GLN C 49 -13.72 16.58 9.77
CA GLN C 49 -12.89 16.51 8.57
C GLN C 49 -11.69 17.44 8.62
N MET C 50 -11.91 18.69 9.03
CA MET C 50 -10.81 19.63 9.13
C MET C 50 -9.87 19.22 10.24
N ARG C 51 -10.46 18.81 11.36
CA ARG C 51 -9.72 18.41 12.53
C ARG C 51 -8.74 17.25 12.32
N TYR C 52 -9.18 16.24 11.57
CA TYR C 52 -8.32 15.08 11.33
C TYR C 52 -7.98 14.84 9.87
N ASP C 53 -6.69 14.69 9.58
CA ASP C 53 -6.23 14.45 8.22
C ASP C 53 -5.23 13.29 8.15
N THR C 54 -5.57 12.28 7.35
CA THR C 54 -4.73 11.10 7.19
C THR C 54 -3.28 11.41 6.83
N VAL C 55 -3.06 12.35 5.93
CA VAL C 55 -1.70 12.67 5.55
C VAL C 55 -1.11 13.93 6.18
N HIS C 56 -1.89 14.99 6.27
CA HIS C 56 -1.38 16.26 6.79
C HIS C 56 -1.41 16.50 8.28
N GLY C 57 -1.81 15.51 9.05
CA GLY C 57 -1.83 15.66 10.50
C GLY C 57 -3.05 16.31 11.10
N LYS C 58 -2.96 16.70 12.36
CA LYS C 58 -4.06 17.34 13.05
C LYS C 58 -4.00 18.84 12.87
N PHE C 59 -5.15 19.44 12.54
CA PHE C 59 -5.28 20.89 12.33
C PHE C 59 -4.74 21.58 13.59
N LYS C 60 -3.91 22.61 13.40
CA LYS C 60 -3.31 23.32 14.52
C LYS C 60 -4.27 24.22 15.30
N TYR C 61 -5.33 24.70 14.65
CA TYR C 61 -6.30 25.54 15.32
C TYR C 61 -7.47 24.69 15.75
N GLU C 62 -8.02 24.98 16.93
CA GLU C 62 -9.17 24.22 17.42
C GLU C 62 -10.38 24.60 16.58
N VAL C 63 -11.23 23.61 16.28
CA VAL C 63 -12.44 23.86 15.50
C VAL C 63 -13.67 23.56 16.34
N THR C 64 -14.70 24.39 16.21
CA THR C 64 -15.94 24.19 16.95
C THR C 64 -17.11 24.60 16.08
N THR C 65 -18.31 24.23 16.49
CA THR C 65 -19.51 24.55 15.72
C THR C 65 -20.58 25.27 16.52
N THR C 66 -21.54 25.84 15.83
CA THR C 66 -22.63 26.57 16.46
C THR C 66 -23.77 26.75 15.45
N LYS C 67 -24.90 27.26 15.92
CA LYS C 67 -26.04 27.49 15.05
C LYS C 67 -26.07 28.96 14.60
N SER C 68 -26.58 29.21 13.39
CA SER C 68 -26.67 30.56 12.89
C SER C 68 -27.93 31.17 13.49
N SER C 69 -28.88 30.30 13.82
CA SER C 69 -30.16 30.70 14.41
C SER C 69 -30.62 29.64 15.39
N PRO C 70 -31.12 30.06 16.57
CA PRO C 70 -31.60 29.10 17.58
C PRO C 70 -32.60 28.10 16.99
N SER C 71 -33.22 28.48 15.87
CA SER C 71 -34.20 27.65 15.20
C SER C 71 -33.57 26.71 14.16
N VAL C 72 -32.51 26.02 14.56
CA VAL C 72 -31.82 25.11 13.65
C VAL C 72 -31.61 23.74 14.29
N ALA C 73 -31.67 22.69 13.48
CA ALA C 73 -31.48 21.32 13.96
C ALA C 73 -30.02 21.11 14.34
N LYS C 74 -29.17 20.81 13.35
CA LYS C 74 -27.76 20.60 13.63
C LYS C 74 -26.98 21.88 13.38
N ASP C 75 -25.90 22.07 14.14
CA ASP C 75 -25.04 23.24 13.98
C ASP C 75 -24.81 23.41 12.49
N ASP C 76 -24.94 24.63 12.00
CA ASP C 76 -24.74 24.91 10.59
C ASP C 76 -23.62 25.89 10.39
N THR C 77 -22.97 26.30 11.47
CA THR C 77 -21.88 27.25 11.39
C THR C 77 -20.58 26.74 11.99
N LEU C 78 -19.50 26.93 11.25
CA LEU C 78 -18.16 26.51 11.65
C LEU C 78 -17.46 27.67 12.36
N VAL C 79 -16.73 27.38 13.42
CA VAL C 79 -16.04 28.42 14.17
C VAL C 79 -14.54 28.15 14.31
N VAL C 80 -13.72 28.95 13.62
CA VAL C 80 -12.29 28.79 13.69
C VAL C 80 -11.69 30.06 14.30
N ASN C 81 -11.28 29.96 15.56
CA ASN C 81 -10.69 31.09 16.26
C ASN C 81 -11.46 32.40 16.20
N GLY C 82 -12.65 32.39 16.78
CA GLY C 82 -13.46 33.58 16.78
C GLY C 82 -14.20 33.78 15.48
N HIS C 83 -13.55 33.48 14.36
CA HIS C 83 -14.18 33.66 13.07
C HIS C 83 -15.28 32.62 12.88
N ARG C 84 -16.36 33.01 12.22
CA ARG C 84 -17.48 32.13 12.01
C ARG C 84 -17.73 31.88 10.54
N ILE C 85 -17.51 30.65 10.10
CA ILE C 85 -17.72 30.31 8.70
C ILE C 85 -19.05 29.60 8.58
N LEU C 86 -19.86 30.05 7.63
CA LEU C 86 -21.17 29.46 7.40
C LEU C 86 -21.10 28.36 6.35
N CYS C 87 -21.90 27.32 6.54
CA CYS C 87 -21.96 26.20 5.60
C CYS C 87 -23.30 26.31 4.89
N VAL C 88 -23.30 26.87 3.69
CA VAL C 88 -24.55 27.01 2.95
C VAL C 88 -24.84 25.72 2.21
N LYS C 89 -26.06 25.58 1.70
CA LYS C 89 -26.44 24.39 0.97
C LYS C 89 -25.89 24.44 -0.45
N ALA C 90 -25.19 23.38 -0.85
CA ALA C 90 -24.59 23.30 -2.17
C ALA C 90 -25.57 23.64 -3.29
N GLN C 91 -25.06 23.76 -4.50
CA GLN C 91 -25.89 24.08 -5.65
C GLN C 91 -25.47 23.35 -6.91
N ARG C 92 -26.35 23.39 -7.90
CA ARG C 92 -26.10 22.77 -9.20
C ARG C 92 -25.80 23.90 -10.17
N ASN C 93 -26.33 25.08 -9.84
CA ASN C 93 -26.14 26.26 -10.67
C ASN C 93 -25.55 27.41 -9.85
N PRO C 94 -24.24 27.68 -10.04
CA PRO C 94 -23.53 28.76 -9.34
C PRO C 94 -24.29 30.08 -9.34
N ALA C 95 -25.08 30.29 -10.39
CA ALA C 95 -25.86 31.50 -10.50
C ALA C 95 -26.92 31.56 -9.40
N ASP C 96 -27.08 30.46 -8.68
CA ASP C 96 -28.06 30.39 -7.60
C ASP C 96 -27.48 30.44 -6.20
N LEU C 97 -26.26 30.96 -6.07
CA LEU C 97 -25.63 31.06 -4.77
C LEU C 97 -25.92 32.43 -4.16
N PRO C 98 -26.07 32.49 -2.83
CA PRO C 98 -26.37 33.73 -2.11
C PRO C 98 -25.12 34.60 -1.88
N TRP C 99 -24.14 34.48 -2.76
CA TRP C 99 -22.91 35.26 -2.66
C TRP C 99 -23.19 36.75 -2.40
N GLY C 100 -24.11 37.31 -3.19
CA GLY C 100 -24.46 38.72 -3.05
C GLY C 100 -24.99 39.04 -1.65
N LYS C 101 -25.92 38.23 -1.17
CA LYS C 101 -26.53 38.40 0.14
C LYS C 101 -25.53 38.15 1.26
N LEU C 102 -24.67 37.14 1.07
CA LEU C 102 -23.64 36.79 2.04
C LEU C 102 -22.57 37.88 2.09
N GLY C 103 -22.30 38.51 0.95
CA GLY C 103 -21.29 39.55 0.89
C GLY C 103 -19.96 39.07 0.37
N VAL C 104 -19.99 37.96 -0.36
CA VAL C 104 -18.79 37.36 -0.94
C VAL C 104 -18.46 37.95 -2.32
N GLU C 105 -17.22 38.39 -2.50
CA GLU C 105 -16.77 38.96 -3.77
C GLU C 105 -15.75 38.06 -4.49
N TYR C 106 -15.02 37.26 -3.74
CA TYR C 106 -14.04 36.35 -4.32
C TYR C 106 -14.41 34.91 -4.00
N VAL C 107 -14.75 34.11 -5.00
CA VAL C 107 -15.06 32.71 -4.70
C VAL C 107 -13.99 31.79 -5.28
N ILE C 108 -13.59 30.80 -4.49
CA ILE C 108 -12.59 29.84 -4.91
C ILE C 108 -13.41 28.65 -5.41
N GLU C 109 -13.48 28.48 -6.72
CA GLU C 109 -14.25 27.42 -7.33
C GLU C 109 -13.47 26.10 -7.29
N SER C 110 -13.74 25.27 -6.29
CA SER C 110 -13.03 23.99 -6.17
C SER C 110 -13.92 22.76 -6.14
N THR C 111 -15.10 22.85 -6.76
CA THR C 111 -15.98 21.68 -6.79
C THR C 111 -15.37 20.70 -7.78
N GLY C 112 -15.02 21.22 -8.94
CA GLY C 112 -14.45 20.41 -10.00
C GLY C 112 -15.49 20.26 -11.11
N LEU C 113 -16.67 20.80 -10.84
CA LEU C 113 -17.77 20.73 -11.77
C LEU C 113 -18.04 22.07 -12.46
N PHE C 114 -17.12 23.02 -12.31
CA PHE C 114 -17.32 24.33 -12.93
C PHE C 114 -16.06 24.96 -13.50
N THR C 115 -15.21 24.13 -14.08
CA THR C 115 -13.96 24.59 -14.68
C THR C 115 -14.16 25.34 -16.00
N ALA C 116 -15.38 25.29 -16.54
CA ALA C 116 -15.69 25.97 -17.80
C ALA C 116 -15.89 27.46 -17.54
N LYS C 117 -15.08 28.28 -18.20
CA LYS C 117 -15.13 29.73 -18.09
C LYS C 117 -16.51 30.27 -17.76
N ALA C 118 -17.48 29.98 -18.63
CA ALA C 118 -18.86 30.43 -18.47
C ALA C 118 -19.62 29.75 -17.33
N ALA C 119 -19.20 28.54 -16.99
CA ALA C 119 -19.84 27.80 -15.91
C ALA C 119 -19.45 28.46 -14.59
N ALA C 120 -18.19 28.86 -14.49
CA ALA C 120 -17.66 29.51 -13.29
C ALA C 120 -18.16 30.95 -13.21
N GLU C 121 -18.44 31.56 -14.36
CA GLU C 121 -18.94 32.93 -14.40
C GLU C 121 -20.32 33.03 -13.76
N GLY C 122 -20.90 31.88 -13.45
CA GLY C 122 -22.20 31.87 -12.83
C GLY C 122 -22.12 32.48 -11.43
N HIS C 123 -20.96 32.33 -10.80
CA HIS C 123 -20.71 32.87 -9.47
C HIS C 123 -20.82 34.38 -9.46
N LEU C 124 -20.59 34.98 -10.63
CA LEU C 124 -20.65 36.43 -10.77
C LEU C 124 -22.10 36.91 -10.60
N ARG C 125 -23.03 36.19 -11.21
CA ARG C 125 -24.44 36.54 -11.10
C ARG C 125 -24.82 36.42 -9.64
N GLY C 126 -24.35 35.33 -9.02
CA GLY C 126 -24.63 35.10 -7.62
C GLY C 126 -24.23 36.29 -6.77
N GLY C 127 -23.45 37.20 -7.33
CA GLY C 127 -23.03 38.37 -6.60
C GLY C 127 -21.53 38.51 -6.41
N ALA C 128 -20.77 37.50 -6.78
CA ALA C 128 -19.31 37.57 -6.63
C ALA C 128 -18.71 38.45 -7.74
N ARG C 129 -17.48 38.91 -7.54
CA ARG C 129 -16.83 39.76 -8.51
C ARG C 129 -15.65 39.07 -9.19
N LYS C 130 -15.04 38.14 -8.48
CA LYS C 130 -13.91 37.40 -9.02
C LYS C 130 -14.03 35.94 -8.62
N VAL C 131 -13.56 35.06 -9.50
CA VAL C 131 -13.58 33.62 -9.24
C VAL C 131 -12.21 33.04 -9.59
N VAL C 132 -11.76 32.10 -8.78
CA VAL C 132 -10.47 31.43 -8.99
C VAL C 132 -10.72 29.93 -9.08
N ILE C 133 -10.51 29.37 -10.25
CA ILE C 133 -10.71 27.94 -10.43
C ILE C 133 -9.44 27.23 -9.96
N SER C 134 -9.61 26.32 -9.00
CA SER C 134 -8.47 25.58 -8.44
C SER C 134 -8.08 24.41 -9.35
N ALA C 135 -8.08 24.66 -10.65
CA ALA C 135 -7.74 23.64 -11.64
C ALA C 135 -7.73 24.24 -13.05
N PRO C 136 -7.16 23.51 -14.02
CA PRO C 136 -7.12 24.01 -15.39
C PRO C 136 -8.54 24.33 -15.92
N ALA C 137 -8.70 25.50 -16.51
CA ALA C 137 -10.00 25.90 -17.02
C ALA C 137 -10.11 25.73 -18.54
N SER C 138 -11.22 26.21 -19.09
CA SER C 138 -11.47 26.18 -20.53
C SER C 138 -12.41 27.37 -20.76
N GLY C 139 -12.34 27.96 -21.94
CA GLY C 139 -13.21 29.10 -22.21
C GLY C 139 -12.47 30.43 -22.13
N GLY C 140 -11.22 30.42 -22.58
CA GLY C 140 -10.44 31.64 -22.56
C GLY C 140 -10.19 32.21 -21.18
N ALA C 141 -10.42 31.41 -20.14
CA ALA C 141 -10.17 31.90 -18.79
C ALA C 141 -8.66 32.09 -18.66
N LYS C 142 -8.26 33.21 -18.07
CA LYS C 142 -6.86 33.56 -17.88
C LYS C 142 -6.21 32.61 -16.87
N THR C 143 -5.07 32.05 -17.23
CA THR C 143 -4.36 31.15 -16.33
C THR C 143 -3.19 31.88 -15.71
N LEU C 144 -3.09 31.83 -14.38
CA LEU C 144 -2.03 32.51 -13.66
C LEU C 144 -1.26 31.57 -12.75
N VAL C 145 0.06 31.66 -12.78
CA VAL C 145 0.90 30.82 -11.93
C VAL C 145 1.82 31.71 -11.10
N MET C 146 1.61 31.68 -9.78
CA MET C 146 2.39 32.48 -8.84
C MET C 146 3.90 32.34 -9.00
N GLY C 147 4.58 33.48 -9.10
CA GLY C 147 6.02 33.47 -9.24
C GLY C 147 6.45 33.25 -10.68
N VAL C 148 5.49 33.26 -11.60
CA VAL C 148 5.79 33.04 -13.02
C VAL C 148 5.11 34.05 -13.93
N ASN C 149 3.83 34.31 -13.69
CA ASN C 149 3.10 35.25 -14.54
C ASN C 149 1.88 35.85 -13.85
N HIS C 150 1.79 35.73 -12.53
CA HIS C 150 0.63 36.27 -11.84
C HIS C 150 0.49 37.78 -11.99
N HIS C 151 1.56 38.44 -12.40
CA HIS C 151 1.51 39.89 -12.60
C HIS C 151 0.77 40.27 -13.87
N GLU C 152 0.56 39.32 -14.76
CA GLU C 152 -0.16 39.62 -15.99
C GLU C 152 -1.61 39.81 -15.62
N TYR C 153 -1.99 39.41 -14.41
CA TYR C 153 -3.36 39.53 -13.97
C TYR C 153 -3.85 40.94 -14.24
N ASN C 154 -5.04 41.06 -14.80
CA ASN C 154 -5.59 42.37 -15.12
C ASN C 154 -6.97 42.55 -14.49
N PRO C 155 -7.06 43.41 -13.46
CA PRO C 155 -8.28 43.73 -12.71
C PRO C 155 -9.54 44.00 -13.51
N SER C 156 -9.41 44.65 -14.65
CA SER C 156 -10.57 44.98 -15.45
C SER C 156 -10.93 43.99 -16.54
N GLU C 157 -10.02 43.07 -16.86
CA GLU C 157 -10.27 42.08 -17.91
C GLU C 157 -10.51 40.69 -17.35
N HIS C 158 -9.74 40.34 -16.32
CA HIS C 158 -9.80 39.01 -15.71
C HIS C 158 -10.69 38.95 -14.47
N HIS C 159 -11.87 38.38 -14.63
CA HIS C 159 -12.81 38.23 -13.52
C HIS C 159 -12.97 36.76 -13.15
N VAL C 160 -12.63 35.88 -14.10
CA VAL C 160 -12.67 34.43 -13.88
C VAL C 160 -11.34 33.91 -14.40
N VAL C 161 -10.47 33.50 -13.47
CA VAL C 161 -9.14 33.01 -13.82
C VAL C 161 -8.79 31.68 -13.15
N SER C 162 -7.79 31.01 -13.70
CA SER C 162 -7.33 29.71 -13.19
C SER C 162 -5.94 29.74 -12.57
N ASN C 163 -5.77 29.04 -11.45
CA ASN C 163 -4.47 28.97 -10.80
C ASN C 163 -3.74 27.82 -11.46
N ALA C 164 -4.39 27.22 -12.45
CA ALA C 164 -3.86 26.10 -13.22
C ALA C 164 -3.93 24.80 -12.44
N SER C 165 -2.97 23.92 -12.68
CA SER C 165 -2.94 22.63 -11.99
C SER C 165 -1.71 22.47 -11.11
N CYS C 166 -1.78 21.49 -10.21
CA CYS C 166 -0.70 21.21 -9.27
C CYS C 166 0.61 20.93 -9.99
N THR C 167 0.52 20.15 -11.06
CA THR C 167 1.69 19.79 -11.85
C THR C 167 2.19 20.99 -12.64
N THR C 168 1.30 21.80 -13.17
CA THR C 168 1.72 22.97 -13.92
C THR C 168 2.49 23.90 -12.99
N ASN C 169 1.97 24.09 -11.77
CA ASN C 169 2.62 24.97 -10.79
C ASN C 169 3.92 24.41 -10.28
N CYS C 170 4.24 23.18 -10.67
CA CYS C 170 5.48 22.57 -10.22
C CYS C 170 6.51 22.62 -11.34
N LEU C 171 6.03 22.43 -12.56
CA LEU C 171 6.87 22.45 -13.74
C LEU C 171 7.20 23.88 -14.15
N ALA C 172 6.16 24.70 -14.28
CA ALA C 172 6.29 26.11 -14.67
C ALA C 172 7.48 26.83 -14.03
N PRO C 173 7.60 26.79 -12.69
CA PRO C 173 8.73 27.46 -12.04
C PRO C 173 10.12 26.99 -12.51
N ILE C 174 10.22 25.78 -13.02
CA ILE C 174 11.51 25.30 -13.51
C ILE C 174 11.74 25.82 -14.94
N VAL C 175 10.74 25.65 -15.80
CA VAL C 175 10.85 26.13 -17.17
C VAL C 175 11.10 27.64 -17.12
N HIS C 176 10.40 28.34 -16.22
CA HIS C 176 10.56 29.78 -16.08
C HIS C 176 12.00 30.19 -15.73
N VAL C 177 12.61 29.50 -14.77
CA VAL C 177 13.99 29.81 -14.42
C VAL C 177 14.85 29.56 -15.65
N LEU C 178 14.62 28.42 -16.31
CA LEU C 178 15.39 28.07 -17.50
C LEU C 178 15.35 29.14 -18.58
N VAL C 179 14.16 29.63 -18.92
CA VAL C 179 14.04 30.65 -19.95
C VAL C 179 14.52 32.03 -19.49
N LYS C 180 14.11 32.43 -18.30
CA LYS C 180 14.53 33.71 -17.78
C LYS C 180 16.07 33.77 -17.57
N GLU C 181 16.69 32.66 -17.23
CA GLU C 181 18.14 32.64 -17.02
C GLU C 181 18.92 32.50 -18.33
N GLY C 182 18.22 32.46 -19.46
CA GLY C 182 18.92 32.34 -20.73
C GLY C 182 19.32 30.95 -21.22
N PHE C 183 19.04 29.90 -20.45
CA PHE C 183 19.36 28.54 -20.86
C PHE C 183 18.50 28.21 -22.07
N GLY C 184 17.22 28.55 -21.98
CA GLY C 184 16.29 28.30 -23.07
C GLY C 184 15.74 26.88 -23.11
N VAL C 185 14.65 26.71 -23.84
CA VAL C 185 14.01 25.41 -23.98
C VAL C 185 13.62 25.18 -25.44
N GLN C 186 14.37 24.31 -26.12
CA GLN C 186 14.06 24.01 -27.51
C GLN C 186 12.84 23.06 -27.54
N THR C 187 12.97 21.91 -26.90
CA THR C 187 11.89 20.94 -26.82
C THR C 187 12.02 20.20 -25.50
N GLY C 188 10.88 19.88 -24.89
CA GLY C 188 10.92 19.18 -23.63
C GLY C 188 9.80 18.18 -23.40
N LEU C 189 10.15 17.08 -22.75
CA LEU C 189 9.19 16.04 -22.43
C LEU C 189 9.26 15.82 -20.92
N MET C 190 8.11 15.79 -20.26
CA MET C 190 8.09 15.58 -18.82
C MET C 190 7.18 14.44 -18.40
N THR C 191 7.54 13.80 -17.29
CA THR C 191 6.75 12.71 -16.70
C THR C 191 6.56 13.10 -15.25
N THR C 192 5.41 12.76 -14.67
CA THR C 192 5.20 13.06 -13.27
C THR C 192 4.76 11.82 -12.48
N ILE C 193 5.64 11.30 -11.64
CA ILE C 193 5.29 10.15 -10.81
C ILE C 193 4.33 10.78 -9.81
N HIS C 194 3.03 10.58 -10.03
CA HIS C 194 2.00 11.19 -9.21
C HIS C 194 1.22 10.29 -8.25
N SER C 195 1.04 10.75 -7.02
CA SER C 195 0.29 9.96 -6.05
C SER C 195 -1.20 9.99 -6.42
N TYR C 196 -1.90 8.88 -6.23
CA TYR C 196 -3.33 8.81 -6.57
C TYR C 196 -4.17 9.89 -5.87
N THR C 197 -5.28 10.26 -6.50
CA THR C 197 -6.18 11.29 -5.97
C THR C 197 -7.63 10.78 -5.85
N ALA C 198 -8.52 11.66 -5.41
CA ALA C 198 -9.93 11.35 -5.23
C ALA C 198 -10.67 10.82 -6.47
N THR C 199 -10.18 11.16 -7.66
CA THR C 199 -10.80 10.72 -8.92
C THR C 199 -10.58 9.24 -9.15
N GLN C 200 -9.49 8.71 -8.60
CA GLN C 200 -9.18 7.30 -8.75
C GLN C 200 -10.04 6.40 -7.84
N LYS C 201 -9.92 5.09 -8.03
CA LYS C 201 -10.70 4.14 -7.22
C LYS C 201 -9.90 3.15 -6.37
N THR C 202 -10.56 2.65 -5.34
CA THR C 202 -9.95 1.69 -4.43
C THR C 202 -9.79 0.32 -5.09
N VAL C 203 -10.81 -0.13 -5.82
CA VAL C 203 -10.76 -1.40 -6.53
C VAL C 203 -11.22 -1.15 -7.97
N ASP C 204 -10.93 -2.09 -8.88
CA ASP C 204 -11.30 -1.94 -10.29
C ASP C 204 -12.75 -1.53 -10.48
N GLY C 205 -12.98 -0.35 -11.04
CA GLY C 205 -14.33 0.12 -11.26
C GLY C 205 -14.56 0.91 -12.54
N VAL C 206 -15.83 1.20 -12.85
CA VAL C 206 -16.19 1.95 -14.06
C VAL C 206 -15.67 3.40 -14.10
N SER C 207 -15.02 3.74 -15.21
CA SER C 207 -14.46 5.07 -15.43
C SER C 207 -14.32 5.28 -16.94
N VAL C 208 -15.44 5.59 -17.60
CA VAL C 208 -15.46 5.77 -19.04
C VAL C 208 -14.57 6.87 -19.62
N LYS C 209 -14.18 7.85 -18.81
CA LYS C 209 -13.33 8.93 -19.30
C LYS C 209 -11.84 8.64 -19.18
N ASP C 210 -11.50 7.50 -18.59
CA ASP C 210 -10.11 7.14 -18.39
C ASP C 210 -10.08 5.69 -17.94
N TRP C 211 -10.03 4.76 -18.89
CA TRP C 211 -10.03 3.35 -18.54
C TRP C 211 -8.96 2.93 -17.51
N ARG C 212 -7.71 3.32 -17.72
CA ARG C 212 -6.64 2.97 -16.78
C ARG C 212 -6.91 3.56 -15.39
N GLY C 213 -7.52 4.73 -15.35
CA GLY C 213 -7.83 5.38 -14.07
C GLY C 213 -8.89 4.73 -13.19
N GLY C 214 -9.59 3.74 -13.71
CA GLY C 214 -10.61 3.08 -12.90
C GLY C 214 -10.07 1.86 -12.16
N ARG C 215 -8.85 1.48 -12.48
CA ARG C 215 -8.23 0.33 -11.87
C ARG C 215 -7.78 0.62 -10.44
N ALA C 216 -7.78 -0.42 -9.60
CA ALA C 216 -7.38 -0.32 -8.19
C ALA C 216 -6.13 0.56 -8.08
N ALA C 217 -6.32 1.75 -7.53
CA ALA C 217 -5.24 2.72 -7.38
C ALA C 217 -4.07 2.38 -6.47
N ALA C 218 -4.35 1.96 -5.25
CA ALA C 218 -3.29 1.66 -4.29
C ALA C 218 -2.47 0.41 -4.56
N VAL C 219 -2.71 -0.26 -5.68
CA VAL C 219 -1.96 -1.46 -6.01
C VAL C 219 -1.56 -1.48 -7.48
N ASN C 220 -1.44 -0.29 -8.08
CA ASN C 220 -1.09 -0.16 -9.49
C ASN C 220 -0.32 1.11 -9.86
N ILE C 221 0.44 1.00 -10.95
CA ILE C 221 1.17 2.12 -11.52
C ILE C 221 0.31 2.40 -12.73
N ILE C 222 -0.49 3.46 -12.67
CA ILE C 222 -1.42 3.80 -13.72
C ILE C 222 -0.99 4.97 -14.60
N PRO C 223 -0.71 4.70 -15.87
CA PRO C 223 -0.30 5.79 -16.78
C PRO C 223 -1.46 6.70 -17.17
N SER C 224 -1.15 7.94 -17.53
CA SER C 224 -2.18 8.91 -17.92
C SER C 224 -1.59 10.07 -18.69
N THR C 225 -2.32 10.56 -19.68
CA THR C 225 -1.86 11.72 -20.43
C THR C 225 -2.18 12.91 -19.54
N THR C 226 -1.46 14.00 -19.72
CA THR C 226 -1.68 15.19 -18.91
C THR C 226 -1.49 16.41 -19.80
N GLY C 227 -2.19 17.49 -19.49
CA GLY C 227 -2.05 18.68 -20.29
C GLY C 227 -1.22 19.72 -19.56
N ALA C 228 -0.66 19.29 -18.43
CA ALA C 228 0.16 20.15 -17.58
C ALA C 228 1.34 20.79 -18.30
N ALA C 229 2.17 19.98 -18.94
CA ALA C 229 3.35 20.51 -19.65
C ALA C 229 2.95 21.37 -20.84
N LYS C 230 1.80 21.06 -21.43
CA LYS C 230 1.33 21.82 -22.58
C LYS C 230 0.68 23.12 -22.11
N ALA C 231 0.29 23.18 -20.84
CA ALA C 231 -0.33 24.36 -20.25
C ALA C 231 0.75 25.35 -19.84
N VAL C 232 1.99 24.88 -19.80
CA VAL C 232 3.12 25.74 -19.46
C VAL C 232 3.14 26.85 -20.50
N GLY C 233 2.80 26.49 -21.73
CA GLY C 233 2.79 27.44 -22.83
C GLY C 233 1.89 28.64 -22.59
N MET C 234 0.74 28.41 -21.96
CA MET C 234 -0.18 29.48 -21.64
C MET C 234 0.49 30.52 -20.73
N VAL C 235 1.28 30.03 -19.79
CA VAL C 235 1.97 30.87 -18.83
C VAL C 235 3.33 31.38 -19.30
N ILE C 236 3.96 30.64 -20.20
CA ILE C 236 5.26 31.04 -20.74
C ILE C 236 5.21 30.87 -22.26
N PRO C 237 4.43 31.72 -22.95
CA PRO C 237 4.24 31.71 -24.39
C PRO C 237 5.44 31.29 -25.25
N SER C 238 6.65 31.55 -24.78
CA SER C 238 7.83 31.17 -25.55
C SER C 238 8.00 29.66 -25.67
N THR C 239 7.43 28.91 -24.75
CA THR C 239 7.54 27.46 -24.77
C THR C 239 6.26 26.82 -25.25
N GLN C 240 5.52 27.55 -26.08
CA GLN C 240 4.26 27.04 -26.60
C GLN C 240 4.53 26.03 -27.69
N GLY C 241 3.97 24.83 -27.54
CA GLY C 241 4.15 23.78 -28.54
C GLY C 241 5.50 23.09 -28.48
N LYS C 242 6.26 23.38 -27.43
CA LYS C 242 7.59 22.81 -27.26
C LYS C 242 7.65 21.75 -26.17
N LEU C 243 6.59 21.66 -25.38
CA LEU C 243 6.57 20.70 -24.29
C LEU C 243 5.29 19.89 -24.26
N THR C 244 5.35 18.75 -23.57
CA THR C 244 4.22 17.87 -23.40
C THR C 244 4.70 16.81 -22.43
N GLY C 245 3.80 16.01 -21.90
CA GLY C 245 4.23 14.99 -20.97
C GLY C 245 3.11 14.15 -20.42
N MET C 246 3.49 13.06 -19.75
CA MET C 246 2.53 12.13 -19.15
C MET C 246 2.65 12.05 -17.64
N SER C 247 1.84 11.17 -17.07
CA SER C 247 1.82 10.95 -15.64
C SER C 247 1.62 9.49 -15.32
N PHE C 248 2.34 9.03 -14.31
CA PHE C 248 2.24 7.67 -13.84
C PHE C 248 1.71 7.76 -12.43
N ARG C 249 0.41 7.55 -12.28
CA ARG C 249 -0.21 7.58 -10.97
C ARG C 249 0.28 6.33 -10.25
N VAL C 250 0.91 6.52 -9.09
CA VAL C 250 1.47 5.42 -8.30
C VAL C 250 0.88 5.35 -6.89
N PRO C 251 1.09 4.22 -6.19
CA PRO C 251 0.57 3.99 -4.84
C PRO C 251 1.01 4.79 -3.60
N THR C 252 0.83 6.12 -3.64
CA THR C 252 1.12 6.97 -2.47
C THR C 252 -0.05 7.97 -2.39
N PRO C 253 -0.53 8.27 -1.18
CA PRO C 253 -1.65 9.21 -0.99
C PRO C 253 -1.42 10.69 -1.25
N ASP C 254 -0.17 11.12 -1.24
CA ASP C 254 0.15 12.54 -1.45
C ASP C 254 1.63 12.75 -1.73
N VAL C 255 1.91 13.83 -2.46
CA VAL C 255 3.24 14.22 -2.89
C VAL C 255 3.54 13.54 -4.22
N SER C 256 4.09 14.32 -5.14
CA SER C 256 4.44 13.81 -6.44
C SER C 256 5.78 14.41 -6.81
N VAL C 257 6.25 14.18 -8.03
CA VAL C 257 7.54 14.70 -8.44
C VAL C 257 7.63 14.81 -9.96
N VAL C 258 8.18 15.92 -10.42
CA VAL C 258 8.34 16.17 -11.85
C VAL C 258 9.68 15.65 -12.37
N ASP C 259 9.62 14.99 -13.51
CA ASP C 259 10.79 14.42 -14.16
C ASP C 259 10.88 15.09 -15.53
N LEU C 260 11.63 16.19 -15.60
CA LEU C 260 11.76 16.92 -16.86
C LEU C 260 13.02 16.59 -17.69
N THR C 261 12.80 16.38 -18.99
CA THR C 261 13.89 16.10 -19.91
C THR C 261 13.69 17.05 -21.08
N PHE C 262 14.70 17.85 -21.35
CA PHE C 262 14.59 18.83 -22.42
C PHE C 262 15.96 19.08 -23.06
N THR C 263 15.96 19.88 -24.13
CA THR C 263 17.18 20.26 -24.82
C THR C 263 17.28 21.78 -24.71
N ALA C 264 18.31 22.26 -24.01
CA ALA C 264 18.51 23.69 -23.83
C ALA C 264 18.63 24.37 -25.17
N ALA C 265 18.35 25.67 -25.20
CA ALA C 265 18.41 26.45 -26.43
C ALA C 265 19.86 26.74 -26.81
N ARG C 266 20.73 26.85 -25.80
CA ARG C 266 22.14 27.11 -26.03
C ARG C 266 22.93 26.06 -25.26
N ASP C 267 24.23 25.97 -25.51
CA ASP C 267 25.05 24.98 -24.81
C ASP C 267 25.30 25.41 -23.37
N THR C 268 25.23 24.46 -22.45
CA THR C 268 25.44 24.73 -21.03
C THR C 268 25.99 23.48 -20.37
N SER C 269 25.74 23.36 -19.08
CA SER C 269 26.18 22.21 -18.30
C SER C 269 25.12 21.98 -17.22
N ILE C 270 25.07 20.78 -16.66
CA ILE C 270 24.09 20.54 -15.63
C ILE C 270 24.44 21.37 -14.39
N GLN C 271 25.75 21.49 -14.09
CA GLN C 271 26.20 22.28 -12.94
C GLN C 271 25.66 23.69 -13.04
N GLU C 272 25.66 24.22 -14.25
CA GLU C 272 25.19 25.58 -14.50
C GLU C 272 23.71 25.71 -14.17
N ILE C 273 22.91 24.75 -14.64
CA ILE C 273 21.48 24.76 -14.40
C ILE C 273 21.20 24.60 -12.90
N ASP C 274 21.93 23.68 -12.27
CA ASP C 274 21.78 23.42 -10.85
C ASP C 274 22.00 24.69 -10.06
N ALA C 275 23.02 25.45 -10.43
CA ALA C 275 23.34 26.69 -9.75
C ALA C 275 22.31 27.79 -10.03
N ALA C 276 21.74 27.78 -11.23
CA ALA C 276 20.75 28.79 -11.58
C ALA C 276 19.44 28.55 -10.85
N LEU C 277 19.15 27.27 -10.59
CA LEU C 277 17.92 26.92 -9.88
C LEU C 277 17.99 27.34 -8.42
N LYS C 278 19.09 26.97 -7.75
CA LYS C 278 19.28 27.33 -6.36
C LYS C 278 19.31 28.84 -6.15
N ARG C 279 19.99 29.55 -7.04
CA ARG C 279 20.09 31.00 -6.93
C ARG C 279 18.75 31.71 -6.98
N ALA C 280 17.85 31.19 -7.80
CA ALA C 280 16.53 31.81 -7.94
C ALA C 280 15.62 31.42 -6.79
N SER C 281 15.86 30.24 -6.22
CA SER C 281 15.03 29.78 -5.12
C SER C 281 15.25 30.72 -3.93
N LYS C 282 16.44 31.33 -3.88
CA LYS C 282 16.80 32.25 -2.80
C LYS C 282 16.49 33.70 -3.16
N THR C 283 16.13 33.95 -4.42
CA THR C 283 15.83 35.29 -4.88
C THR C 283 14.43 35.51 -5.45
N TYR C 284 14.32 35.64 -6.76
CA TYR C 284 13.02 35.91 -7.38
C TYR C 284 11.97 34.79 -7.32
N MET C 285 12.39 33.58 -6.95
CA MET C 285 11.44 32.46 -6.87
C MET C 285 11.21 32.02 -5.42
N LYS C 286 11.88 32.70 -4.48
CA LYS C 286 11.75 32.40 -3.05
C LYS C 286 10.29 32.15 -2.68
N GLY C 287 10.04 31.06 -1.95
CA GLY C 287 8.69 30.72 -1.54
C GLY C 287 7.89 29.98 -2.60
N ILE C 288 8.40 29.95 -3.83
CA ILE C 288 7.72 29.26 -4.92
C ILE C 288 8.56 28.05 -5.29
N LEU C 289 9.79 28.31 -5.71
CA LEU C 289 10.71 27.24 -6.03
C LEU C 289 11.67 27.11 -4.86
N GLY C 290 11.94 25.89 -4.46
CA GLY C 290 12.88 25.66 -3.38
C GLY C 290 13.72 24.53 -3.88
N TYR C 291 14.64 24.05 -3.07
CA TYR C 291 15.45 22.92 -3.48
C TYR C 291 15.98 22.21 -2.27
N THR C 292 16.73 21.14 -2.52
CA THR C 292 17.31 20.35 -1.46
C THR C 292 18.47 19.56 -2.03
N ASP C 293 19.46 19.27 -1.20
CA ASP C 293 20.60 18.48 -1.62
C ASP C 293 20.75 17.31 -0.66
N GLU C 294 19.63 16.96 -0.02
CA GLU C 294 19.61 15.83 0.91
C GLU C 294 18.91 14.63 0.24
N GLU C 295 19.21 13.42 0.72
CA GLU C 295 18.61 12.21 0.17
C GLU C 295 17.17 12.06 0.64
N LEU C 296 16.28 12.94 0.21
CA LEU C 296 14.88 12.85 0.65
C LEU C 296 14.00 11.91 -0.16
N VAL C 297 12.84 11.56 0.38
CA VAL C 297 11.87 10.69 -0.30
C VAL C 297 10.50 11.30 -0.07
N SER C 298 9.61 11.08 -1.03
CA SER C 298 8.26 11.66 -1.00
C SER C 298 7.71 12.12 0.35
N ALA C 299 7.73 11.26 1.36
CA ALA C 299 7.20 11.65 2.67
C ALA C 299 7.84 12.92 3.26
N ASP C 300 9.07 13.21 2.87
CA ASP C 300 9.74 14.39 3.42
C ASP C 300 9.23 15.70 2.83
N PHE C 301 8.36 15.64 1.83
CA PHE C 301 7.87 16.86 1.24
C PHE C 301 6.46 17.17 1.67
N ILE C 302 5.92 16.29 2.50
CA ILE C 302 4.57 16.48 3.02
C ILE C 302 4.50 17.80 3.78
N ASN C 303 3.50 18.62 3.45
CA ASN C 303 3.29 19.91 4.08
C ASN C 303 4.27 21.00 3.68
N ASP C 304 4.93 20.82 2.55
CA ASP C 304 5.87 21.84 2.06
C ASP C 304 5.01 22.77 1.22
N ASN C 305 5.16 24.08 1.41
CA ASN C 305 4.36 25.04 0.69
C ASN C 305 4.94 25.52 -0.63
N ARG C 306 6.17 25.13 -0.95
CA ARG C 306 6.73 25.56 -2.22
C ARG C 306 5.92 24.90 -3.33
N SER C 307 5.94 25.50 -4.50
CA SER C 307 5.20 24.96 -5.63
C SER C 307 6.04 23.88 -6.30
N SER C 308 7.34 23.97 -6.12
CA SER C 308 8.26 23.04 -6.72
C SER C 308 9.53 22.94 -5.88
N ILE C 309 9.94 21.72 -5.56
CA ILE C 309 11.14 21.53 -4.77
C ILE C 309 12.18 20.75 -5.60
N TYR C 310 13.06 21.51 -6.24
CA TYR C 310 14.13 20.97 -7.07
C TYR C 310 14.98 20.01 -6.22
N ASP C 311 15.31 18.85 -6.79
CA ASP C 311 16.07 17.82 -6.11
C ASP C 311 17.48 17.82 -6.68
N SER C 312 18.32 18.72 -6.17
CA SER C 312 19.70 18.87 -6.60
C SER C 312 20.47 17.57 -6.76
N LYS C 313 20.49 16.75 -5.71
CA LYS C 313 21.25 15.50 -5.77
C LYS C 313 20.73 14.47 -6.77
N ALA C 314 19.43 14.44 -7.00
CA ALA C 314 18.86 13.49 -7.96
C ALA C 314 19.14 14.00 -9.37
N THR C 315 19.26 15.33 -9.49
CA THR C 315 19.53 15.96 -10.77
C THR C 315 21.02 15.83 -11.11
N LEU C 316 21.88 16.29 -10.21
CA LEU C 316 23.31 16.25 -10.44
C LEU C 316 23.87 14.84 -10.60
N GLN C 317 23.17 13.84 -10.08
CA GLN C 317 23.64 12.47 -10.16
C GLN C 317 23.14 11.64 -11.34
N ASN C 318 22.11 12.11 -12.02
CA ASN C 318 21.52 11.34 -13.12
C ASN C 318 21.46 11.99 -14.50
N ASN C 319 22.47 12.77 -14.85
CA ASN C 319 22.51 13.39 -16.17
C ASN C 319 23.75 12.87 -16.88
N LEU C 320 23.89 13.17 -18.16
CA LEU C 320 25.06 12.71 -18.89
C LEU C 320 26.25 13.59 -18.50
N PRO C 321 27.40 12.98 -18.25
CA PRO C 321 28.58 13.78 -17.87
C PRO C 321 29.09 14.59 -19.05
N LYS C 322 29.42 15.86 -18.81
CA LYS C 322 29.92 16.75 -19.86
C LYS C 322 28.88 17.14 -20.92
N GLU C 323 27.64 16.72 -20.71
CA GLU C 323 26.56 17.02 -21.65
C GLU C 323 26.24 18.51 -21.70
N ARG C 324 26.06 19.03 -22.91
CA ARG C 324 25.79 20.45 -23.06
C ARG C 324 24.35 20.85 -23.41
N ARG C 325 23.51 19.88 -23.77
CA ARG C 325 22.13 20.22 -24.12
C ARG C 325 21.02 19.30 -23.60
N PHE C 326 21.21 17.99 -23.72
CA PHE C 326 20.22 17.01 -23.28
C PHE C 326 20.26 16.88 -21.76
N PHE C 327 19.25 17.43 -21.09
CA PHE C 327 19.21 17.41 -19.64
C PHE C 327 17.94 16.84 -19.00
N LYS C 328 18.05 16.56 -17.70
CA LYS C 328 16.95 16.03 -16.90
C LYS C 328 16.94 16.79 -15.59
N ILE C 329 15.78 17.31 -15.21
CA ILE C 329 15.67 18.03 -13.94
C ILE C 329 14.58 17.31 -13.16
N VAL C 330 14.79 17.12 -11.87
CA VAL C 330 13.81 16.45 -11.03
C VAL C 330 13.34 17.42 -9.97
N SER C 331 12.04 17.49 -9.74
CA SER C 331 11.51 18.40 -8.74
C SER C 331 10.32 17.78 -8.03
N TRP C 332 10.18 18.06 -6.73
CA TRP C 332 9.07 17.53 -5.95
C TRP C 332 7.98 18.55 -5.65
N TYR C 333 6.88 18.05 -5.13
CA TYR C 333 5.77 18.90 -4.73
C TYR C 333 4.68 18.09 -4.03
N ASP C 334 4.12 18.67 -2.99
CA ASP C 334 3.02 18.04 -2.28
C ASP C 334 1.87 18.53 -3.16
N ASN C 335 1.31 17.64 -3.98
CA ASN C 335 0.23 18.07 -4.86
C ASN C 335 -0.87 18.85 -4.16
N GLU C 336 -1.20 18.45 -2.93
CA GLU C 336 -2.25 19.09 -2.15
C GLU C 336 -1.85 20.41 -1.48
N TRP C 337 -0.82 20.35 -0.63
CA TRP C 337 -0.32 21.51 0.10
C TRP C 337 0.13 22.71 -0.75
N GLY C 338 1.27 22.56 -1.42
CA GLY C 338 1.79 23.64 -2.25
C GLY C 338 0.73 24.36 -3.02
N TYR C 339 0.05 23.65 -3.92
CA TYR C 339 -1.01 24.24 -4.72
C TYR C 339 -2.04 25.02 -3.90
N SER C 340 -2.50 24.42 -2.82
CA SER C 340 -3.49 25.05 -1.97
C SER C 340 -3.03 26.43 -1.48
N HIS C 341 -1.75 26.56 -1.16
CA HIS C 341 -1.23 27.85 -0.73
C HIS C 341 -1.21 28.83 -1.90
N ARG C 342 -0.85 28.34 -3.07
CA ARG C 342 -0.81 29.17 -4.27
C ARG C 342 -2.20 29.72 -4.54
N VAL C 343 -3.22 29.00 -4.12
CA VAL C 343 -4.60 29.43 -4.35
C VAL C 343 -4.86 30.70 -3.54
N VAL C 344 -4.42 30.68 -2.28
CA VAL C 344 -4.57 31.82 -1.39
C VAL C 344 -3.75 32.99 -1.91
N ASP C 345 -2.54 32.69 -2.37
CA ASP C 345 -1.66 33.72 -2.91
C ASP C 345 -2.32 34.42 -4.09
N LEU C 346 -2.69 33.66 -5.11
CA LEU C 346 -3.33 34.23 -6.29
C LEU C 346 -4.50 35.12 -5.89
N VAL C 347 -5.36 34.60 -5.01
CA VAL C 347 -6.52 35.35 -4.53
C VAL C 347 -6.07 36.66 -3.87
N ARG C 348 -5.11 36.58 -2.96
CA ARG C 348 -4.59 37.75 -2.28
C ARG C 348 -4.02 38.74 -3.27
N HIS C 349 -3.16 38.26 -4.16
CA HIS C 349 -2.55 39.12 -5.16
C HIS C 349 -3.61 39.87 -5.97
N MET C 350 -4.72 39.20 -6.26
CA MET C 350 -5.81 39.79 -7.02
C MET C 350 -6.53 40.90 -6.24
N ALA C 351 -6.84 40.62 -4.97
CA ALA C 351 -7.52 41.59 -4.13
C ALA C 351 -6.69 42.87 -4.04
N SER C 352 -5.39 42.73 -3.88
CA SER C 352 -4.52 43.90 -3.80
C SER C 352 -4.52 44.62 -5.15
N LYS C 353 -4.37 43.84 -6.23
CA LYS C 353 -4.35 44.41 -7.57
C LYS C 353 -5.74 44.89 -7.97
N ASP C 354 -6.76 44.55 -7.18
CA ASP C 354 -8.12 44.98 -7.44
C ASP C 354 -8.38 46.26 -6.66
N ARG C 355 -7.76 46.34 -5.48
CA ARG C 355 -7.91 47.52 -4.64
C ARG C 355 -7.33 48.71 -5.38
N SER C 356 -6.05 48.59 -5.75
CA SER C 356 -5.31 49.64 -6.46
C SER C 356 -6.10 50.22 -7.63
N ALA C 357 -6.56 49.34 -8.51
CA ALA C 357 -7.32 49.74 -9.69
C ALA C 357 -8.50 50.65 -9.33
N ARG C 358 -9.02 50.48 -8.12
CA ARG C 358 -10.15 51.28 -7.64
C ARG C 358 -9.69 52.51 -6.85
N LEU C 359 -9.51 52.33 -5.54
CA LEU C 359 -9.07 53.42 -4.67
C LEU C 359 -7.56 53.62 -4.76
N MET D 1 20.82 -35.89 -24.31
CA MET D 1 21.51 -35.68 -23.00
C MET D 1 21.13 -34.34 -22.38
N PRO D 2 19.96 -34.27 -21.72
CA PRO D 2 19.47 -33.03 -21.09
C PRO D 2 20.59 -32.33 -20.34
N ILE D 3 20.61 -31.01 -20.38
CA ILE D 3 21.64 -30.23 -19.70
C ILE D 3 21.51 -30.29 -18.18
N LYS D 4 22.65 -30.50 -17.51
CA LYS D 4 22.72 -30.60 -16.06
C LYS D 4 23.00 -29.24 -15.42
N VAL D 5 21.95 -28.59 -14.94
CA VAL D 5 22.07 -27.27 -14.33
C VAL D 5 21.94 -27.31 -12.82
N GLY D 6 22.64 -26.38 -12.16
CA GLY D 6 22.58 -26.30 -10.71
C GLY D 6 22.44 -24.84 -10.31
N ILE D 7 21.46 -24.54 -9.46
CA ILE D 7 21.21 -23.17 -8.99
C ILE D 7 21.94 -22.86 -7.68
N ASN D 8 22.74 -21.81 -7.70
CA ASN D 8 23.50 -21.39 -6.53
C ASN D 8 22.84 -20.18 -5.86
N GLY D 9 22.14 -20.40 -4.76
CA GLY D 9 21.48 -19.33 -4.06
C GLY D 9 19.97 -19.33 -4.27
N PHE D 10 19.31 -20.35 -3.76
CA PHE D 10 17.88 -20.51 -3.93
C PHE D 10 17.04 -19.46 -3.20
N GLY D 11 17.14 -18.22 -3.68
CA GLY D 11 16.38 -17.14 -3.08
C GLY D 11 15.22 -16.74 -3.98
N ARG D 12 14.71 -15.54 -3.79
CA ARG D 12 13.59 -15.05 -4.59
C ARG D 12 13.80 -15.30 -6.08
N ILE D 13 15.04 -15.10 -6.54
CA ILE D 13 15.39 -15.27 -7.94
C ILE D 13 15.76 -16.70 -8.33
N GLY D 14 16.37 -17.43 -7.41
CA GLY D 14 16.71 -18.81 -7.70
C GLY D 14 15.43 -19.57 -8.04
N ARG D 15 14.37 -19.27 -7.27
CA ARG D 15 13.06 -19.90 -7.47
C ARG D 15 12.43 -19.47 -8.78
N MET D 16 12.36 -18.15 -8.98
CA MET D 16 11.78 -17.58 -10.19
C MET D 16 12.41 -18.22 -11.44
N VAL D 17 13.72 -18.43 -11.39
CA VAL D 17 14.43 -19.05 -12.50
C VAL D 17 13.94 -20.48 -12.64
N PHE D 18 13.77 -21.17 -11.51
CA PHE D 18 13.30 -22.55 -11.54
C PHE D 18 11.82 -22.66 -11.91
N GLN D 19 11.01 -21.69 -11.49
CA GLN D 19 9.58 -21.72 -11.81
C GLN D 19 9.39 -21.41 -13.28
N ALA D 20 10.17 -20.44 -13.78
CA ALA D 20 10.10 -20.05 -15.19
C ALA D 20 10.55 -21.25 -16.00
N LEU D 21 11.62 -21.87 -15.53
CA LEU D 21 12.21 -23.05 -16.16
C LEU D 21 11.19 -24.19 -16.24
N CYS D 22 10.36 -24.32 -15.21
CA CYS D 22 9.32 -25.35 -15.17
C CYS D 22 8.20 -24.95 -16.11
N GLU D 23 7.81 -23.68 -16.06
CA GLU D 23 6.75 -23.16 -16.91
C GLU D 23 6.96 -23.50 -18.38
N ASP D 24 8.19 -23.33 -18.87
CA ASP D 24 8.48 -23.62 -20.25
C ASP D 24 8.40 -25.12 -20.51
N GLY D 25 8.29 -25.89 -19.45
CA GLY D 25 8.22 -27.33 -19.59
C GLY D 25 9.54 -27.93 -20.00
N LEU D 26 10.61 -27.48 -19.35
CA LEU D 26 11.96 -27.95 -19.66
C LEU D 26 12.50 -28.88 -18.58
N LEU D 27 11.89 -28.87 -17.40
CA LEU D 27 12.36 -29.70 -16.31
C LEU D 27 12.32 -31.19 -16.67
N GLY D 28 13.48 -31.83 -16.61
CA GLY D 28 13.57 -33.24 -16.92
C GLY D 28 13.82 -33.52 -18.39
N THR D 29 13.25 -32.71 -19.27
CA THR D 29 13.40 -32.89 -20.71
C THR D 29 14.64 -32.19 -21.27
N GLU D 30 14.58 -30.85 -21.39
CA GLU D 30 15.72 -30.10 -21.93
C GLU D 30 16.78 -29.84 -20.86
N ILE D 31 16.34 -29.32 -19.71
CA ILE D 31 17.25 -29.06 -18.60
C ILE D 31 16.90 -30.06 -17.51
N ASP D 32 17.83 -30.23 -16.57
CA ASP D 32 17.61 -31.15 -15.46
C ASP D 32 18.23 -30.52 -14.23
N VAL D 33 17.40 -30.05 -13.31
CA VAL D 33 17.91 -29.43 -12.10
C VAL D 33 18.43 -30.50 -11.16
N VAL D 34 19.75 -30.54 -11.03
CA VAL D 34 20.40 -31.51 -10.17
C VAL D 34 20.18 -31.16 -8.70
N ALA D 35 20.72 -30.02 -8.30
CA ALA D 35 20.60 -29.58 -6.92
C ALA D 35 20.65 -28.06 -6.80
N VAL D 36 19.97 -27.54 -5.78
CA VAL D 36 19.97 -26.11 -5.53
C VAL D 36 20.76 -25.91 -4.25
N VAL D 37 21.38 -24.76 -4.09
CA VAL D 37 22.17 -24.51 -2.89
C VAL D 37 21.78 -23.23 -2.19
N ASP D 38 21.42 -23.36 -0.92
CA ASP D 38 21.00 -22.21 -0.12
C ASP D 38 21.50 -22.34 1.32
N MET D 39 21.40 -21.27 2.10
CA MET D 39 21.84 -21.26 3.49
C MET D 39 21.37 -22.50 4.22
N ASN D 40 20.05 -22.66 4.31
CA ASN D 40 19.46 -23.80 5.01
C ASN D 40 19.04 -24.93 4.08
N THR D 41 18.89 -26.12 4.65
CA THR D 41 18.53 -27.31 3.90
C THR D 41 17.06 -27.68 4.08
N ASP D 42 16.36 -26.98 4.97
CA ASP D 42 14.95 -27.26 5.22
C ASP D 42 14.16 -27.30 3.91
N ALA D 43 13.88 -28.50 3.42
CA ALA D 43 13.15 -28.70 2.17
C ALA D 43 11.64 -28.42 2.28
N GLU D 44 11.06 -28.68 3.45
CA GLU D 44 9.64 -28.45 3.68
C GLU D 44 9.39 -26.96 3.56
N TYR D 45 10.39 -26.17 3.96
CA TYR D 45 10.28 -24.73 3.90
C TYR D 45 10.55 -24.23 2.47
N PHE D 46 11.24 -25.04 1.69
CA PHE D 46 11.52 -24.69 0.31
C PHE D 46 10.26 -24.99 -0.50
N ALA D 47 9.67 -26.15 -0.26
CA ALA D 47 8.46 -26.54 -0.97
C ALA D 47 7.36 -25.53 -0.70
N TYR D 48 7.43 -24.89 0.47
CA TYR D 48 6.45 -23.89 0.84
C TYR D 48 6.64 -22.66 -0.03
N GLN D 49 7.86 -22.14 -0.01
CA GLN D 49 8.21 -20.95 -0.78
C GLN D 49 7.93 -21.12 -2.27
N MET D 50 7.94 -22.38 -2.71
CA MET D 50 7.69 -22.71 -4.12
C MET D 50 6.21 -22.92 -4.40
N ARG D 51 5.49 -23.32 -3.37
CA ARG D 51 4.08 -23.64 -3.49
C ARG D 51 3.14 -22.45 -3.64
N TYR D 52 3.46 -21.36 -2.94
CA TYR D 52 2.65 -20.14 -2.93
C TYR D 52 3.52 -18.93 -3.20
N ASP D 53 2.96 -17.91 -3.86
CA ASP D 53 3.67 -16.67 -4.18
C ASP D 53 2.69 -15.51 -4.08
N THR D 54 3.06 -14.51 -3.29
CA THR D 54 2.22 -13.36 -3.09
C THR D 54 1.78 -12.66 -4.38
N VAL D 55 2.68 -12.57 -5.37
CA VAL D 55 2.35 -11.92 -6.65
C VAL D 55 2.09 -12.83 -7.84
N HIS D 56 2.87 -13.89 -7.98
CA HIS D 56 2.73 -14.81 -9.11
C HIS D 56 1.78 -15.98 -8.91
N GLY D 57 0.98 -15.92 -7.84
CA GLY D 57 0.02 -16.99 -7.58
C GLY D 57 0.66 -18.28 -7.12
N LYS D 58 -0.09 -19.37 -7.23
CA LYS D 58 0.37 -20.68 -6.81
C LYS D 58 1.07 -21.49 -7.90
N PHE D 59 2.17 -22.14 -7.54
CA PHE D 59 2.96 -22.99 -8.43
C PHE D 59 2.02 -24.05 -9.01
N LYS D 60 2.09 -24.28 -10.31
CA LYS D 60 1.21 -25.25 -10.97
C LYS D 60 1.58 -26.72 -10.82
N TYR D 61 2.86 -27.01 -10.56
CA TYR D 61 3.30 -28.40 -10.40
C TYR D 61 3.37 -28.78 -8.92
N GLU D 62 3.24 -30.08 -8.65
CA GLU D 62 3.28 -30.58 -7.26
C GLU D 62 4.69 -30.59 -6.68
N VAL D 63 4.78 -30.28 -5.38
CA VAL D 63 6.07 -30.27 -4.71
C VAL D 63 6.04 -31.03 -3.40
N THR D 64 6.92 -32.02 -3.29
CA THR D 64 7.04 -32.84 -2.07
C THR D 64 8.52 -32.97 -1.76
N THR D 65 8.83 -33.56 -0.61
CA THR D 65 10.22 -33.73 -0.22
C THR D 65 10.48 -35.14 0.31
N THR D 66 11.74 -35.56 0.23
CA THR D 66 12.17 -36.87 0.71
C THR D 66 13.61 -36.73 1.19
N LYS D 67 14.32 -37.86 1.25
CA LYS D 67 15.72 -37.88 1.66
C LYS D 67 16.54 -38.61 0.61
N SER D 68 17.75 -38.12 0.36
CA SER D 68 18.64 -38.72 -0.63
C SER D 68 19.20 -40.04 -0.13
N SER D 69 19.33 -40.14 1.19
CA SER D 69 19.86 -41.34 1.84
C SER D 69 19.15 -41.51 3.19
N PRO D 70 18.71 -42.74 3.51
CA PRO D 70 18.03 -43.00 4.78
C PRO D 70 18.81 -42.47 5.99
N SER D 71 20.08 -42.16 5.76
CA SER D 71 20.94 -41.63 6.81
C SER D 71 21.00 -40.10 6.81
N VAL D 72 19.84 -39.46 6.73
CA VAL D 72 19.77 -38.00 6.72
C VAL D 72 18.78 -37.49 7.77
N ALA D 73 19.23 -36.56 8.61
CA ALA D 73 18.41 -35.99 9.68
C ALA D 73 17.02 -35.55 9.23
N LYS D 74 16.96 -34.56 8.36
CA LYS D 74 15.70 -34.04 7.83
C LYS D 74 15.69 -34.24 6.31
N ASP D 75 14.64 -33.77 5.65
CA ASP D 75 14.54 -33.91 4.20
C ASP D 75 15.58 -33.04 3.50
N ASP D 76 16.25 -33.65 2.52
CA ASP D 76 17.29 -32.97 1.77
C ASP D 76 16.99 -32.99 0.28
N THR D 77 15.94 -33.69 -0.11
CA THR D 77 15.55 -33.78 -1.51
C THR D 77 14.20 -33.13 -1.77
N LEU D 78 14.17 -32.29 -2.79
CA LEU D 78 12.98 -31.58 -3.19
C LEU D 78 12.47 -32.28 -4.45
N VAL D 79 11.27 -32.83 -4.39
CA VAL D 79 10.70 -33.53 -5.55
C VAL D 79 9.62 -32.70 -6.25
N VAL D 80 9.94 -32.20 -7.45
CA VAL D 80 9.03 -31.38 -8.23
C VAL D 80 8.49 -32.17 -9.42
N ASN D 81 7.18 -32.40 -9.43
CA ASN D 81 6.53 -33.12 -10.51
C ASN D 81 7.37 -34.35 -10.91
N GLY D 82 7.70 -35.19 -9.93
CA GLY D 82 8.49 -36.37 -10.21
C GLY D 82 9.98 -36.13 -10.22
N HIS D 83 10.41 -35.07 -10.89
CA HIS D 83 11.83 -34.76 -10.99
C HIS D 83 12.44 -34.56 -9.59
N ARG D 84 13.67 -35.03 -9.40
CA ARG D 84 14.33 -34.92 -8.12
C ARG D 84 15.45 -33.88 -8.07
N ILE D 85 15.41 -33.05 -7.04
CA ILE D 85 16.42 -32.02 -6.86
C ILE D 85 16.95 -32.11 -5.43
N LEU D 86 18.26 -32.13 -5.31
CA LEU D 86 18.95 -32.22 -4.02
C LEU D 86 19.21 -30.83 -3.47
N CYS D 87 19.08 -30.67 -2.17
CA CYS D 87 19.34 -29.38 -1.55
C CYS D 87 20.66 -29.48 -0.82
N VAL D 88 21.72 -29.01 -1.46
CA VAL D 88 23.03 -29.04 -0.87
C VAL D 88 23.14 -27.86 0.10
N LYS D 89 24.00 -28.02 1.10
CA LYS D 89 24.21 -26.99 2.11
C LYS D 89 25.04 -25.88 1.47
N ALA D 90 24.59 -24.63 1.64
CA ALA D 90 25.25 -23.47 1.06
C ALA D 90 26.75 -23.36 1.34
N GLN D 91 27.31 -22.22 0.96
CA GLN D 91 28.73 -21.95 1.16
C GLN D 91 29.01 -20.46 0.95
N ARG D 92 30.20 -20.02 1.32
CA ARG D 92 30.59 -18.62 1.17
C ARG D 92 31.67 -18.54 0.10
N ASN D 93 32.18 -19.71 -0.30
CA ASN D 93 33.21 -19.81 -1.32
C ASN D 93 32.74 -20.78 -2.41
N PRO D 94 32.56 -20.26 -3.65
CA PRO D 94 32.10 -21.05 -4.79
C PRO D 94 32.92 -22.31 -5.10
N ALA D 95 34.13 -22.40 -4.54
CA ALA D 95 34.99 -23.54 -4.77
C ALA D 95 34.50 -24.78 -4.03
N ASP D 96 34.17 -24.59 -2.76
CA ASP D 96 33.70 -25.66 -1.90
C ASP D 96 32.39 -26.28 -2.36
N LEU D 97 32.04 -26.05 -3.62
CA LEU D 97 30.80 -26.60 -4.19
C LEU D 97 31.10 -27.87 -4.95
N PRO D 98 30.30 -28.93 -4.73
CA PRO D 98 30.47 -30.22 -5.40
C PRO D 98 29.85 -30.35 -6.79
N TRP D 99 29.87 -29.26 -7.55
CA TRP D 99 29.29 -29.27 -8.90
C TRP D 99 29.74 -30.47 -9.73
N GLY D 100 31.06 -30.62 -9.87
CA GLY D 100 31.61 -31.70 -10.66
C GLY D 100 31.14 -33.07 -10.21
N LYS D 101 31.16 -33.30 -8.90
CA LYS D 101 30.72 -34.58 -8.35
C LYS D 101 29.24 -34.74 -8.67
N LEU D 102 28.50 -33.65 -8.50
CA LEU D 102 27.07 -33.61 -8.77
C LEU D 102 26.81 -33.72 -10.27
N GLY D 103 27.87 -33.55 -11.06
CA GLY D 103 27.76 -33.64 -12.50
C GLY D 103 27.11 -32.39 -13.07
N VAL D 104 27.28 -31.27 -12.39
CA VAL D 104 26.70 -30.01 -12.84
C VAL D 104 27.64 -29.17 -13.69
N GLU D 105 27.30 -28.97 -14.96
CA GLU D 105 28.13 -28.17 -15.84
C GLU D 105 27.68 -26.71 -15.83
N TYR D 106 26.37 -26.47 -15.87
CA TYR D 106 25.83 -25.10 -15.85
C TYR D 106 25.26 -24.71 -14.49
N VAL D 107 25.86 -23.71 -13.86
CA VAL D 107 25.36 -23.25 -12.55
C VAL D 107 24.83 -21.81 -12.66
N ILE D 108 23.66 -21.56 -12.08
CA ILE D 108 23.07 -20.24 -12.13
C ILE D 108 23.35 -19.45 -10.85
N GLU D 109 24.08 -18.34 -11.01
CA GLU D 109 24.46 -17.49 -9.89
C GLU D 109 23.43 -16.45 -9.48
N SER D 110 22.68 -16.73 -8.43
CA SER D 110 21.68 -15.78 -7.96
C SER D 110 21.81 -15.45 -6.48
N THR D 111 22.93 -15.85 -5.88
CA THR D 111 23.18 -15.58 -4.47
C THR D 111 23.35 -14.09 -4.27
N GLY D 112 23.83 -13.42 -5.32
CA GLY D 112 24.03 -11.99 -5.26
C GLY D 112 25.28 -11.62 -4.48
N LEU D 113 26.12 -12.63 -4.20
CA LEU D 113 27.34 -12.43 -3.45
C LEU D 113 28.58 -12.72 -4.30
N PHE D 114 28.37 -13.20 -5.52
CA PHE D 114 29.49 -13.52 -6.39
C PHE D 114 29.37 -12.90 -7.78
N THR D 115 28.87 -11.67 -7.84
CA THR D 115 28.69 -11.00 -9.12
C THR D 115 30.02 -10.67 -9.81
N ALA D 116 31.13 -10.96 -9.14
CA ALA D 116 32.45 -10.71 -9.69
C ALA D 116 32.93 -11.84 -10.60
N LYS D 117 33.59 -11.47 -11.70
CA LYS D 117 34.10 -12.43 -12.66
C LYS D 117 35.07 -13.41 -12.01
N ALA D 118 36.03 -12.88 -11.26
CA ALA D 118 37.04 -13.70 -10.57
C ALA D 118 36.41 -14.57 -9.49
N ALA D 119 35.54 -13.97 -8.68
CA ALA D 119 34.88 -14.69 -7.60
C ALA D 119 34.04 -15.84 -8.16
N ALA D 120 33.06 -15.49 -8.98
CA ALA D 120 32.16 -16.48 -9.57
C ALA D 120 32.87 -17.58 -10.35
N GLU D 121 34.16 -17.43 -10.60
CA GLU D 121 34.90 -18.45 -11.34
C GLU D 121 35.14 -19.72 -10.54
N GLY D 122 34.87 -19.66 -9.24
CA GLY D 122 35.05 -20.82 -8.38
C GLY D 122 34.30 -22.04 -8.88
N HIS D 123 33.08 -21.84 -9.35
CA HIS D 123 32.26 -22.94 -9.85
C HIS D 123 33.04 -23.77 -10.85
N LEU D 124 33.78 -23.09 -11.72
CA LEU D 124 34.57 -23.75 -12.75
C LEU D 124 35.54 -24.73 -12.11
N ARG D 125 36.15 -24.32 -11.00
CA ARG D 125 37.09 -25.17 -10.28
C ARG D 125 36.30 -26.19 -9.46
N GLY D 126 34.99 -25.96 -9.36
CA GLY D 126 34.13 -26.87 -8.63
C GLY D 126 33.62 -27.93 -9.59
N GLY D 127 34.34 -28.11 -10.70
CA GLY D 127 33.95 -29.10 -11.69
C GLY D 127 32.88 -28.58 -12.63
N ALA D 128 32.35 -27.41 -12.32
CA ALA D 128 31.30 -26.79 -13.14
C ALA D 128 31.89 -26.21 -14.42
N ARG D 129 31.25 -26.51 -15.55
CA ARG D 129 31.70 -26.02 -16.85
C ARG D 129 31.51 -24.51 -17.06
N LYS D 130 30.26 -24.07 -17.15
CA LYS D 130 29.93 -22.66 -17.38
C LYS D 130 29.13 -22.03 -16.23
N VAL D 131 29.13 -20.70 -16.16
CA VAL D 131 28.42 -19.99 -15.11
C VAL D 131 27.68 -18.75 -15.63
N VAL D 132 26.36 -18.68 -15.36
CA VAL D 132 25.55 -17.55 -15.79
C VAL D 132 25.09 -16.75 -14.57
N ILE D 133 25.76 -15.63 -14.31
CA ILE D 133 25.42 -14.78 -13.17
C ILE D 133 24.14 -14.00 -13.48
N SER D 134 23.06 -14.28 -12.74
CA SER D 134 21.78 -13.63 -12.95
C SER D 134 21.75 -12.23 -12.36
N ALA D 135 22.74 -11.42 -12.71
CA ALA D 135 22.82 -10.06 -12.23
C ALA D 135 24.01 -9.39 -12.88
N PRO D 136 24.05 -8.06 -12.86
CA PRO D 136 25.18 -7.36 -13.45
C PRO D 136 26.46 -7.96 -12.87
N ALA D 137 27.49 -8.12 -13.68
CA ALA D 137 28.76 -8.70 -13.20
C ALA D 137 29.93 -7.75 -13.40
N SER D 138 30.99 -7.96 -12.61
CA SER D 138 32.20 -7.14 -12.68
C SER D 138 33.40 -8.03 -13.03
N GLY D 139 34.60 -7.47 -12.91
CA GLY D 139 35.79 -8.23 -13.23
C GLY D 139 35.82 -8.51 -14.72
N GLY D 140 35.19 -7.62 -15.48
CA GLY D 140 35.15 -7.77 -16.92
C GLY D 140 34.52 -9.06 -17.38
N ALA D 141 33.38 -9.42 -16.80
CA ALA D 141 32.69 -10.64 -17.20
C ALA D 141 31.79 -10.26 -18.38
N LYS D 142 31.67 -11.16 -19.34
CA LYS D 142 30.88 -10.92 -20.55
C LYS D 142 29.37 -10.81 -20.29
N THR D 143 28.77 -9.70 -20.70
CA THR D 143 27.33 -9.48 -20.52
C THR D 143 26.55 -9.90 -21.76
N LEU D 144 25.40 -10.53 -21.55
CA LEU D 144 24.57 -10.99 -22.67
C LEU D 144 23.10 -10.76 -22.43
N VAL D 145 22.45 -10.06 -23.35
CA VAL D 145 21.03 -9.80 -23.25
C VAL D 145 20.30 -10.55 -24.36
N MET D 146 19.50 -11.53 -23.97
CA MET D 146 18.75 -12.31 -24.94
C MET D 146 17.96 -11.45 -25.93
N GLY D 147 18.17 -11.72 -27.21
CA GLY D 147 17.46 -10.97 -28.24
C GLY D 147 18.18 -9.71 -28.69
N VAL D 148 19.25 -9.35 -27.98
CA VAL D 148 20.01 -8.16 -28.34
C VAL D 148 21.39 -8.49 -28.88
N ASN D 149 22.14 -9.29 -28.14
CA ASN D 149 23.49 -9.66 -28.55
C ASN D 149 23.89 -11.05 -28.07
N HIS D 150 22.93 -11.88 -27.69
CA HIS D 150 23.27 -13.22 -27.20
C HIS D 150 24.07 -14.05 -28.20
N HIS D 151 24.12 -13.60 -29.45
CA HIS D 151 24.87 -14.33 -30.49
C HIS D 151 26.35 -14.02 -30.46
N GLU D 152 26.76 -13.18 -29.50
CA GLU D 152 28.15 -12.84 -29.36
C GLU D 152 28.71 -13.76 -28.31
N TYR D 153 28.05 -14.90 -28.15
CA TYR D 153 28.49 -15.87 -27.18
C TYR D 153 29.52 -16.80 -27.79
N ASN D 154 30.77 -16.66 -27.38
CA ASN D 154 31.82 -17.51 -27.88
C ASN D 154 32.10 -18.58 -26.82
N PRO D 155 31.64 -19.81 -27.06
CA PRO D 155 31.81 -20.95 -26.14
C PRO D 155 33.20 -21.08 -25.53
N SER D 156 34.20 -21.14 -26.41
CA SER D 156 35.60 -21.31 -26.01
C SER D 156 36.24 -20.04 -25.46
N GLU D 157 35.46 -18.99 -25.32
CA GLU D 157 35.98 -17.74 -24.81
C GLU D 157 35.29 -17.37 -23.49
N HIS D 158 33.97 -17.46 -23.48
CA HIS D 158 33.18 -17.11 -22.31
C HIS D 158 32.64 -18.32 -21.54
N HIS D 159 33.08 -18.45 -20.29
CA HIS D 159 32.66 -19.55 -19.43
C HIS D 159 31.93 -19.04 -18.18
N VAL D 160 32.10 -17.76 -17.88
CA VAL D 160 31.44 -17.11 -16.72
C VAL D 160 30.85 -15.78 -17.20
N VAL D 161 29.55 -15.80 -17.50
CA VAL D 161 28.87 -14.61 -18.01
C VAL D 161 27.78 -14.03 -17.12
N SER D 162 27.34 -12.83 -17.51
CA SER D 162 26.29 -12.08 -16.83
C SER D 162 25.11 -11.92 -17.78
N ASN D 163 23.89 -11.97 -17.22
CA ASN D 163 22.67 -11.82 -17.99
C ASN D 163 22.13 -10.40 -17.81
N ALA D 164 23.00 -9.52 -17.32
CA ALA D 164 22.65 -8.13 -17.08
C ALA D 164 21.53 -8.05 -16.05
N SER D 165 20.93 -6.88 -15.92
CA SER D 165 19.86 -6.67 -14.95
C SER D 165 18.49 -6.77 -15.59
N CYS D 166 17.48 -6.59 -14.75
CA CYS D 166 16.09 -6.63 -15.18
C CYS D 166 15.72 -5.39 -15.98
N THR D 167 16.16 -4.21 -15.51
CA THR D 167 15.86 -2.97 -16.21
C THR D 167 16.55 -2.94 -17.59
N THR D 168 17.85 -3.27 -17.62
CA THR D 168 18.59 -3.29 -18.87
C THR D 168 17.92 -4.21 -19.90
N ASN D 169 17.43 -5.36 -19.45
CA ASN D 169 16.76 -6.30 -20.34
C ASN D 169 15.46 -5.72 -20.85
N CYS D 170 15.07 -4.55 -20.33
CA CYS D 170 13.83 -3.92 -20.77
C CYS D 170 14.18 -2.78 -21.72
N LEU D 171 15.25 -2.08 -21.38
CA LEU D 171 15.74 -0.95 -22.16
C LEU D 171 16.46 -1.42 -23.44
N ALA D 172 17.33 -2.41 -23.29
CA ALA D 172 18.11 -2.94 -24.41
C ALA D 172 17.25 -3.32 -25.61
N PRO D 173 16.21 -4.15 -25.42
CA PRO D 173 15.39 -4.51 -26.57
C PRO D 173 14.84 -3.28 -27.29
N ILE D 174 14.41 -2.28 -26.52
CA ILE D 174 13.87 -1.07 -27.10
C ILE D 174 14.92 -0.30 -27.91
N VAL D 175 16.09 -0.08 -27.32
CA VAL D 175 17.17 0.64 -27.97
C VAL D 175 17.71 -0.12 -29.17
N HIS D 176 17.66 -1.45 -29.10
CA HIS D 176 18.17 -2.31 -30.17
C HIS D 176 17.30 -2.20 -31.42
N VAL D 177 15.98 -2.09 -31.23
CA VAL D 177 15.06 -1.96 -32.35
C VAL D 177 15.23 -0.56 -32.93
N LEU D 178 15.51 0.41 -32.08
CA LEU D 178 15.70 1.79 -32.53
C LEU D 178 16.96 1.92 -33.39
N VAL D 179 18.05 1.31 -32.95
CA VAL D 179 19.32 1.35 -33.67
C VAL D 179 19.33 0.50 -34.94
N LYS D 180 18.87 -0.73 -34.84
CA LYS D 180 18.82 -1.65 -35.96
C LYS D 180 17.76 -1.29 -37.03
N GLU D 181 16.81 -0.42 -36.68
CA GLU D 181 15.76 -0.04 -37.63
C GLU D 181 16.01 1.29 -38.35
N GLY D 182 17.15 1.92 -38.10
CA GLY D 182 17.46 3.17 -38.78
C GLY D 182 17.29 4.46 -37.99
N PHE D 183 16.40 4.46 -37.00
CA PHE D 183 16.17 5.67 -36.22
C PHE D 183 17.47 6.15 -35.57
N GLY D 184 18.16 5.24 -34.89
CA GLY D 184 19.41 5.58 -34.22
C GLY D 184 19.21 6.32 -32.90
N VAL D 185 20.24 6.31 -32.06
CA VAL D 185 20.17 7.01 -30.78
C VAL D 185 21.37 7.94 -30.60
N GLN D 186 21.08 9.24 -30.60
CA GLN D 186 22.07 10.29 -30.44
C GLN D 186 22.38 10.49 -28.95
N THR D 187 21.37 10.86 -28.17
CA THR D 187 21.50 11.02 -26.73
C THR D 187 20.21 10.48 -26.14
N GLY D 188 20.26 9.98 -24.91
CA GLY D 188 19.04 9.44 -24.32
C GLY D 188 19.11 9.32 -22.82
N LEU D 189 18.00 9.64 -22.16
CA LEU D 189 17.88 9.55 -20.70
C LEU D 189 16.69 8.68 -20.35
N MET D 190 16.90 7.69 -19.48
CA MET D 190 15.81 6.82 -19.10
C MET D 190 15.44 6.94 -17.65
N THR D 191 14.22 6.53 -17.34
CA THR D 191 13.69 6.55 -15.99
C THR D 191 12.84 5.31 -15.89
N THR D 192 12.96 4.63 -14.76
CA THR D 192 12.19 3.42 -14.54
C THR D 192 11.34 3.58 -13.28
N ILE D 193 10.03 3.63 -13.44
CA ILE D 193 9.15 3.71 -12.29
C ILE D 193 9.16 2.25 -11.88
N HIS D 194 10.03 1.94 -10.92
CA HIS D 194 10.25 0.59 -10.45
C HIS D 194 9.58 0.27 -9.12
N SER D 195 9.04 -0.94 -8.99
CA SER D 195 8.40 -1.35 -7.73
C SER D 195 9.51 -1.80 -6.77
N TYR D 196 9.25 -1.72 -5.47
CA TYR D 196 10.25 -2.09 -4.50
C TYR D 196 10.73 -3.52 -4.61
N THR D 197 11.95 -3.75 -4.13
CA THR D 197 12.57 -5.06 -4.19
C THR D 197 12.99 -5.53 -2.80
N ALA D 198 13.58 -6.71 -2.73
CA ALA D 198 13.99 -7.29 -1.47
C ALA D 198 15.00 -6.46 -0.70
N THR D 199 15.85 -5.74 -1.42
CA THR D 199 16.89 -4.93 -0.79
C THR D 199 16.35 -3.72 -0.06
N GLN D 200 15.06 -3.45 -0.21
CA GLN D 200 14.44 -2.34 0.48
C GLN D 200 13.89 -2.74 1.85
N LYS D 201 13.52 -1.75 2.66
CA LYS D 201 13.01 -2.03 4.00
C LYS D 201 11.55 -1.60 4.24
N THR D 202 10.84 -2.39 5.04
CA THR D 202 9.43 -2.14 5.37
C THR D 202 9.26 -0.78 5.99
N VAL D 203 10.10 -0.48 6.97
CA VAL D 203 10.05 0.79 7.69
C VAL D 203 11.45 1.41 7.65
N ASP D 204 11.56 2.72 7.88
CA ASP D 204 12.86 3.39 7.85
C ASP D 204 13.92 2.61 8.62
N GLY D 205 14.96 2.18 7.91
CA GLY D 205 16.01 1.41 8.54
C GLY D 205 17.38 1.83 8.03
N VAL D 206 18.44 1.21 8.54
CA VAL D 206 19.79 1.56 8.13
C VAL D 206 20.18 1.05 6.73
N SER D 207 20.65 1.98 5.90
CA SER D 207 21.08 1.67 4.55
C SER D 207 22.21 2.63 4.18
N VAL D 208 23.44 2.28 4.55
CA VAL D 208 24.60 3.13 4.32
C VAL D 208 25.06 3.39 2.89
N LYS D 209 24.79 2.46 1.96
CA LYS D 209 25.19 2.63 0.56
C LYS D 209 24.10 3.29 -0.26
N ASP D 210 22.94 3.50 0.36
CA ASP D 210 21.80 4.13 -0.29
C ASP D 210 20.87 4.64 0.80
N TRP D 211 21.06 5.89 1.19
CA TRP D 211 20.24 6.46 2.26
C TRP D 211 18.75 6.47 1.96
N ARG D 212 18.35 6.98 0.78
CA ARG D 212 16.93 7.03 0.44
C ARG D 212 16.35 5.62 0.38
N GLY D 213 17.20 4.65 0.08
CA GLY D 213 16.77 3.28 -0.04
C GLY D 213 16.47 2.64 1.31
N GLY D 214 16.79 3.38 2.37
CA GLY D 214 16.56 2.87 3.72
C GLY D 214 15.19 3.27 4.24
N ARG D 215 14.54 4.19 3.54
CA ARG D 215 13.22 4.66 3.94
C ARG D 215 12.14 3.63 3.65
N ALA D 216 11.04 3.67 4.39
CA ALA D 216 9.91 2.76 4.23
C ALA D 216 9.52 2.63 2.76
N ALA D 217 9.55 1.39 2.26
CA ALA D 217 9.26 1.11 0.87
C ALA D 217 7.83 1.27 0.37
N ALA D 218 6.86 0.72 1.10
CA ALA D 218 5.47 0.80 0.62
C ALA D 218 4.70 2.09 0.90
N VAL D 219 5.41 3.13 1.35
CA VAL D 219 4.77 4.41 1.62
C VAL D 219 5.49 5.61 1.03
N ASN D 220 6.56 5.35 0.27
CA ASN D 220 7.35 6.41 -0.37
C ASN D 220 7.74 6.19 -1.83
N ILE D 221 8.16 7.28 -2.47
CA ILE D 221 8.66 7.27 -3.84
C ILE D 221 10.15 7.52 -3.59
N ILE D 222 10.96 6.47 -3.65
CA ILE D 222 12.41 6.61 -3.41
C ILE D 222 13.20 6.73 -4.70
N PRO D 223 13.90 7.87 -4.90
CA PRO D 223 14.70 8.05 -6.11
C PRO D 223 15.95 7.17 -6.02
N SER D 224 16.66 6.98 -7.12
CA SER D 224 17.84 6.13 -7.07
C SER D 224 18.65 6.16 -8.34
N THR D 225 19.96 6.31 -8.22
CA THR D 225 20.83 6.30 -9.40
C THR D 225 20.83 4.86 -9.85
N THR D 226 20.78 4.65 -11.16
CA THR D 226 20.78 3.31 -11.73
C THR D 226 21.86 3.15 -12.79
N GLY D 227 22.22 1.91 -13.09
CA GLY D 227 23.23 1.67 -14.10
C GLY D 227 22.67 1.13 -15.38
N ALA D 228 21.63 0.30 -15.27
CA ALA D 228 20.97 -0.32 -16.41
C ALA D 228 21.20 0.42 -17.71
N ALA D 229 20.81 1.68 -17.75
CA ALA D 229 20.97 2.50 -18.94
C ALA D 229 22.43 2.42 -19.47
N LYS D 230 23.37 2.87 -18.64
CA LYS D 230 24.77 2.84 -19.01
C LYS D 230 25.24 1.42 -19.36
N ALA D 231 24.68 0.41 -18.71
CA ALA D 231 25.06 -0.97 -18.97
C ALA D 231 24.63 -1.41 -20.36
N VAL D 232 23.87 -0.56 -21.04
CA VAL D 232 23.41 -0.86 -22.39
C VAL D 232 24.58 -0.63 -23.37
N GLY D 233 25.53 0.19 -22.94
CA GLY D 233 26.71 0.47 -23.74
C GLY D 233 27.60 -0.76 -23.85
N MET D 234 27.26 -1.79 -23.11
CA MET D 234 28.03 -3.03 -23.13
C MET D 234 27.38 -3.98 -24.13
N VAL D 235 26.06 -3.91 -24.20
CA VAL D 235 25.28 -4.78 -25.08
C VAL D 235 25.15 -4.18 -26.48
N ILE D 236 25.14 -2.85 -26.56
CA ILE D 236 25.06 -2.14 -27.83
C ILE D 236 26.13 -1.05 -27.73
N PRO D 237 27.40 -1.46 -27.87
CA PRO D 237 28.56 -0.56 -27.80
C PRO D 237 28.38 0.81 -28.43
N SER D 238 27.69 0.89 -29.56
CA SER D 238 27.50 2.17 -30.23
C SER D 238 26.86 3.25 -29.35
N THR D 239 26.11 2.85 -28.31
CA THR D 239 25.49 3.82 -27.43
C THR D 239 26.35 4.09 -26.20
N GLN D 240 27.63 3.75 -26.30
CA GLN D 240 28.60 3.96 -25.24
C GLN D 240 28.69 5.44 -24.88
N GLY D 241 28.30 5.78 -23.66
CA GLY D 241 28.36 7.17 -23.22
C GLY D 241 27.25 8.03 -23.78
N LYS D 242 26.24 7.38 -24.35
CA LYS D 242 25.14 8.12 -24.94
C LYS D 242 23.85 8.04 -24.11
N LEU D 243 23.78 7.11 -23.18
CA LEU D 243 22.58 6.98 -22.37
C LEU D 243 22.89 6.89 -20.89
N THR D 244 21.84 7.06 -20.10
CA THR D 244 21.90 6.96 -18.66
C THR D 244 20.51 7.23 -18.12
N GLY D 245 20.34 7.05 -16.82
CA GLY D 245 19.03 7.27 -16.24
C GLY D 245 18.98 7.00 -14.76
N MET D 246 17.79 7.14 -14.19
CA MET D 246 17.62 6.92 -12.78
C MET D 246 16.43 6.01 -12.54
N SER D 247 16.07 5.88 -11.27
CA SER D 247 14.97 5.02 -10.86
C SER D 247 14.15 5.63 -9.73
N PHE D 248 12.85 5.38 -9.79
CA PHE D 248 11.91 5.83 -8.77
C PHE D 248 11.26 4.55 -8.26
N ARG D 249 11.65 4.13 -7.06
CA ARG D 249 11.07 2.94 -6.45
C ARG D 249 9.71 3.34 -5.87
N VAL D 250 8.63 2.83 -6.43
CA VAL D 250 7.29 3.16 -5.95
C VAL D 250 6.64 2.02 -5.16
N PRO D 251 5.53 2.30 -4.45
CA PRO D 251 4.86 1.25 -3.67
C PRO D 251 4.08 0.16 -4.40
N THR D 252 4.81 -0.80 -4.98
CA THR D 252 4.23 -1.95 -5.67
C THR D 252 5.21 -3.08 -5.44
N PRO D 253 4.71 -4.33 -5.29
CA PRO D 253 5.57 -5.49 -5.05
C PRO D 253 6.28 -5.99 -6.29
N ASP D 254 5.64 -5.85 -7.44
CA ASP D 254 6.26 -6.29 -8.70
C ASP D 254 5.70 -5.60 -9.93
N VAL D 255 6.52 -5.58 -10.97
CA VAL D 255 6.24 -4.97 -12.26
C VAL D 255 6.74 -3.53 -12.27
N SER D 256 7.49 -3.23 -13.32
CA SER D 256 8.06 -1.91 -13.48
C SER D 256 7.87 -1.46 -14.91
N VAL D 257 8.19 -0.21 -15.19
CA VAL D 257 8.02 0.31 -16.53
C VAL D 257 9.17 1.24 -16.83
N VAL D 258 9.70 1.16 -18.04
CA VAL D 258 10.78 2.03 -18.47
C VAL D 258 10.22 3.18 -19.29
N ASP D 259 10.68 4.38 -18.95
CA ASP D 259 10.26 5.59 -19.63
C ASP D 259 11.55 6.21 -20.19
N LEU D 260 11.85 5.88 -21.45
CA LEU D 260 13.03 6.39 -22.12
C LEU D 260 12.73 7.62 -22.95
N THR D 261 13.65 8.58 -22.95
CA THR D 261 13.51 9.81 -23.72
C THR D 261 14.83 9.97 -24.46
N PHE D 262 14.76 10.34 -25.73
CA PHE D 262 15.98 10.48 -26.53
C PHE D 262 15.73 11.25 -27.80
N THR D 263 16.81 11.52 -28.53
CA THR D 263 16.76 12.18 -29.82
C THR D 263 17.27 11.15 -30.84
N ALA D 264 16.47 10.88 -31.87
CA ALA D 264 16.85 9.94 -32.91
C ALA D 264 18.06 10.49 -33.66
N ALA D 265 18.73 9.64 -34.45
CA ALA D 265 19.89 10.12 -35.20
C ALA D 265 19.50 10.60 -36.60
N ARG D 266 18.21 10.58 -36.90
CA ARG D 266 17.71 11.07 -38.17
C ARG D 266 16.29 11.55 -37.94
N ASP D 267 15.66 12.10 -38.96
CA ASP D 267 14.29 12.56 -38.81
C ASP D 267 13.29 11.41 -38.93
N THR D 268 12.29 11.42 -38.06
CA THR D 268 11.22 10.41 -38.07
C THR D 268 9.94 10.96 -37.48
N SER D 269 9.14 10.06 -36.92
CA SER D 269 7.86 10.40 -36.32
C SER D 269 7.62 9.37 -35.23
N ILE D 270 6.70 9.64 -34.31
CA ILE D 270 6.43 8.66 -33.28
C ILE D 270 5.69 7.47 -33.89
N GLN D 271 5.18 7.63 -35.11
CA GLN D 271 4.48 6.55 -35.78
C GLN D 271 5.47 5.54 -36.37
N GLU D 272 6.49 6.03 -37.09
CA GLU D 272 7.49 5.14 -37.68
C GLU D 272 8.01 4.23 -36.59
N ILE D 273 8.41 4.86 -35.49
CA ILE D 273 8.91 4.17 -34.32
C ILE D 273 7.93 3.11 -33.86
N ASP D 274 6.71 3.55 -33.57
CA ASP D 274 5.65 2.68 -33.11
C ASP D 274 5.50 1.48 -34.03
N ALA D 275 5.52 1.72 -35.33
CA ALA D 275 5.38 0.63 -36.29
C ALA D 275 6.61 -0.29 -36.26
N ALA D 276 7.79 0.31 -36.19
CA ALA D 276 9.01 -0.46 -36.16
C ALA D 276 9.05 -1.40 -34.96
N LEU D 277 8.64 -0.91 -33.79
CA LEU D 277 8.65 -1.75 -32.59
C LEU D 277 7.67 -2.90 -32.72
N LYS D 278 6.48 -2.60 -33.22
CA LYS D 278 5.47 -3.63 -33.35
C LYS D 278 5.90 -4.71 -34.35
N ARG D 279 6.55 -4.28 -35.43
CA ARG D 279 7.03 -5.16 -36.48
C ARG D 279 8.11 -6.09 -35.91
N ALA D 280 9.04 -5.50 -35.15
CA ALA D 280 10.11 -6.26 -34.52
C ALA D 280 9.54 -7.27 -33.53
N SER D 281 8.66 -6.82 -32.64
CA SER D 281 8.06 -7.71 -31.64
C SER D 281 7.46 -8.95 -32.31
N LYS D 282 6.94 -8.75 -33.53
CA LYS D 282 6.35 -9.84 -34.27
C LYS D 282 7.40 -10.68 -35.01
N THR D 283 8.54 -10.08 -35.34
CA THR D 283 9.55 -10.83 -36.06
C THR D 283 10.77 -11.22 -35.25
N TYR D 284 11.87 -10.51 -35.47
CA TYR D 284 13.11 -10.83 -34.79
C TYR D 284 13.15 -10.58 -33.28
N MET D 285 12.15 -9.91 -32.72
CA MET D 285 12.16 -9.67 -31.27
C MET D 285 11.18 -10.57 -30.54
N LYS D 286 10.44 -11.37 -31.31
CA LYS D 286 9.45 -12.30 -30.77
C LYS D 286 9.94 -12.97 -29.48
N GLY D 287 9.09 -12.97 -28.45
CA GLY D 287 9.47 -13.57 -27.19
C GLY D 287 10.21 -12.63 -26.26
N ILE D 288 11.03 -11.74 -26.83
CA ILE D 288 11.77 -10.80 -26.02
C ILE D 288 11.03 -9.47 -25.98
N LEU D 289 10.83 -8.84 -27.13
CA LEU D 289 10.09 -7.58 -27.17
C LEU D 289 8.65 -7.86 -27.55
N GLY D 290 7.72 -7.24 -26.83
CA GLY D 290 6.30 -7.39 -27.10
C GLY D 290 5.67 -6.03 -26.96
N TYR D 291 4.40 -5.89 -27.33
CA TYR D 291 3.77 -4.60 -27.20
C TYR D 291 2.29 -4.73 -26.93
N THR D 292 1.66 -3.63 -26.56
CA THR D 292 0.24 -3.58 -26.27
C THR D 292 -0.35 -2.27 -26.75
N ASP D 293 -1.62 -2.27 -27.16
CA ASP D 293 -2.24 -1.03 -27.55
C ASP D 293 -3.52 -0.85 -26.76
N GLU D 294 -3.65 -1.61 -25.69
CA GLU D 294 -4.80 -1.54 -24.79
C GLU D 294 -4.48 -0.62 -23.61
N GLU D 295 -5.49 -0.31 -22.79
CA GLU D 295 -5.29 0.57 -21.63
C GLU D 295 -4.80 -0.19 -20.41
N LEU D 296 -3.56 -0.66 -20.47
CA LEU D 296 -3.00 -1.46 -19.39
C LEU D 296 -2.34 -0.73 -18.21
N VAL D 297 -2.33 -1.41 -17.06
CA VAL D 297 -1.72 -0.92 -15.82
C VAL D 297 -0.80 -2.04 -15.34
N SER D 298 0.13 -1.73 -14.45
CA SER D 298 1.09 -2.73 -14.00
C SER D 298 0.56 -4.12 -13.67
N ALA D 299 -0.57 -4.20 -12.97
CA ALA D 299 -1.10 -5.50 -12.59
C ALA D 299 -1.30 -6.40 -13.80
N ASP D 300 -1.50 -5.79 -14.96
CA ASP D 300 -1.76 -6.55 -16.16
C ASP D 300 -0.52 -7.15 -16.81
N PHE D 301 0.64 -6.88 -16.24
CA PHE D 301 1.87 -7.40 -16.79
C PHE D 301 2.44 -8.49 -15.87
N ILE D 302 1.74 -8.75 -14.76
CA ILE D 302 2.17 -9.78 -13.84
C ILE D 302 2.18 -11.13 -14.55
N ASN D 303 3.36 -11.76 -14.55
CA ASN D 303 3.59 -13.05 -15.17
C ASN D 303 3.83 -12.98 -16.68
N ASP D 304 3.99 -11.78 -17.21
CA ASP D 304 4.30 -11.67 -18.62
C ASP D 304 5.77 -12.08 -18.67
N ASN D 305 6.17 -12.89 -19.66
CA ASN D 305 7.57 -13.29 -19.68
C ASN D 305 8.46 -12.70 -20.75
N ARG D 306 8.03 -11.59 -21.33
CA ARG D 306 8.85 -10.91 -22.33
C ARG D 306 9.73 -9.99 -21.50
N SER D 307 10.84 -9.53 -22.09
CA SER D 307 11.77 -8.66 -21.40
C SER D 307 11.33 -7.21 -21.45
N SER D 308 10.47 -6.92 -22.40
CA SER D 308 10.01 -5.56 -22.61
C SER D 308 8.66 -5.61 -23.34
N ILE D 309 7.65 -4.95 -22.75
CA ILE D 309 6.32 -4.89 -23.34
C ILE D 309 6.01 -3.43 -23.67
N TYR D 310 6.30 -3.02 -24.90
CA TYR D 310 6.06 -1.66 -25.38
C TYR D 310 4.58 -1.20 -25.24
N ASP D 311 4.38 -0.01 -24.71
CA ASP D 311 3.04 0.55 -24.50
C ASP D 311 2.69 1.50 -25.65
N SER D 312 2.10 0.97 -26.71
CA SER D 312 1.75 1.77 -27.88
C SER D 312 0.89 3.02 -27.59
N LYS D 313 -0.20 2.84 -26.85
CA LYS D 313 -1.09 3.96 -26.52
C LYS D 313 -0.38 5.03 -25.68
N ALA D 314 0.25 4.63 -24.59
CA ALA D 314 0.93 5.55 -23.71
C ALA D 314 2.02 6.33 -24.44
N THR D 315 2.58 5.73 -25.48
CA THR D 315 3.65 6.37 -26.26
C THR D 315 3.07 7.36 -27.29
N LEU D 316 2.23 6.85 -28.18
CA LEU D 316 1.62 7.69 -29.22
C LEU D 316 0.89 8.90 -28.68
N GLN D 317 0.30 8.76 -27.51
CA GLN D 317 -0.45 9.87 -26.92
C GLN D 317 0.35 10.90 -26.13
N ASN D 318 1.60 10.60 -25.82
CA ASN D 318 2.39 11.52 -25.03
C ASN D 318 3.68 12.07 -25.63
N ASN D 319 3.71 12.19 -26.95
CA ASN D 319 4.86 12.77 -27.64
C ASN D 319 4.41 14.06 -28.29
N LEU D 320 5.36 14.94 -28.62
CA LEU D 320 5.04 16.21 -29.25
C LEU D 320 4.52 15.99 -30.67
N PRO D 321 3.34 16.52 -30.99
CA PRO D 321 2.83 16.30 -32.34
C PRO D 321 3.79 16.81 -33.42
N LYS D 322 3.96 16.02 -34.49
CA LYS D 322 4.84 16.36 -35.62
C LYS D 322 6.34 16.43 -35.30
N GLU D 323 6.72 16.02 -34.10
CA GLU D 323 8.13 16.05 -33.71
C GLU D 323 8.93 15.10 -34.60
N ARG D 324 10.21 15.40 -34.78
CA ARG D 324 11.05 14.55 -35.61
C ARG D 324 12.27 13.96 -34.91
N ARG D 325 12.70 14.57 -33.80
CA ARG D 325 13.88 14.10 -33.08
C ARG D 325 13.73 13.70 -31.61
N PHE D 326 13.06 14.53 -30.81
CA PHE D 326 12.89 14.30 -29.37
C PHE D 326 11.69 13.39 -29.11
N PHE D 327 11.94 12.21 -28.54
CA PHE D 327 10.87 11.26 -28.28
C PHE D 327 10.88 10.52 -26.95
N LYS D 328 9.69 10.08 -26.54
CA LYS D 328 9.50 9.31 -25.32
C LYS D 328 8.93 7.94 -25.68
N ILE D 329 9.48 6.89 -25.08
CA ILE D 329 9.00 5.53 -25.30
C ILE D 329 8.70 4.91 -23.93
N VAL D 330 7.51 4.32 -23.77
CA VAL D 330 7.12 3.69 -22.52
C VAL D 330 7.03 2.18 -22.69
N SER D 331 7.79 1.44 -21.89
CA SER D 331 7.81 -0.02 -21.98
C SER D 331 7.70 -0.73 -20.63
N TRP D 332 6.83 -1.73 -20.52
CA TRP D 332 6.65 -2.44 -19.26
C TRP D 332 7.44 -3.75 -19.16
N TYR D 333 7.52 -4.28 -17.94
CA TYR D 333 8.19 -5.56 -17.67
C TYR D 333 7.98 -6.09 -16.26
N ASP D 334 7.66 -7.38 -16.14
CA ASP D 334 7.49 -7.99 -14.83
C ASP D 334 8.95 -8.16 -14.44
N ASN D 335 9.48 -7.19 -13.69
CA ASN D 335 10.88 -7.22 -13.31
C ASN D 335 11.36 -8.53 -12.72
N GLU D 336 10.44 -9.37 -12.29
CA GLU D 336 10.84 -10.65 -11.73
C GLU D 336 10.70 -11.77 -12.76
N TRP D 337 9.51 -11.87 -13.35
CA TRP D 337 9.22 -12.92 -14.32
C TRP D 337 9.97 -12.88 -15.64
N GLY D 338 9.97 -11.74 -16.32
CA GLY D 338 10.65 -11.65 -17.58
C GLY D 338 12.11 -12.05 -17.46
N TYR D 339 12.82 -11.34 -16.60
CA TYR D 339 14.22 -11.62 -16.38
C TYR D 339 14.48 -13.09 -16.08
N SER D 340 13.69 -13.69 -15.18
CA SER D 340 13.85 -15.11 -14.81
C SER D 340 13.84 -15.98 -16.04
N HIS D 341 12.85 -15.75 -16.90
CA HIS D 341 12.74 -16.50 -18.13
C HIS D 341 13.96 -16.25 -19.01
N ARG D 342 14.46 -15.02 -19.04
CA ARG D 342 15.64 -14.71 -19.84
C ARG D 342 16.85 -15.50 -19.37
N VAL D 343 16.96 -15.68 -18.06
CA VAL D 343 18.07 -16.42 -17.49
C VAL D 343 18.05 -17.84 -18.04
N VAL D 344 16.87 -18.43 -18.09
CA VAL D 344 16.72 -19.78 -18.62
C VAL D 344 17.09 -19.69 -20.10
N ASP D 345 16.62 -18.63 -20.75
CA ASP D 345 16.90 -18.43 -22.16
C ASP D 345 18.40 -18.40 -22.48
N LEU D 346 19.15 -17.62 -21.71
CA LEU D 346 20.59 -17.50 -21.90
C LEU D 346 21.28 -18.85 -21.72
N VAL D 347 20.87 -19.59 -20.69
CA VAL D 347 21.43 -20.90 -20.41
C VAL D 347 21.09 -21.86 -21.54
N ARG D 348 19.81 -21.90 -21.94
CA ARG D 348 19.43 -22.80 -23.03
C ARG D 348 20.26 -22.46 -24.26
N HIS D 349 20.36 -21.18 -24.58
CA HIS D 349 21.15 -20.74 -25.72
C HIS D 349 22.58 -21.28 -25.61
N MET D 350 23.29 -20.83 -24.58
CA MET D 350 24.66 -21.27 -24.33
C MET D 350 24.82 -22.77 -24.57
N ALA D 351 23.96 -23.55 -23.93
CA ALA D 351 24.02 -24.99 -24.08
C ALA D 351 24.15 -25.34 -25.56
N SER D 352 23.07 -25.17 -26.32
CA SER D 352 23.05 -25.49 -27.75
C SER D 352 24.33 -25.08 -28.45
N LYS D 353 24.79 -23.87 -28.17
CA LYS D 353 26.01 -23.35 -28.78
C LYS D 353 27.18 -24.22 -28.36
N ASP D 354 27.32 -24.45 -27.06
CA ASP D 354 28.40 -25.27 -26.52
C ASP D 354 28.37 -26.67 -27.10
N ARG D 355 27.17 -27.16 -27.42
CA ARG D 355 27.02 -28.50 -27.99
C ARG D 355 27.61 -28.56 -29.39
N SER D 356 27.35 -27.54 -30.21
CA SER D 356 27.85 -27.50 -31.58
C SER D 356 29.35 -27.15 -31.68
N ALA D 357 29.84 -26.34 -30.75
CA ALA D 357 31.24 -25.94 -30.74
C ALA D 357 32.07 -27.08 -30.18
N ARG D 358 31.46 -27.91 -29.33
CA ARG D 358 32.13 -29.05 -28.73
C ARG D 358 31.85 -30.30 -29.56
N LEU D 359 30.71 -30.30 -30.26
CA LEU D 359 30.31 -31.44 -31.09
C LEU D 359 29.98 -31.00 -32.52
#